data_4AU2
#
_entry.id   4AU2
#
_cell.length_a   46.498
_cell.length_b   92.784
_cell.length_c   100.458
_cell.angle_alpha   95.24
_cell.angle_beta   98.95
_cell.angle_gamma   96.73
#
_symmetry.space_group_name_H-M   'P 1'
#
loop_
_entity.id
_entity.type
_entity.pdbx_description
1 polymer 'SERPIN PEPTIDASE INHIBITOR, CLADE H (HEAT SHOCK PROTEIN 47), MEMBER 1, (COLLAGEN BINDING PROTEIN 1)'
2 polymer '15ER COLLAGEN MODEL PEPTIDE 15-R8'
3 water water
#
loop_
_entity_poly.entity_id
_entity_poly.type
_entity_poly.pdbx_seq_one_letter_code
_entity_poly.pdbx_strand_id
1 'polypeptide(L)'
;MLSPKAATLAERSAGLAFSLYQAMAKDQAVENILLSPVVVASSLGLVSLGGKATTASQAKAVLSAEQLRDEEVHAGLGEL
LRSLSNSTARNVTWKLGSRLYGPSSVSFAEDFVRSSKQHYNCEHSKINFRDKRSALQSINEWAAQTTDGKLPEVTKDVER
TDGALLVNAMFFKPHWDEKFHHKMVDNRGFMVTRSYTVGVTMMHRTGLYNYYDDEKEKLQIVEMPLAHKLSSLIILMPHH
VEPLERLEKLLTKEQLKIWMGKMQKKAVAISLPKGVVEVTHDLQKHLAGLGLTEAIDKNKADLSRMSGKKDLYLASVFHA
TAFEWDTEGNPFDQDIYGREELRSPKLFYADHPFIFLVRDTQSGSLLFIGRLVRPKGDKMRDELLEHHHHHH
;
A,B,C,D
2 'polypeptide(L)' (ACE)PPGPPGPRGPPGPP(NH2) E,F,G,H,I,J
#
# COMPACT_ATOMS: atom_id res chain seq x y z
N MET A 1 -4.31 32.36 56.54
CA MET A 1 -5.23 31.88 57.58
C MET A 1 -6.17 32.98 58.08
N LEU A 2 -7.48 32.76 57.84
CA LEU A 2 -8.53 33.68 58.26
C LEU A 2 -8.69 33.72 59.75
N SER A 3 -8.92 34.90 60.26
CA SER A 3 -9.21 35.05 61.67
C SER A 3 -10.69 34.61 61.89
N PRO A 4 -11.12 34.30 63.15
CA PRO A 4 -12.51 33.87 63.38
C PRO A 4 -13.58 34.73 62.73
N LYS A 5 -13.51 36.07 62.92
CA LYS A 5 -14.46 37.03 62.30
C LYS A 5 -14.55 36.81 60.81
N ALA A 6 -13.36 36.74 60.14
CA ALA A 6 -13.26 36.65 58.68
C ALA A 6 -13.77 35.31 58.16
N ALA A 7 -13.48 34.21 58.91
CA ALA A 7 -13.91 32.84 58.59
C ALA A 7 -15.44 32.78 58.54
N THR A 8 -16.19 33.23 59.62
CA THR A 8 -17.67 33.29 59.58
C THR A 8 -18.18 34.24 58.51
N LEU A 9 -17.59 35.42 58.37
CA LEU A 9 -18.01 36.29 57.25
C LEU A 9 -17.81 35.65 55.86
N ALA A 10 -16.74 34.83 55.68
CA ALA A 10 -16.46 34.11 54.42
C ALA A 10 -17.55 33.08 54.11
N GLU A 11 -17.97 32.36 55.12
CA GLU A 11 -19.02 31.35 55.05
C GLU A 11 -20.36 32.05 54.74
N ARG A 12 -20.62 33.21 55.39
CA ARG A 12 -21.83 34.00 55.18
C ARG A 12 -21.88 34.55 53.76
N SER A 13 -20.75 35.12 53.27
CA SER A 13 -20.62 35.66 51.90
C SER A 13 -20.86 34.58 50.86
N ALA A 14 -20.42 33.32 51.16
CA ALA A 14 -20.58 32.20 50.23
C ALA A 14 -22.08 31.83 50.12
N GLY A 15 -22.77 31.70 51.28
CA GLY A 15 -24.20 31.44 51.36
C GLY A 15 -24.96 32.45 50.50
N LEU A 16 -24.64 33.73 50.67
CA LEU A 16 -25.24 34.82 49.91
C LEU A 16 -25.00 34.66 48.41
N ALA A 17 -23.77 34.31 48.02
CA ALA A 17 -23.34 34.13 46.62
C ALA A 17 -24.14 33.01 45.92
N PHE A 18 -24.43 31.92 46.67
CA PHE A 18 -25.19 30.81 46.17
C PHE A 18 -26.60 31.30 45.94
N SER A 19 -27.16 32.02 46.92
CA SER A 19 -28.52 32.58 46.87
C SER A 19 -28.64 33.54 45.71
N LEU A 20 -27.66 34.43 45.52
CA LEU A 20 -27.65 35.42 44.42
C LEU A 20 -27.55 34.68 43.11
N TYR A 21 -26.64 33.68 42.98
CA TYR A 21 -26.47 32.92 41.74
C TYR A 21 -27.82 32.29 41.37
N GLN A 22 -28.45 31.59 42.33
CA GLN A 22 -29.73 30.94 42.13
C GLN A 22 -30.82 31.94 41.68
N ALA A 23 -30.88 33.13 42.30
CA ALA A 23 -31.89 34.16 41.97
C ALA A 23 -31.73 34.63 40.54
N MET A 24 -30.48 34.96 40.18
CA MET A 24 -30.06 35.44 38.86
C MET A 24 -30.22 34.37 37.79
N ALA A 25 -30.02 33.07 38.13
CA ALA A 25 -30.15 31.95 37.21
C ALA A 25 -31.63 31.69 36.86
N LYS A 26 -32.55 32.12 37.75
CA LYS A 26 -34.00 32.01 37.53
C LYS A 26 -34.44 33.09 36.54
N ASP A 27 -33.73 34.23 36.53
CA ASP A 27 -34.00 35.36 35.66
C ASP A 27 -33.58 35.04 34.23
N GLN A 28 -34.61 34.95 33.34
CA GLN A 28 -34.50 34.67 31.91
C GLN A 28 -33.70 35.74 31.14
N ALA A 29 -33.59 36.95 31.73
CA ALA A 29 -32.82 38.05 31.13
C ALA A 29 -31.30 37.96 31.49
N VAL A 30 -30.89 36.95 32.28
CA VAL A 30 -29.49 36.76 32.67
C VAL A 30 -28.82 35.66 31.83
N GLU A 31 -27.67 35.97 31.21
CA GLU A 31 -26.91 35.00 30.42
C GLU A 31 -25.74 34.53 31.23
N ASN A 32 -24.53 35.09 31.02
CA ASN A 32 -23.35 34.70 31.80
C ASN A 32 -23.44 35.29 33.19
N ILE A 33 -22.93 34.56 34.19
CA ILE A 33 -22.89 34.96 35.58
C ILE A 33 -21.47 34.98 36.06
N LEU A 34 -21.07 36.05 36.78
CA LEU A 34 -19.76 36.17 37.41
C LEU A 34 -19.90 36.88 38.72
N LEU A 35 -19.76 36.12 39.82
CA LEU A 35 -19.90 36.69 41.15
C LEU A 35 -18.73 36.42 42.05
N SER A 36 -18.21 37.49 42.69
CA SER A 36 -17.18 37.37 43.72
C SER A 36 -17.89 37.57 45.06
N PRO A 37 -18.02 36.48 45.85
CA PRO A 37 -18.75 36.57 47.14
C PRO A 37 -18.32 37.69 48.10
N VAL A 38 -17.02 37.84 48.27
CA VAL A 38 -16.45 38.85 49.17
C VAL A 38 -16.79 40.25 48.68
N VAL A 39 -16.69 40.49 47.34
CA VAL A 39 -17.00 41.79 46.77
C VAL A 39 -18.51 42.09 46.92
N VAL A 40 -19.38 41.08 46.70
CA VAL A 40 -20.81 41.26 46.91
C VAL A 40 -21.10 41.68 48.37
N ALA A 41 -20.47 40.98 49.31
CA ALA A 41 -20.62 41.20 50.75
C ALA A 41 -20.12 42.61 51.13
N SER A 42 -19.01 43.07 50.52
CA SER A 42 -18.47 44.40 50.78
C SER A 42 -19.44 45.52 50.35
N SER A 43 -20.33 45.22 49.39
CA SER A 43 -21.33 46.19 48.90
C SER A 43 -22.37 46.40 50.03
N LEU A 44 -22.73 45.30 50.69
CA LEU A 44 -23.64 45.32 51.83
C LEU A 44 -23.02 46.03 53.03
N GLY A 45 -21.70 45.81 53.24
CA GLY A 45 -20.88 46.46 54.25
C GLY A 45 -20.85 47.97 54.05
N LEU A 46 -20.73 48.46 52.80
CA LEU A 46 -20.76 49.92 52.56
C LEU A 46 -22.12 50.52 52.82
N VAL A 47 -23.20 49.82 52.44
CA VAL A 47 -24.56 50.29 52.73
C VAL A 47 -24.76 50.42 54.27
N SER A 48 -24.26 49.43 55.04
CA SER A 48 -24.36 49.43 56.49
C SER A 48 -23.51 50.58 57.04
N LEU A 49 -22.31 50.79 56.51
CA LEU A 49 -21.42 51.85 56.96
C LEU A 49 -22.02 53.25 56.69
N GLY A 50 -22.70 53.43 55.56
CA GLY A 50 -23.28 54.73 55.18
C GLY A 50 -24.74 54.91 55.52
N GLY A 51 -25.35 53.88 56.08
CA GLY A 51 -26.77 53.90 56.39
C GLY A 51 -27.12 54.02 57.85
N LYS A 52 -28.38 54.29 58.13
CA LYS A 52 -28.92 54.38 59.48
C LYS A 52 -30.16 53.49 59.56
N ALA A 53 -30.52 53.09 60.81
CA ALA A 53 -31.69 52.31 61.13
C ALA A 53 -31.88 51.08 60.22
N THR A 54 -33.09 50.91 59.65
CA THR A 54 -33.49 49.77 58.84
C THR A 54 -32.74 49.67 57.50
N THR A 55 -32.33 50.81 56.88
CA THR A 55 -31.53 50.79 55.64
C THR A 55 -30.25 49.99 55.93
N ALA A 56 -29.55 50.32 57.05
CA ALA A 56 -28.30 49.65 57.43
C ALA A 56 -28.51 48.25 57.95
N SER A 57 -29.53 48.04 58.81
CA SER A 57 -29.81 46.74 59.43
C SER A 57 -30.23 45.66 58.42
N GLN A 58 -30.93 46.05 57.33
CA GLN A 58 -31.31 45.14 56.25
C GLN A 58 -30.07 44.66 55.47
N ALA A 59 -29.06 45.54 55.32
CA ALA A 59 -27.81 45.23 54.62
C ALA A 59 -27.06 44.11 55.40
N LYS A 60 -27.04 44.21 56.72
CA LYS A 60 -26.43 43.21 57.58
C LYS A 60 -27.25 41.91 57.52
N ALA A 61 -28.59 42.04 57.42
CA ALA A 61 -29.51 40.90 57.36
C ALA A 61 -29.36 40.10 56.07
N VAL A 62 -29.23 40.77 54.92
CA VAL A 62 -29.02 40.11 53.62
C VAL A 62 -27.72 39.24 53.65
N LEU A 63 -26.70 39.70 54.41
CA LEU A 63 -25.41 39.02 54.58
C LEU A 63 -25.47 38.02 55.78
N SER A 64 -26.64 37.92 56.47
CA SER A 64 -26.86 37.06 57.65
C SER A 64 -25.82 37.41 58.72
N ALA A 65 -25.56 38.71 58.87
CA ALA A 65 -24.60 39.30 59.81
C ALA A 65 -25.28 40.25 60.83
N GLU A 66 -26.64 40.24 60.91
CA GLU A 66 -27.38 41.11 61.85
C GLU A 66 -27.00 40.95 63.29
N GLN A 67 -26.60 39.71 63.71
CA GLN A 67 -26.18 39.42 65.11
C GLN A 67 -24.68 39.69 65.40
N LEU A 68 -23.97 40.26 64.41
CA LEU A 68 -22.59 40.70 64.53
C LEU A 68 -22.54 42.21 64.72
N ARG A 69 -21.52 42.71 65.44
CA ARG A 69 -21.27 44.13 65.66
C ARG A 69 -20.79 44.74 64.36
N ASP A 70 -21.11 46.03 64.13
CA ASP A 70 -20.68 46.75 62.92
C ASP A 70 -19.17 46.67 62.68
N GLU A 71 -18.38 46.84 63.75
CA GLU A 71 -16.91 46.77 63.75
C GLU A 71 -16.42 45.39 63.27
N GLU A 72 -17.08 44.29 63.71
CA GLU A 72 -16.76 42.91 63.33
C GLU A 72 -16.99 42.70 61.82
N VAL A 73 -18.07 43.30 61.28
CA VAL A 73 -18.41 43.18 59.85
C VAL A 73 -17.40 43.97 59.00
N HIS A 74 -17.10 45.21 59.41
CA HIS A 74 -16.14 46.04 58.67
C HIS A 74 -14.72 45.49 58.67
N ALA A 75 -14.26 44.99 59.82
CA ALA A 75 -12.93 44.38 59.98
C ALA A 75 -12.85 43.04 59.28
N GLY A 76 -13.89 42.23 59.41
CA GLY A 76 -13.96 40.91 58.77
C GLY A 76 -13.95 41.02 57.25
N LEU A 77 -14.78 41.93 56.72
CA LEU A 77 -14.81 42.14 55.30
C LEU A 77 -13.52 42.76 54.74
N GLY A 78 -12.90 43.66 55.51
CA GLY A 78 -11.62 44.25 55.14
C GLY A 78 -10.54 43.20 54.96
N GLU A 79 -10.38 42.33 55.98
CA GLU A 79 -9.46 41.20 55.99
C GLU A 79 -9.69 40.30 54.79
N LEU A 80 -10.95 39.98 54.46
CA LEU A 80 -11.29 39.13 53.31
C LEU A 80 -10.96 39.80 52.01
N LEU A 81 -11.31 41.11 51.88
CA LEU A 81 -10.97 41.88 50.67
C LEU A 81 -9.49 41.86 50.42
N ARG A 82 -8.66 42.20 51.42
CA ARG A 82 -7.19 42.12 51.31
C ARG A 82 -6.70 40.69 50.95
N SER A 83 -7.32 39.63 51.50
CA SER A 83 -6.94 38.23 51.16
C SER A 83 -7.13 37.92 49.67
N LEU A 84 -7.97 38.68 48.97
CA LEU A 84 -8.20 38.46 47.52
C LEU A 84 -7.03 38.87 46.70
N SER A 85 -6.19 39.75 47.26
CA SER A 85 -5.05 40.28 46.52
C SER A 85 -3.71 39.97 47.19
N ASN A 86 -3.45 38.68 47.50
CA ASN A 86 -2.19 38.29 48.15
C ASN A 86 -1.62 36.96 47.67
N VAL A 92 -0.80 40.39 41.66
CA VAL A 92 -0.21 40.04 40.36
C VAL A 92 -1.18 40.24 39.19
N THR A 93 -2.26 39.44 39.14
CA THR A 93 -3.22 39.48 38.04
C THR A 93 -4.56 40.04 38.49
N TRP A 94 -5.03 39.65 39.70
CA TRP A 94 -6.27 40.12 40.30
C TRP A 94 -6.31 41.63 40.42
N LYS A 95 -7.43 42.21 39.99
CA LYS A 95 -7.59 43.65 40.05
C LYS A 95 -8.97 43.99 40.54
N LEU A 96 -9.04 44.85 41.58
CA LEU A 96 -10.31 45.29 42.15
C LEU A 96 -10.33 46.82 42.41
N GLY A 97 -11.49 47.42 42.17
CA GLY A 97 -11.76 48.82 42.42
C GLY A 97 -13.21 48.98 42.82
N SER A 98 -13.43 49.85 43.80
CA SER A 98 -14.74 50.18 44.32
C SER A 98 -14.90 51.69 44.36
N ARG A 99 -15.98 52.19 43.74
CA ARG A 99 -16.20 53.63 43.66
C ARG A 99 -17.67 53.95 43.82
N LEU A 100 -17.97 54.91 44.70
CA LEU A 100 -19.32 55.41 44.95
C LEU A 100 -19.49 56.66 44.13
N TYR A 101 -20.49 56.68 43.25
CA TYR A 101 -20.80 57.85 42.43
C TYR A 101 -22.10 58.40 42.94
N GLY A 102 -22.11 59.70 43.18
CA GLY A 102 -23.25 60.44 43.66
C GLY A 102 -23.50 61.61 42.73
N PRO A 103 -24.77 62.09 42.65
CA PRO A 103 -25.04 63.25 41.80
C PRO A 103 -24.25 64.48 42.28
N SER A 104 -24.01 65.45 41.38
CA SER A 104 -23.27 66.68 41.65
C SER A 104 -23.88 67.48 42.82
N SER A 105 -25.22 67.38 43.02
CA SER A 105 -25.99 68.01 44.09
C SER A 105 -25.76 67.39 45.49
N VAL A 106 -24.90 66.33 45.58
CA VAL A 106 -24.58 65.65 46.84
C VAL A 106 -23.14 65.93 47.33
N SER A 107 -22.88 65.77 48.63
CA SER A 107 -21.57 65.94 49.25
C SER A 107 -21.34 64.81 50.24
N PHE A 108 -20.28 64.02 50.05
CA PHE A 108 -19.97 62.90 50.93
C PHE A 108 -19.34 63.36 52.22
N ALA A 109 -19.81 62.80 53.36
CA ALA A 109 -19.33 63.08 54.70
C ALA A 109 -17.90 62.56 54.89
N GLU A 110 -17.07 63.38 55.56
CA GLU A 110 -15.67 63.16 55.87
C GLU A 110 -15.44 61.85 56.59
N ASP A 111 -16.24 61.57 57.64
CA ASP A 111 -16.14 60.36 58.45
C ASP A 111 -16.37 59.10 57.62
N PHE A 112 -17.42 59.12 56.74
CA PHE A 112 -17.76 58.00 55.85
C PHE A 112 -16.65 57.78 54.82
N VAL A 113 -16.17 58.87 54.18
CA VAL A 113 -15.07 58.81 53.20
C VAL A 113 -13.83 58.11 53.81
N ARG A 114 -13.45 58.53 55.02
CA ARG A 114 -12.31 58.01 55.78
C ARG A 114 -12.45 56.52 56.06
N SER A 115 -13.55 56.14 56.68
CA SER A 115 -13.79 54.75 57.06
C SER A 115 -14.05 53.82 55.85
N SER A 116 -14.75 54.30 54.80
CA SER A 116 -15.02 53.52 53.57
C SER A 116 -13.70 53.26 52.83
N LYS A 117 -12.75 54.21 52.91
CA LYS A 117 -11.42 54.06 52.36
C LYS A 117 -10.63 53.04 53.19
N GLN A 118 -10.65 53.21 54.53
CA GLN A 118 -9.95 52.33 55.47
C GLN A 118 -10.35 50.85 55.39
N HIS A 119 -11.66 50.57 55.44
CA HIS A 119 -12.13 49.18 55.41
C HIS A 119 -12.38 48.62 54.06
N TYR A 120 -12.91 49.42 53.14
CA TYR A 120 -13.33 48.91 51.84
C TYR A 120 -12.53 49.35 50.66
N ASN A 121 -11.57 50.26 50.87
CA ASN A 121 -10.78 50.87 49.80
C ASN A 121 -11.70 51.56 48.81
N CYS A 122 -12.81 52.12 49.31
CA CYS A 122 -13.83 52.80 48.50
C CYS A 122 -13.36 54.14 48.07
N GLU A 123 -13.65 54.47 46.81
CA GLU A 123 -13.38 55.76 46.20
C GLU A 123 -14.74 56.49 46.08
N HIS A 124 -14.70 57.82 46.00
CA HIS A 124 -15.93 58.61 45.92
C HIS A 124 -15.78 59.65 44.85
N SER A 125 -16.84 59.82 44.07
CA SER A 125 -16.87 60.76 42.95
C SER A 125 -18.24 61.43 42.79
N LYS A 126 -18.23 62.71 42.41
CA LYS A 126 -19.43 63.49 42.11
C LYS A 126 -19.56 63.43 40.59
N ILE A 127 -20.79 63.18 40.10
CA ILE A 127 -21.04 63.01 38.67
C ILE A 127 -22.34 63.71 38.16
N ASN A 128 -22.29 64.38 36.98
CA ASN A 128 -23.49 65.00 36.40
C ASN A 128 -24.19 63.96 35.54
N PHE A 129 -25.20 63.31 36.15
CA PHE A 129 -26.00 62.23 35.56
C PHE A 129 -26.93 62.74 34.47
N ARG A 130 -27.22 64.05 34.46
CA ARG A 130 -28.05 64.70 33.44
C ARG A 130 -27.31 64.60 32.07
N ASP A 131 -25.95 64.72 32.06
CA ASP A 131 -25.13 64.52 30.87
C ASP A 131 -24.69 63.08 30.88
N LYS A 132 -25.50 62.25 30.23
CA LYS A 132 -25.39 60.81 30.18
C LYS A 132 -24.11 60.22 29.58
N ARG A 133 -23.65 60.80 28.47
CA ARG A 133 -22.44 60.35 27.77
C ARG A 133 -21.18 60.56 28.62
N SER A 134 -21.03 61.76 29.24
CA SER A 134 -19.91 62.11 30.10
C SER A 134 -19.91 61.29 31.37
N ALA A 135 -21.09 60.93 31.89
CA ALA A 135 -21.19 60.11 33.09
C ALA A 135 -20.75 58.71 32.79
N LEU A 136 -21.21 58.12 31.64
CA LEU A 136 -20.82 56.77 31.19
C LEU A 136 -19.33 56.73 30.90
N GLN A 137 -18.81 57.79 30.30
CA GLN A 137 -17.40 57.98 29.96
C GLN A 137 -16.52 57.90 31.19
N SER A 138 -16.90 58.58 32.28
CA SER A 138 -16.16 58.57 33.55
C SER A 138 -16.13 57.18 34.19
N ILE A 139 -17.29 56.55 34.31
CA ILE A 139 -17.44 55.21 34.93
C ILE A 139 -16.62 54.15 34.16
N ASN A 140 -16.79 54.06 32.85
CA ASN A 140 -16.08 53.10 31.99
C ASN A 140 -14.57 53.36 31.93
N GLU A 141 -14.12 54.63 31.91
CA GLU A 141 -12.69 54.95 31.93
C GLU A 141 -12.09 54.56 33.29
N TRP A 142 -12.82 54.81 34.41
CA TRP A 142 -12.36 54.44 35.76
C TRP A 142 -12.23 52.90 35.87
N ALA A 143 -13.26 52.18 35.38
CA ALA A 143 -13.29 50.70 35.35
C ALA A 143 -12.14 50.14 34.48
N ALA A 144 -11.83 50.79 33.34
CA ALA A 144 -10.78 50.45 32.37
C ALA A 144 -9.41 50.60 33.00
N GLN A 145 -9.12 51.74 33.67
CA GLN A 145 -7.85 51.93 34.33
C GLN A 145 -7.60 50.97 35.50
N THR A 146 -8.67 50.67 36.28
CA THR A 146 -8.66 49.76 37.42
C THR A 146 -8.21 48.36 36.98
N THR A 147 -8.69 47.92 35.81
CA THR A 147 -8.45 46.59 35.26
C THR A 147 -7.42 46.60 34.12
N ASP A 148 -6.70 47.72 33.93
CA ASP A 148 -5.70 47.93 32.87
C ASP A 148 -6.22 47.56 31.48
N GLY A 149 -7.44 48.01 31.18
CA GLY A 149 -8.10 47.84 29.90
C GLY A 149 -8.85 46.53 29.71
N LYS A 150 -8.77 45.61 30.69
CA LYS A 150 -9.43 44.31 30.60
C LYS A 150 -10.94 44.45 30.68
N LEU A 151 -11.42 45.44 31.44
CA LEU A 151 -12.84 45.75 31.56
C LEU A 151 -13.07 47.20 31.09
N PRO A 152 -13.19 47.44 29.77
CA PRO A 152 -13.31 48.84 29.30
C PRO A 152 -14.70 49.50 29.43
N GLU A 153 -15.73 48.71 29.70
CA GLU A 153 -17.11 49.20 29.82
C GLU A 153 -17.83 48.48 30.95
N VAL A 154 -18.57 49.23 31.78
CA VAL A 154 -19.37 48.71 32.89
C VAL A 154 -20.83 48.65 32.41
N THR A 155 -21.42 49.79 32.07
CA THR A 155 -22.83 49.89 31.65
C THR A 155 -22.98 50.80 30.44
N LYS A 156 -24.04 50.56 29.66
CA LYS A 156 -24.39 51.30 28.46
C LYS A 156 -25.47 52.33 28.76
N ASP A 157 -25.97 52.35 30.03
CA ASP A 157 -27.00 53.29 30.48
C ASP A 157 -27.02 53.51 32.00
N VAL A 158 -27.32 54.76 32.40
CA VAL A 158 -27.58 55.21 33.78
C VAL A 158 -29.02 55.79 33.71
N GLU A 159 -30.01 54.93 33.99
CA GLU A 159 -31.45 55.22 33.81
C GLU A 159 -32.03 56.29 34.76
N ARG A 160 -31.39 56.48 35.93
CA ARG A 160 -31.86 57.40 36.98
C ARG A 160 -30.78 58.40 37.41
N THR A 161 -31.13 59.68 37.34
CA THR A 161 -30.28 60.83 37.67
C THR A 161 -30.10 61.12 39.17
N ASP A 162 -30.99 60.59 40.03
CA ASP A 162 -31.12 60.98 41.42
C ASP A 162 -30.55 60.14 42.55
N GLY A 163 -30.01 58.97 42.22
CA GLY A 163 -29.46 58.10 43.25
C GLY A 163 -27.96 57.89 43.23
N ALA A 164 -27.50 57.02 44.16
CA ALA A 164 -26.10 56.68 44.27
C ALA A 164 -25.84 55.44 43.43
N LEU A 165 -24.66 55.40 42.81
CA LEU A 165 -24.19 54.32 41.95
C LEU A 165 -22.95 53.67 42.59
N LEU A 166 -23.08 52.40 43.14
CA LEU A 166 -21.93 51.62 43.67
C LEU A 166 -21.35 50.74 42.56
N VAL A 167 -20.05 50.95 42.25
CA VAL A 167 -19.36 50.31 41.11
C VAL A 167 -18.14 49.49 41.58
N ASN A 168 -18.16 48.19 41.26
CA ASN A 168 -17.12 47.21 41.55
C ASN A 168 -16.64 46.70 40.23
N ALA A 169 -15.40 46.99 39.94
CA ALA A 169 -14.77 46.63 38.66
C ALA A 169 -13.67 45.66 38.92
N MET A 170 -13.69 44.50 38.27
CA MET A 170 -12.71 43.45 38.53
C MET A 170 -12.09 42.75 37.36
N PHE A 171 -10.84 42.30 37.53
CA PHE A 171 -10.15 41.46 36.57
C PHE A 171 -9.62 40.21 37.31
N PHE A 172 -10.02 39.00 36.84
CA PHE A 172 -9.51 37.76 37.40
C PHE A 172 -9.01 36.83 36.30
N LYS A 173 -7.82 36.31 36.49
CA LYS A 173 -7.20 35.38 35.53
C LYS A 173 -6.63 34.17 36.29
N PRO A 174 -7.35 33.02 36.29
CA PRO A 174 -6.81 31.84 36.96
C PRO A 174 -5.51 31.37 36.29
N HIS A 175 -4.50 31.08 37.13
CA HIS A 175 -3.15 30.64 36.76
C HIS A 175 -3.08 29.20 37.09
N TRP A 176 -3.09 28.34 36.07
CA TRP A 176 -3.10 26.89 36.26
C TRP A 176 -1.83 26.42 36.94
N ASP A 177 -1.96 25.38 37.80
CA ASP A 177 -0.79 24.78 38.45
C ASP A 177 0.05 24.07 37.37
N GLU A 178 -0.62 23.59 36.32
CA GLU A 178 0.01 22.95 35.17
C GLU A 178 -0.54 23.66 33.94
N LYS A 179 0.29 24.50 33.34
CA LYS A 179 -0.06 25.34 32.20
C LYS A 179 -0.46 24.57 30.95
N PHE A 180 -1.28 25.22 30.11
CA PHE A 180 -1.62 24.69 28.81
C PHE A 180 -0.48 25.13 27.88
N HIS A 181 -0.17 24.33 26.88
CA HIS A 181 0.88 24.67 25.93
C HIS A 181 0.32 25.81 25.03
N HIS A 182 1.10 26.90 24.83
CA HIS A 182 0.68 28.07 24.04
C HIS A 182 0.24 27.75 22.60
N LYS A 183 0.67 26.61 22.07
CA LYS A 183 0.30 26.16 20.73
C LYS A 183 -0.87 25.17 20.72
N MET A 184 -1.32 24.69 21.89
CA MET A 184 -2.49 23.79 21.98
C MET A 184 -3.80 24.62 21.99
N VAL A 185 -3.91 25.52 20.98
CA VAL A 185 -5.00 26.48 20.80
C VAL A 185 -5.46 26.43 19.35
N ASP A 186 -6.79 26.35 19.14
CA ASP A 186 -7.37 26.31 17.80
C ASP A 186 -8.79 26.79 17.82
N ASN A 187 -9.42 26.87 16.65
CA ASN A 187 -10.78 27.33 16.48
C ASN A 187 -11.77 26.20 16.50
N ARG A 188 -12.79 26.35 17.33
CA ARG A 188 -13.84 25.36 17.52
C ARG A 188 -15.20 26.06 17.57
N GLY A 189 -16.27 25.29 17.43
CA GLY A 189 -17.62 25.81 17.58
C GLY A 189 -18.12 25.57 19.00
N PHE A 190 -18.66 26.63 19.66
CA PHE A 190 -19.27 26.52 20.99
C PHE A 190 -20.79 26.47 20.79
N MET A 191 -21.43 25.40 21.27
CA MET A 191 -22.87 25.24 21.14
C MET A 191 -23.60 25.93 22.29
N VAL A 192 -24.17 27.11 22.00
CA VAL A 192 -24.94 27.91 22.97
C VAL A 192 -26.24 27.14 23.22
N THR A 193 -26.85 26.62 22.15
CA THR A 193 -28.03 25.75 22.15
C THR A 193 -27.77 24.65 21.11
N ARG A 194 -28.74 23.73 20.93
CA ARG A 194 -28.65 22.65 19.95
C ARG A 194 -28.67 23.21 18.51
N SER A 195 -29.25 24.42 18.34
CA SER A 195 -29.44 25.11 17.06
C SER A 195 -28.58 26.36 16.84
N TYR A 196 -27.86 26.84 17.87
CA TYR A 196 -27.02 28.03 17.78
C TYR A 196 -25.57 27.79 18.22
N THR A 197 -24.63 27.92 17.27
CA THR A 197 -23.21 27.70 17.46
C THR A 197 -22.42 28.99 17.21
N VAL A 198 -21.51 29.30 18.13
CA VAL A 198 -20.64 30.47 18.05
C VAL A 198 -19.16 30.03 17.89
N GLY A 199 -18.46 30.71 16.98
CA GLY A 199 -17.05 30.46 16.71
C GLY A 199 -16.18 30.92 17.85
N VAL A 200 -15.48 29.98 18.49
CA VAL A 200 -14.62 30.29 19.64
C VAL A 200 -13.21 29.75 19.45
N THR A 201 -12.29 30.24 20.26
CA THR A 201 -10.93 29.75 20.36
C THR A 201 -10.92 28.82 21.58
N MET A 202 -10.37 27.62 21.44
CA MET A 202 -10.29 26.68 22.56
C MET A 202 -8.86 26.29 22.86
N MET A 203 -8.55 26.06 24.14
CA MET A 203 -7.23 25.61 24.61
C MET A 203 -7.41 24.18 25.11
N HIS A 204 -6.40 23.33 24.88
CA HIS A 204 -6.49 21.91 25.19
C HIS A 204 -5.31 21.41 25.98
N ARG A 205 -5.58 20.53 26.95
CA ARG A 205 -4.52 19.92 27.74
C ARG A 205 -4.98 18.59 28.29
N THR A 206 -4.06 17.63 28.37
CA THR A 206 -4.31 16.33 28.98
C THR A 206 -3.41 16.21 30.19
N GLY A 207 -4.00 15.86 31.31
CA GLY A 207 -3.28 15.69 32.56
C GLY A 207 -4.02 14.79 33.52
N LEU A 208 -3.51 14.71 34.73
CA LEU A 208 -4.12 13.95 35.80
C LEU A 208 -4.92 14.95 36.61
N TYR A 209 -6.25 14.80 36.58
CA TYR A 209 -7.16 15.70 37.27
C TYR A 209 -8.19 14.96 38.08
N ASN A 210 -8.58 15.57 39.23
CA ASN A 210 -9.64 15.09 40.09
C ASN A 210 -10.91 15.20 39.27
N TYR A 211 -11.58 14.07 39.07
CA TYR A 211 -12.70 13.99 38.15
C TYR A 211 -13.75 13.04 38.66
N TYR A 212 -14.99 13.31 38.28
CA TYR A 212 -16.15 12.48 38.56
C TYR A 212 -17.20 12.68 37.46
N ASP A 213 -17.68 11.55 36.92
CA ASP A 213 -18.69 11.51 35.88
C ASP A 213 -19.94 10.89 36.51
N ASP A 214 -20.96 11.72 36.81
CA ASP A 214 -22.23 11.29 37.40
C ASP A 214 -23.16 10.80 36.28
N GLU A 215 -23.16 9.49 36.01
CA GLU A 215 -23.97 8.88 34.96
C GLU A 215 -25.48 8.96 35.23
N LYS A 216 -25.86 9.05 36.53
CA LYS A 216 -27.25 9.15 36.98
C LYS A 216 -27.82 10.54 36.63
N GLU A 217 -27.11 11.61 37.01
CA GLU A 217 -27.54 13.00 36.79
C GLU A 217 -27.01 13.61 35.48
N LYS A 218 -26.36 12.78 34.64
CA LYS A 218 -25.80 13.10 33.32
C LYS A 218 -24.93 14.36 33.30
N LEU A 219 -23.89 14.36 34.15
CA LEU A 219 -22.94 15.47 34.28
C LEU A 219 -21.52 15.01 34.58
N GLN A 220 -20.56 15.90 34.32
CA GLN A 220 -19.15 15.69 34.63
C GLN A 220 -18.67 16.84 35.50
N ILE A 221 -17.79 16.53 36.44
CA ILE A 221 -17.19 17.51 37.33
C ILE A 221 -15.68 17.32 37.33
N VAL A 222 -14.94 18.39 37.10
CA VAL A 222 -13.49 18.36 37.09
C VAL A 222 -12.95 19.47 38.00
N GLU A 223 -11.83 19.18 38.67
CA GLU A 223 -11.12 20.12 39.54
C GLU A 223 -9.81 20.49 38.88
N MET A 224 -9.58 21.79 38.68
CA MET A 224 -8.34 22.25 38.07
C MET A 224 -7.54 23.07 39.09
N PRO A 225 -6.47 22.51 39.67
CA PRO A 225 -5.70 23.27 40.66
C PRO A 225 -5.03 24.49 40.05
N LEU A 226 -5.08 25.59 40.81
CA LEU A 226 -4.45 26.84 40.40
C LEU A 226 -3.03 26.84 40.99
N ALA A 227 -2.18 27.81 40.64
CA ALA A 227 -0.78 27.86 41.05
C ALA A 227 -0.47 27.53 42.51
N HIS A 228 0.49 26.59 42.71
CA HIS A 228 0.98 26.09 43.99
C HIS A 228 -0.09 25.44 44.86
N LYS A 229 -1.19 25.00 44.20
CA LYS A 229 -2.35 24.32 44.80
C LYS A 229 -3.00 25.13 45.94
N LEU A 230 -2.86 26.48 45.88
CA LEU A 230 -3.41 27.41 46.86
C LEU A 230 -4.91 27.57 46.69
N SER A 231 -5.40 27.37 45.46
CA SER A 231 -6.81 27.42 45.10
C SER A 231 -7.10 26.44 43.94
N SER A 232 -8.38 26.22 43.63
CA SER A 232 -8.79 25.37 42.52
C SER A 232 -10.02 25.91 41.79
N LEU A 233 -10.07 25.67 40.48
CA LEU A 233 -11.19 26.06 39.65
C LEU A 233 -11.92 24.76 39.38
N ILE A 234 -13.20 24.70 39.77
CA ILE A 234 -14.04 23.52 39.59
C ILE A 234 -15.07 23.77 38.51
N ILE A 235 -15.22 22.85 37.53
CA ILE A 235 -16.18 23.00 36.43
C ILE A 235 -17.24 21.88 36.43
N LEU A 236 -18.53 22.26 36.39
CA LEU A 236 -19.69 21.37 36.33
C LEU A 236 -20.35 21.56 34.98
N MET A 237 -20.50 20.46 34.24
CA MET A 237 -21.07 20.53 32.90
C MET A 237 -21.95 19.33 32.60
N PRO A 238 -23.16 19.51 32.00
CA PRO A 238 -23.98 18.34 31.61
C PRO A 238 -23.31 17.54 30.49
N HIS A 239 -23.69 16.27 30.31
CA HIS A 239 -23.13 15.43 29.24
C HIS A 239 -23.28 16.07 27.85
N HIS A 240 -24.49 16.57 27.51
CA HIS A 240 -24.71 17.25 26.23
C HIS A 240 -25.30 18.65 26.37
N VAL A 241 -25.46 19.40 25.24
CA VAL A 241 -26.00 20.75 25.23
C VAL A 241 -27.42 20.75 25.75
N GLU A 242 -27.67 21.51 26.81
CA GLU A 242 -28.98 21.70 27.46
C GLU A 242 -28.90 22.95 28.32
N PRO A 243 -30.03 23.64 28.61
CA PRO A 243 -29.95 24.82 29.49
C PRO A 243 -29.48 24.39 30.88
N LEU A 244 -28.76 25.29 31.59
CA LEU A 244 -28.20 25.00 32.91
C LEU A 244 -29.17 24.82 34.08
N GLU A 245 -30.46 25.20 33.87
CA GLU A 245 -31.53 25.12 34.87
C GLU A 245 -31.59 23.77 35.61
N ARG A 246 -31.43 22.65 34.91
CA ARG A 246 -31.49 21.32 35.51
C ARG A 246 -30.34 21.09 36.49
N LEU A 247 -29.10 21.40 36.06
CA LEU A 247 -27.89 21.27 36.87
C LEU A 247 -27.95 22.22 38.08
N GLU A 248 -28.51 23.44 37.89
CA GLU A 248 -28.65 24.47 38.92
C GLU A 248 -29.53 24.04 40.09
N LYS A 249 -30.50 23.16 39.84
CA LYS A 249 -31.37 22.58 40.86
C LYS A 249 -30.53 21.69 41.79
N LEU A 250 -29.57 20.97 41.20
CA LEU A 250 -28.66 20.08 41.92
C LEU A 250 -27.56 20.88 42.64
N LEU A 251 -27.23 22.09 42.15
CA LEU A 251 -26.17 22.90 42.73
C LEU A 251 -26.50 23.49 44.11
N THR A 252 -25.97 22.83 45.16
CA THR A 252 -26.08 23.26 46.56
C THR A 252 -24.71 23.03 47.19
N LYS A 253 -24.44 23.67 48.34
CA LYS A 253 -23.19 23.53 49.10
C LYS A 253 -22.96 22.06 49.47
N GLU A 254 -24.03 21.35 49.83
CA GLU A 254 -24.06 19.95 50.25
C GLU A 254 -23.76 19.00 49.09
N GLN A 255 -24.42 19.21 47.92
CA GLN A 255 -24.24 18.37 46.74
C GLN A 255 -22.83 18.51 46.17
N LEU A 256 -22.23 19.70 46.38
CA LEU A 256 -20.87 19.96 45.93
C LEU A 256 -19.89 19.12 46.73
N LYS A 257 -20.08 19.04 48.06
CA LYS A 257 -19.27 18.22 48.98
C LYS A 257 -19.30 16.74 48.59
N ILE A 258 -20.51 16.22 48.24
CA ILE A 258 -20.73 14.82 47.80
C ILE A 258 -19.91 14.56 46.53
N TRP A 259 -20.05 15.44 45.52
CA TRP A 259 -19.34 15.37 44.25
C TRP A 259 -17.81 15.38 44.46
N MET A 260 -17.30 16.32 45.29
CA MET A 260 -15.87 16.49 45.62
C MET A 260 -15.27 15.21 46.21
N GLY A 261 -16.02 14.57 47.11
CA GLY A 261 -15.63 13.32 47.76
C GLY A 261 -15.62 12.14 46.82
N LYS A 262 -16.55 12.15 45.83
CA LYS A 262 -16.67 11.09 44.84
C LYS A 262 -15.59 11.20 43.73
N MET A 263 -14.93 12.38 43.63
CA MET A 263 -13.88 12.63 42.63
C MET A 263 -12.61 11.83 42.92
N GLN A 264 -11.92 11.43 41.84
CA GLN A 264 -10.64 10.70 41.87
C GLN A 264 -9.73 11.17 40.74
N LYS A 265 -8.40 11.12 40.95
CA LYS A 265 -7.42 11.55 39.96
C LYS A 265 -7.43 10.62 38.75
N LYS A 266 -7.77 11.16 37.57
CA LYS A 266 -7.85 10.41 36.31
C LYS A 266 -7.26 11.21 35.14
N ALA A 267 -6.90 10.51 34.03
CA ALA A 267 -6.41 11.15 32.81
C ALA A 267 -7.59 11.84 32.16
N VAL A 268 -7.55 13.18 32.12
CA VAL A 268 -8.63 13.98 31.56
C VAL A 268 -8.06 14.92 30.50
N ALA A 269 -8.67 14.91 29.30
CA ALA A 269 -8.31 15.82 28.20
C ALA A 269 -9.32 16.96 28.33
N ILE A 270 -8.85 18.08 28.90
CA ILE A 270 -9.69 19.24 29.13
C ILE A 270 -9.58 20.18 27.95
N SER A 271 -10.71 20.54 27.37
CA SER A 271 -10.79 21.52 26.29
C SER A 271 -11.68 22.64 26.80
N LEU A 272 -11.15 23.87 26.79
CA LEU A 272 -11.85 25.04 27.32
C LEU A 272 -11.83 26.21 26.37
N PRO A 273 -12.92 27.01 26.31
CA PRO A 273 -12.86 28.24 25.49
C PRO A 273 -11.80 29.18 26.06
N LYS A 274 -11.03 29.83 25.20
CA LYS A 274 -9.93 30.72 25.56
C LYS A 274 -10.37 32.13 25.22
N GLY A 275 -10.24 33.02 26.19
CA GLY A 275 -10.59 34.42 26.01
C GLY A 275 -11.07 35.07 27.28
N VAL A 276 -11.42 36.34 27.15
CA VAL A 276 -11.90 37.16 28.25
C VAL A 276 -13.43 37.17 28.21
N VAL A 277 -14.05 36.81 29.32
CA VAL A 277 -15.51 36.85 29.47
C VAL A 277 -15.78 38.10 30.32
N GLU A 278 -16.52 39.07 29.75
CA GLU A 278 -16.91 40.33 30.38
C GLU A 278 -18.37 40.28 30.81
N VAL A 279 -18.63 40.41 32.10
CA VAL A 279 -19.99 40.35 32.65
C VAL A 279 -20.20 41.53 33.59
N THR A 280 -21.31 42.23 33.40
CA THR A 280 -21.69 43.29 34.28
C THR A 280 -23.07 42.97 34.81
N HIS A 281 -23.20 42.90 36.13
CA HIS A 281 -24.49 42.68 36.75
C HIS A 281 -24.81 43.96 37.50
N ASP A 282 -26.08 44.32 37.48
CA ASP A 282 -26.54 45.37 38.35
C ASP A 282 -27.33 44.56 39.35
N LEU A 283 -26.76 44.38 40.54
CA LEU A 283 -27.32 43.53 41.60
C LEU A 283 -28.36 44.19 42.42
N GLN A 284 -28.61 45.47 42.14
CA GLN A 284 -29.60 46.21 42.92
C GLN A 284 -30.93 45.41 43.11
N LYS A 285 -31.56 44.95 41.99
CA LYS A 285 -32.83 44.24 42.13
C LYS A 285 -32.72 42.90 42.86
N HIS A 286 -31.60 42.19 42.61
CA HIS A 286 -31.40 40.88 43.23
C HIS A 286 -31.15 40.97 44.73
N LEU A 287 -30.42 42.00 45.18
CA LEU A 287 -30.20 42.27 46.59
C LEU A 287 -31.48 42.74 47.21
N ALA A 288 -32.23 43.62 46.51
CA ALA A 288 -33.57 44.01 47.00
C ALA A 288 -34.43 42.78 47.23
N GLY A 289 -34.44 41.84 46.28
CA GLY A 289 -35.24 40.62 46.38
C GLY A 289 -34.83 39.75 47.56
N LEU A 290 -33.55 39.88 48.00
CA LEU A 290 -33.01 39.13 49.12
C LEU A 290 -33.23 39.81 50.47
N GLY A 291 -33.78 41.04 50.47
CA GLY A 291 -34.08 41.80 51.67
C GLY A 291 -33.58 43.23 51.76
N LEU A 292 -32.79 43.71 50.76
CA LEU A 292 -32.26 45.08 50.78
C LEU A 292 -33.26 46.05 50.12
N THR A 293 -34.41 46.29 50.79
CA THR A 293 -35.54 47.05 50.25
C THR A 293 -35.51 48.55 50.51
N GLU A 294 -35.16 48.97 51.75
CA GLU A 294 -35.09 50.39 52.12
C GLU A 294 -34.03 51.18 51.35
N ALA A 295 -32.79 50.63 51.22
CA ALA A 295 -31.67 51.29 50.54
C ALA A 295 -31.94 51.72 49.07
N ILE A 296 -32.77 50.97 48.34
CA ILE A 296 -33.06 51.20 46.93
C ILE A 296 -34.29 52.07 46.68
N ASP A 297 -35.10 52.29 47.74
CA ASP A 297 -36.32 53.09 47.67
C ASP A 297 -36.02 54.53 47.99
N LYS A 298 -36.21 55.44 47.00
CA LYS A 298 -35.98 56.88 47.16
C LYS A 298 -36.71 57.50 48.38
N ASN A 299 -37.97 57.11 48.61
CA ASN A 299 -38.81 57.62 49.70
C ASN A 299 -38.52 57.01 51.07
N LYS A 300 -37.81 55.88 51.13
CA LYS A 300 -37.53 55.17 52.37
C LYS A 300 -36.07 55.15 52.81
N ALA A 301 -35.11 55.16 51.86
CA ALA A 301 -33.67 55.08 52.13
C ALA A 301 -33.15 56.12 53.08
N ASP A 302 -32.29 55.68 54.00
CA ASP A 302 -31.59 56.56 54.93
C ASP A 302 -30.10 56.27 54.79
N LEU A 303 -29.43 57.04 53.91
CA LEU A 303 -27.99 56.93 53.70
C LEU A 303 -27.30 58.20 54.22
N SER A 304 -27.86 58.79 55.32
CA SER A 304 -27.37 60.00 55.97
C SER A 304 -25.95 59.99 56.47
N ARG A 305 -25.35 58.82 56.70
CA ARG A 305 -23.95 58.73 57.11
C ARG A 305 -23.01 58.97 55.91
N MET A 306 -23.47 58.70 54.66
CA MET A 306 -22.68 58.90 53.44
C MET A 306 -22.69 60.39 53.08
N SER A 307 -23.87 61.00 53.07
CA SER A 307 -24.13 62.36 52.59
C SER A 307 -24.59 63.45 53.58
N GLY A 308 -24.68 63.12 54.87
CA GLY A 308 -25.12 64.06 55.92
C GLY A 308 -26.63 64.13 56.08
N LYS A 309 -27.38 63.79 55.01
CA LYS A 309 -28.85 63.78 54.97
C LYS A 309 -29.44 62.65 54.09
N LYS A 310 -30.81 62.59 54.04
CA LYS A 310 -31.62 61.60 53.30
C LYS A 310 -31.91 62.03 51.84
N ASP A 311 -30.88 62.53 51.15
CA ASP A 311 -30.97 62.97 49.74
C ASP A 311 -30.61 61.83 48.76
N LEU A 312 -30.07 60.74 49.31
CA LEU A 312 -29.54 59.63 48.55
C LEU A 312 -30.20 58.30 48.82
N TYR A 313 -30.31 57.51 47.76
CA TYR A 313 -30.78 56.13 47.75
C TYR A 313 -29.85 55.40 46.78
N LEU A 314 -29.80 54.08 46.88
CA LEU A 314 -28.97 53.24 46.06
C LEU A 314 -29.71 52.89 44.76
N ALA A 315 -29.31 53.56 43.66
CA ALA A 315 -29.87 53.36 42.33
C ALA A 315 -29.37 52.07 41.65
N SER A 316 -28.06 51.76 41.78
CA SER A 316 -27.46 50.58 41.16
C SER A 316 -26.26 50.09 41.97
N VAL A 317 -25.95 48.80 41.81
CA VAL A 317 -24.80 48.11 42.42
C VAL A 317 -24.10 47.31 41.33
N PHE A 318 -23.18 47.98 40.65
CA PHE A 318 -22.47 47.36 39.54
C PHE A 318 -21.39 46.40 39.97
N HIS A 319 -21.55 45.12 39.63
CA HIS A 319 -20.57 44.05 39.90
C HIS A 319 -20.09 43.65 38.51
N ALA A 320 -18.97 44.25 38.07
CA ALA A 320 -18.46 44.06 36.73
C ALA A 320 -17.09 43.31 36.73
N THR A 321 -16.99 42.25 35.92
CA THR A 321 -15.83 41.38 35.91
C THR A 321 -15.40 41.04 34.52
N ALA A 322 -14.07 40.99 34.33
CA ALA A 322 -13.43 40.51 33.13
C ALA A 322 -12.69 39.26 33.65
N PHE A 323 -13.23 38.07 33.30
CA PHE A 323 -12.65 36.80 33.71
C PHE A 323 -11.91 36.25 32.52
N GLU A 324 -10.58 36.06 32.64
CA GLU A 324 -9.81 35.58 31.52
C GLU A 324 -9.40 34.12 31.59
N TRP A 325 -9.81 33.34 30.59
CA TRP A 325 -9.45 31.94 30.41
C TRP A 325 -8.24 31.97 29.45
N ASP A 326 -7.04 31.72 29.99
CA ASP A 326 -5.81 31.75 29.21
C ASP A 326 -5.02 30.47 29.45
N THR A 327 -4.00 30.21 28.61
CA THR A 327 -3.17 29.02 28.67
C THR A 327 -2.15 29.06 29.80
N GLU A 328 -1.70 30.28 30.14
CA GLU A 328 -0.69 30.54 31.17
C GLU A 328 -0.92 29.94 32.55
N GLY A 329 0.14 29.35 33.06
CA GLY A 329 0.18 28.70 34.36
C GLY A 329 1.61 28.39 34.72
N ASN A 330 1.83 27.58 35.77
CA ASN A 330 3.18 27.22 36.18
C ASN A 330 3.87 26.33 35.15
N PRO A 331 5.19 26.60 34.88
CA PRO A 331 5.92 25.81 33.85
C PRO A 331 6.21 24.36 34.22
N PHE A 332 5.17 23.66 34.68
CA PHE A 332 5.23 22.26 35.05
C PHE A 332 4.41 21.52 33.97
N ASP A 333 5.00 20.44 33.41
CA ASP A 333 4.48 19.61 32.31
C ASP A 333 4.26 20.40 31.01
N LEU A 342 -2.61 7.90 31.30
CA LEU A 342 -2.74 9.02 30.36
C LEU A 342 -3.04 8.61 28.91
N ARG A 343 -2.89 7.29 28.61
CA ARG A 343 -3.07 6.66 27.30
C ARG A 343 -4.44 6.92 26.65
N SER A 344 -5.53 6.67 27.40
CA SER A 344 -6.88 6.90 26.92
C SER A 344 -7.63 7.82 27.89
N PRO A 345 -7.47 9.15 27.73
CA PRO A 345 -8.12 10.08 28.67
C PRO A 345 -9.62 10.22 28.46
N LYS A 346 -10.30 10.66 29.52
CA LYS A 346 -11.72 10.97 29.48
C LYS A 346 -11.77 12.38 28.91
N LEU A 347 -12.76 12.69 28.06
CA LEU A 347 -12.86 14.04 27.52
C LEU A 347 -13.72 14.91 28.41
N PHE A 348 -13.26 16.15 28.66
CA PHE A 348 -14.00 17.20 29.32
C PHE A 348 -13.96 18.34 28.29
N TYR A 349 -14.81 18.19 27.27
CA TYR A 349 -14.92 19.06 26.10
C TYR A 349 -15.99 20.12 26.34
N ALA A 350 -15.55 21.28 26.87
CA ALA A 350 -16.43 22.39 27.26
C ALA A 350 -16.86 23.27 26.09
N ASP A 351 -17.60 22.67 25.12
CA ASP A 351 -18.13 23.36 23.95
C ASP A 351 -19.64 23.62 24.09
N HIS A 352 -20.14 23.64 25.34
CA HIS A 352 -21.52 23.91 25.67
C HIS A 352 -21.59 24.54 27.10
N PRO A 353 -22.72 25.20 27.50
CA PRO A 353 -22.75 25.90 28.80
C PRO A 353 -22.35 25.08 30.02
N PHE A 354 -21.58 25.72 30.93
CA PHE A 354 -21.08 25.09 32.14
C PHE A 354 -21.07 26.08 33.33
N ILE A 355 -20.99 25.51 34.54
CA ILE A 355 -20.90 26.22 35.81
C ILE A 355 -19.48 26.04 36.31
N PHE A 356 -18.94 27.06 36.97
CA PHE A 356 -17.62 27.05 37.54
C PHE A 356 -17.58 27.83 38.87
N LEU A 357 -16.66 27.40 39.72
CA LEU A 357 -16.39 27.97 41.04
C LEU A 357 -14.90 28.02 41.20
N VAL A 358 -14.41 29.03 41.94
CA VAL A 358 -12.98 29.19 42.25
C VAL A 358 -12.95 29.17 43.75
N ARG A 359 -12.22 28.20 44.31
CA ARG A 359 -12.18 27.97 45.76
C ARG A 359 -10.78 27.97 46.32
N ASP A 360 -10.56 28.70 47.45
CA ASP A 360 -9.28 28.72 48.16
C ASP A 360 -9.11 27.35 48.82
N THR A 361 -7.96 26.70 48.63
CA THR A 361 -7.70 25.36 49.19
C THR A 361 -7.65 25.33 50.72
N GLN A 362 -6.88 26.26 51.35
CA GLN A 362 -6.72 26.33 52.80
C GLN A 362 -8.04 26.61 53.54
N SER A 363 -8.66 27.78 53.28
CA SER A 363 -9.88 28.24 53.94
C SER A 363 -11.19 27.63 53.42
N GLY A 364 -11.24 27.25 52.13
CA GLY A 364 -12.44 26.74 51.49
C GLY A 364 -13.33 27.86 51.01
N SER A 365 -12.85 29.11 51.19
CA SER A 365 -13.54 30.34 50.81
C SER A 365 -13.71 30.43 49.28
N LEU A 366 -14.92 30.83 48.85
CA LEU A 366 -15.32 30.94 47.47
C LEU A 366 -14.86 32.27 46.95
N LEU A 367 -13.98 32.27 45.93
CA LEU A 367 -13.47 33.48 45.33
C LEU A 367 -14.43 33.89 44.26
N PHE A 368 -15.02 32.88 43.58
CA PHE A 368 -15.92 33.07 42.46
C PHE A 368 -16.88 31.95 42.28
N ILE A 369 -18.06 32.31 41.80
CA ILE A 369 -19.11 31.41 41.34
C ILE A 369 -19.65 32.04 40.05
N GLY A 370 -19.85 31.23 39.03
CA GLY A 370 -20.37 31.72 37.77
C GLY A 370 -20.77 30.65 36.79
N ARG A 371 -21.11 31.08 35.58
CA ARG A 371 -21.51 30.19 34.50
C ARG A 371 -21.20 30.83 33.15
N LEU A 372 -20.79 29.99 32.17
CA LEU A 372 -20.53 30.46 30.82
C LEU A 372 -21.61 29.84 29.94
N VAL A 373 -22.55 30.67 29.51
CA VAL A 373 -23.68 30.28 28.66
C VAL A 373 -23.44 30.78 27.22
N ARG A 374 -22.86 31.98 27.06
CA ARG A 374 -22.59 32.55 25.74
C ARG A 374 -21.25 33.31 25.70
N PRO A 375 -20.17 32.71 25.13
CA PRO A 375 -18.92 33.47 24.98
C PRO A 375 -18.97 34.46 23.80
N LYS A 376 -17.94 35.32 23.67
CA LYS A 376 -17.81 36.31 22.58
C LYS A 376 -17.53 35.59 21.28
N GLY A 377 -17.99 36.16 20.18
CA GLY A 377 -17.74 35.57 18.87
C GLY A 377 -18.94 35.63 17.97
N ASP A 378 -18.73 35.27 16.71
CA ASP A 378 -19.77 35.31 15.69
C ASP A 378 -20.52 33.99 15.57
N LYS A 379 -21.81 34.06 15.22
CA LYS A 379 -22.72 32.94 15.00
C LYS A 379 -22.33 32.17 13.71
N MET A 380 -22.18 30.84 13.81
CA MET A 380 -21.82 29.98 12.67
C MET A 380 -22.90 28.94 12.36
N LEU B 2 -5.67 16.49 -24.91
CA LEU B 2 -4.94 17.74 -25.09
C LEU B 2 -5.10 18.31 -26.49
N SER B 3 -4.88 17.49 -27.54
CA SER B 3 -4.96 17.88 -28.96
C SER B 3 -6.41 18.14 -29.39
N PRO B 4 -6.68 18.92 -30.47
CA PRO B 4 -8.08 19.20 -30.87
C PRO B 4 -8.99 17.96 -30.93
N LYS B 5 -8.54 16.88 -31.59
CA LYS B 5 -9.29 15.61 -31.70
C LYS B 5 -9.64 15.04 -30.32
N ALA B 6 -8.63 14.91 -29.44
CA ALA B 6 -8.79 14.37 -28.08
C ALA B 6 -9.78 15.19 -27.24
N ALA B 7 -9.62 16.53 -27.18
CA ALA B 7 -10.48 17.45 -26.44
C ALA B 7 -11.94 17.41 -26.92
N THR B 8 -12.15 17.31 -28.25
CA THR B 8 -13.48 17.23 -28.85
C THR B 8 -14.14 15.87 -28.57
N LEU B 9 -13.34 14.80 -28.50
CA LEU B 9 -13.81 13.46 -28.20
C LEU B 9 -14.06 13.29 -26.70
N ALA B 10 -13.34 14.09 -25.87
CA ALA B 10 -13.41 14.09 -24.41
C ALA B 10 -14.77 14.50 -23.86
N GLU B 11 -15.38 15.56 -24.43
CA GLU B 11 -16.69 16.06 -24.00
C GLU B 11 -17.78 15.00 -24.22
N ARG B 12 -17.69 14.29 -25.37
CA ARG B 12 -18.59 13.22 -25.82
C ARG B 12 -18.55 12.04 -24.86
N SER B 13 -17.32 11.55 -24.53
CA SER B 13 -17.10 10.45 -23.58
C SER B 13 -17.70 10.76 -22.19
N ALA B 14 -17.62 12.05 -21.76
CA ALA B 14 -18.15 12.55 -20.49
C ALA B 14 -19.67 12.81 -20.54
N GLY B 15 -20.22 13.05 -21.73
CA GLY B 15 -21.65 13.23 -21.93
C GLY B 15 -22.36 11.89 -21.79
N LEU B 16 -21.67 10.84 -22.24
CA LEU B 16 -22.06 9.43 -22.18
C LEU B 16 -21.92 8.91 -20.72
N ALA B 17 -21.01 9.51 -19.92
CA ALA B 17 -20.78 9.14 -18.53
C ALA B 17 -22.02 9.41 -17.69
N PHE B 18 -22.60 10.64 -17.77
CA PHE B 18 -23.82 10.99 -17.06
C PHE B 18 -24.97 10.08 -17.54
N SER B 19 -25.08 9.86 -18.87
CA SER B 19 -26.07 8.99 -19.53
C SER B 19 -26.03 7.56 -19.00
N LEU B 20 -24.82 6.95 -18.96
CA LEU B 20 -24.67 5.58 -18.51
C LEU B 20 -24.88 5.46 -17.00
N TYR B 21 -24.26 6.36 -16.18
CA TYR B 21 -24.44 6.39 -14.72
C TYR B 21 -25.94 6.41 -14.38
N GLN B 22 -26.71 7.33 -15.00
CA GLN B 22 -28.15 7.43 -14.77
C GLN B 22 -28.92 6.14 -15.05
N ALA B 23 -28.66 5.51 -16.20
CA ALA B 23 -29.31 4.26 -16.60
C ALA B 23 -29.03 3.12 -15.61
N MET B 24 -27.80 3.09 -15.08
CA MET B 24 -27.35 2.11 -14.10
C MET B 24 -27.96 2.41 -12.73
N ALA B 25 -28.03 3.71 -12.34
CA ALA B 25 -28.60 4.18 -11.06
C ALA B 25 -30.10 3.81 -10.95
N LYS B 26 -30.81 3.73 -12.09
CA LYS B 26 -32.23 3.38 -12.17
C LYS B 26 -32.46 1.88 -11.93
N ASP B 27 -31.47 1.03 -12.31
CA ASP B 27 -31.52 -0.43 -12.16
C ASP B 27 -31.43 -0.78 -10.67
N GLN B 28 -32.49 -1.42 -10.17
CA GLN B 28 -32.63 -1.82 -8.76
C GLN B 28 -31.66 -2.88 -8.26
N ALA B 29 -31.13 -3.74 -9.17
CA ALA B 29 -30.16 -4.79 -8.82
C ALA B 29 -28.77 -4.21 -8.52
N VAL B 30 -28.48 -3.01 -9.09
CA VAL B 30 -27.22 -2.30 -8.95
C VAL B 30 -27.08 -1.61 -7.58
N GLU B 31 -25.94 -1.83 -6.91
CA GLU B 31 -25.62 -1.19 -5.63
C GLU B 31 -24.53 -0.14 -5.89
N ASN B 32 -23.25 -0.52 -5.72
CA ASN B 32 -22.15 0.40 -6.00
C ASN B 32 -21.94 0.54 -7.48
N ILE B 33 -21.48 1.73 -7.91
CA ILE B 33 -21.22 2.04 -9.32
C ILE B 33 -19.78 2.52 -9.47
N LEU B 34 -19.08 2.02 -10.49
CA LEU B 34 -17.72 2.45 -10.83
C LEU B 34 -17.58 2.45 -12.35
N LEU B 35 -17.54 3.65 -12.93
CA LEU B 35 -17.44 3.78 -14.38
C LEU B 35 -16.33 4.70 -14.83
N SER B 36 -15.53 4.24 -15.80
CA SER B 36 -14.52 5.08 -16.41
C SER B 36 -15.07 5.50 -17.78
N PRO B 37 -15.48 6.78 -17.94
CA PRO B 37 -16.06 7.24 -19.21
C PRO B 37 -15.21 6.99 -20.46
N VAL B 38 -13.89 7.22 -20.37
CA VAL B 38 -12.96 7.01 -21.48
C VAL B 38 -12.94 5.53 -21.87
N VAL B 39 -12.92 4.61 -20.86
CA VAL B 39 -12.88 3.18 -21.09
C VAL B 39 -14.21 2.72 -21.72
N VAL B 40 -15.34 3.24 -21.21
CA VAL B 40 -16.65 2.93 -21.79
C VAL B 40 -16.70 3.36 -23.27
N ALA B 41 -16.22 4.59 -23.56
CA ALA B 41 -16.17 5.17 -24.90
C ALA B 41 -15.29 4.34 -25.85
N SER B 42 -14.14 3.84 -25.34
CA SER B 42 -13.21 3.01 -26.10
C SER B 42 -13.86 1.68 -26.52
N SER B 43 -14.84 1.19 -25.73
CA SER B 43 -15.57 -0.04 -26.03
C SER B 43 -16.47 0.19 -27.25
N LEU B 44 -17.09 1.39 -27.33
CA LEU B 44 -17.93 1.78 -28.45
C LEU B 44 -17.09 1.97 -29.69
N GLY B 45 -15.90 2.52 -29.51
CA GLY B 45 -14.92 2.70 -30.59
C GLY B 45 -14.49 1.37 -31.18
N LEU B 46 -14.29 0.33 -30.31
CA LEU B 46 -13.91 -1.02 -30.71
C LEU B 46 -15.01 -1.67 -31.55
N VAL B 47 -16.29 -1.44 -31.17
CA VAL B 47 -17.46 -1.92 -31.90
C VAL B 47 -17.53 -1.25 -33.28
N SER B 48 -17.26 0.07 -33.35
CA SER B 48 -17.24 0.84 -34.60
C SER B 48 -16.07 0.35 -35.45
N LEU B 49 -14.90 0.13 -34.81
CA LEU B 49 -13.69 -0.36 -35.48
C LEU B 49 -13.89 -1.78 -36.03
N GLY B 50 -14.52 -2.65 -35.25
CA GLY B 50 -14.77 -4.02 -35.64
C GLY B 50 -16.08 -4.33 -36.34
N GLY B 51 -16.95 -3.32 -36.49
CA GLY B 51 -18.26 -3.49 -37.12
C GLY B 51 -18.48 -2.81 -38.45
N LYS B 52 -19.60 -3.16 -39.11
CA LYS B 52 -20.03 -2.63 -40.40
C LYS B 52 -21.46 -2.11 -40.31
N ALA B 53 -21.84 -1.24 -41.26
CA ALA B 53 -23.18 -0.65 -41.41
C ALA B 53 -23.78 -0.14 -40.09
N THR B 54 -25.02 -0.56 -39.76
CA THR B 54 -25.76 -0.14 -38.57
C THR B 54 -25.13 -0.53 -37.23
N THR B 55 -24.46 -1.69 -37.15
CA THR B 55 -23.77 -2.13 -35.95
C THR B 55 -22.74 -1.06 -35.56
N ALA B 56 -21.92 -0.58 -36.55
CA ALA B 56 -20.88 0.44 -36.35
C ALA B 56 -21.42 1.87 -36.28
N SER B 57 -22.48 2.19 -37.06
CA SER B 57 -23.07 3.54 -37.04
C SER B 57 -23.80 3.85 -35.73
N GLN B 58 -24.38 2.81 -35.07
CA GLN B 58 -25.04 2.94 -33.76
C GLN B 58 -24.00 3.22 -32.68
N ALA B 59 -22.80 2.61 -32.80
CA ALA B 59 -21.68 2.79 -31.86
C ALA B 59 -21.22 4.24 -31.86
N LYS B 60 -21.11 4.83 -33.06
CA LYS B 60 -20.75 6.24 -33.26
C LYS B 60 -21.86 7.14 -32.73
N ALA B 61 -23.14 6.74 -32.91
CA ALA B 61 -24.32 7.46 -32.43
C ALA B 61 -24.41 7.52 -30.91
N VAL B 62 -24.15 6.39 -30.20
CA VAL B 62 -24.14 6.33 -28.73
C VAL B 62 -23.02 7.26 -28.20
N LEU B 63 -21.95 7.42 -28.99
CA LEU B 63 -20.80 8.29 -28.70
C LEU B 63 -21.05 9.75 -29.12
N SER B 64 -22.18 10.03 -29.81
CA SER B 64 -22.57 11.34 -30.40
C SER B 64 -21.48 11.79 -31.39
N ALA B 65 -20.87 10.81 -32.08
CA ALA B 65 -19.75 10.98 -32.99
C ALA B 65 -20.09 10.61 -34.44
N GLU B 66 -21.39 10.57 -34.79
CA GLU B 66 -21.92 10.26 -36.13
C GLU B 66 -21.30 11.11 -37.22
N GLN B 67 -21.15 12.42 -36.95
CA GLN B 67 -20.63 13.37 -37.92
C GLN B 67 -19.11 13.52 -37.95
N LEU B 68 -18.41 12.66 -37.21
CA LEU B 68 -16.94 12.59 -37.18
C LEU B 68 -16.47 11.41 -38.02
N ARG B 69 -15.28 11.53 -38.63
CA ARG B 69 -14.66 10.47 -39.42
C ARG B 69 -14.21 9.37 -38.47
N ASP B 70 -14.22 8.10 -38.92
CA ASP B 70 -13.79 6.94 -38.13
C ASP B 70 -12.38 7.16 -37.56
N GLU B 71 -11.45 7.65 -38.41
CA GLU B 71 -10.05 7.97 -38.07
C GLU B 71 -9.96 8.96 -36.91
N GLU B 72 -10.79 10.03 -36.93
CA GLU B 72 -10.86 11.07 -35.88
C GLU B 72 -11.30 10.49 -34.54
N VAL B 73 -12.29 9.57 -34.58
CA VAL B 73 -12.87 8.88 -33.42
C VAL B 73 -11.80 8.02 -32.76
N HIS B 74 -11.18 7.10 -33.52
CA HIS B 74 -10.15 6.17 -33.05
C HIS B 74 -8.86 6.83 -32.57
N ALA B 75 -8.42 7.92 -33.24
CA ALA B 75 -7.21 8.66 -32.88
C ALA B 75 -7.48 9.51 -31.65
N GLY B 76 -8.66 10.13 -31.63
CA GLY B 76 -9.13 10.96 -30.54
C GLY B 76 -9.33 10.20 -29.25
N LEU B 77 -9.86 8.96 -29.36
CA LEU B 77 -10.08 8.09 -28.21
C LEU B 77 -8.77 7.48 -27.76
N GLY B 78 -7.95 7.08 -28.74
CA GLY B 78 -6.62 6.52 -28.50
C GLY B 78 -5.74 7.43 -27.68
N GLU B 79 -5.72 8.75 -28.03
CA GLU B 79 -4.96 9.78 -27.32
C GLU B 79 -5.49 9.98 -25.92
N LEU B 80 -6.83 10.07 -25.78
CA LEU B 80 -7.56 10.26 -24.52
C LEU B 80 -7.22 9.16 -23.52
N LEU B 81 -7.28 7.90 -23.98
CA LEU B 81 -7.02 6.69 -23.22
C LEU B 81 -5.57 6.67 -22.70
N ARG B 82 -4.60 6.90 -23.61
CA ARG B 82 -3.17 6.95 -23.30
C ARG B 82 -2.81 8.11 -22.38
N THR B 93 -2.33 6.14 -9.17
CA THR B 93 -2.13 4.81 -9.73
C THR B 93 -3.32 4.45 -10.61
N TRP B 94 -3.02 3.87 -11.78
CA TRP B 94 -3.99 3.47 -12.78
C TRP B 94 -3.49 2.25 -13.54
N LYS B 95 -4.13 1.10 -13.31
CA LYS B 95 -3.84 -0.13 -14.04
C LYS B 95 -5.07 -0.45 -14.90
N LEU B 96 -4.85 -0.62 -16.20
CA LEU B 96 -5.93 -0.90 -17.14
C LEU B 96 -5.54 -1.96 -18.14
N GLY B 97 -6.47 -2.87 -18.39
CA GLY B 97 -6.34 -3.94 -19.36
C GLY B 97 -7.65 -4.10 -20.09
N SER B 98 -7.56 -4.26 -21.42
CA SER B 98 -8.72 -4.43 -22.29
C SER B 98 -8.49 -5.63 -23.16
N ARG B 99 -9.35 -6.63 -23.06
CA ARG B 99 -9.20 -7.86 -23.84
C ARG B 99 -10.53 -8.32 -24.40
N LEU B 100 -10.50 -8.77 -25.67
CA LEU B 100 -11.66 -9.31 -26.36
C LEU B 100 -11.51 -10.82 -26.42
N TYR B 101 -12.47 -11.53 -25.83
CA TYR B 101 -12.52 -12.98 -25.83
C TYR B 101 -13.55 -13.39 -26.85
N GLY B 102 -13.17 -14.34 -27.69
CA GLY B 102 -14.02 -14.90 -28.72
C GLY B 102 -14.07 -16.41 -28.60
N PRO B 103 -15.15 -17.08 -29.07
CA PRO B 103 -15.18 -18.56 -28.99
C PRO B 103 -14.03 -19.19 -29.78
N SER B 104 -13.63 -20.41 -29.40
CA SER B 104 -12.55 -21.16 -30.06
C SER B 104 -12.74 -21.32 -31.58
N SER B 105 -14.02 -21.37 -32.04
CA SER B 105 -14.44 -21.48 -33.43
C SER B 105 -14.23 -20.18 -34.25
N VAL B 106 -13.73 -19.10 -33.61
CA VAL B 106 -13.50 -17.79 -34.24
C VAL B 106 -12.00 -17.47 -34.44
N SER B 107 -11.70 -16.60 -35.42
CA SER B 107 -10.36 -16.13 -35.74
C SER B 107 -10.40 -14.63 -35.99
N PHE B 108 -9.61 -13.87 -35.20
CA PHE B 108 -9.55 -12.41 -35.33
C PHE B 108 -8.68 -12.00 -36.51
N ALA B 109 -9.17 -11.03 -37.32
CA ALA B 109 -8.47 -10.50 -38.49
C ALA B 109 -7.24 -9.69 -38.08
N GLU B 110 -6.15 -9.86 -38.84
CA GLU B 110 -4.84 -9.24 -38.69
C GLU B 110 -4.93 -7.71 -38.61
N ASP B 111 -5.67 -7.10 -39.56
CA ASP B 111 -5.89 -5.65 -39.69
C ASP B 111 -6.57 -5.08 -38.43
N PHE B 112 -7.63 -5.77 -37.93
CA PHE B 112 -8.35 -5.36 -36.72
C PHE B 112 -7.44 -5.48 -35.49
N VAL B 113 -6.73 -6.62 -35.34
CA VAL B 113 -5.80 -6.89 -34.22
C VAL B 113 -4.79 -5.73 -34.11
N ARG B 114 -4.16 -5.37 -35.24
CA ARG B 114 -3.18 -4.28 -35.37
C ARG B 114 -3.77 -2.93 -34.96
N SER B 115 -4.93 -2.55 -35.54
CA SER B 115 -5.60 -1.27 -35.25
C SER B 115 -6.18 -1.18 -33.83
N SER B 116 -6.82 -2.26 -33.35
CA SER B 116 -7.39 -2.33 -31.99
C SER B 116 -6.29 -2.22 -30.95
N LYS B 117 -5.09 -2.73 -31.25
CA LYS B 117 -3.91 -2.62 -30.39
C LYS B 117 -3.41 -1.17 -30.43
N GLN B 118 -3.22 -0.61 -31.66
CA GLN B 118 -2.75 0.76 -31.88
C GLN B 118 -3.62 1.84 -31.22
N HIS B 119 -4.94 1.76 -31.42
CA HIS B 119 -5.86 2.76 -30.85
C HIS B 119 -6.28 2.43 -29.41
N TYR B 120 -6.77 1.21 -29.19
CA TYR B 120 -7.37 0.83 -27.90
C TYR B 120 -6.55 -0.02 -26.94
N ASN B 121 -5.30 -0.36 -27.31
CA ASN B 121 -4.39 -1.22 -26.53
C ASN B 121 -5.08 -2.54 -26.20
N CYS B 122 -6.01 -2.94 -27.10
CA CYS B 122 -6.85 -4.11 -27.01
C CYS B 122 -6.08 -5.40 -27.14
N GLU B 123 -6.44 -6.39 -26.32
CA GLU B 123 -5.83 -7.73 -26.30
C GLU B 123 -6.84 -8.72 -26.87
N HIS B 124 -6.35 -9.84 -27.41
CA HIS B 124 -7.21 -10.84 -28.03
C HIS B 124 -6.92 -12.23 -27.51
N SER B 125 -8.00 -13.04 -27.34
CA SER B 125 -7.92 -14.40 -26.82
C SER B 125 -9.07 -15.27 -27.30
N LYS B 126 -8.76 -16.56 -27.58
CA LYS B 126 -9.73 -17.57 -27.97
C LYS B 126 -10.08 -18.32 -26.68
N ILE B 127 -11.37 -18.57 -26.44
CA ILE B 127 -11.83 -19.22 -25.22
C ILE B 127 -12.91 -20.31 -25.45
N ASN B 128 -12.73 -21.45 -24.74
CA ASN B 128 -13.63 -22.60 -24.80
C ASN B 128 -14.50 -22.65 -23.55
N PHE B 129 -15.81 -22.53 -23.74
CA PHE B 129 -16.77 -22.55 -22.64
C PHE B 129 -17.23 -23.95 -22.24
N ARG B 130 -16.67 -25.01 -22.92
CA ARG B 130 -16.92 -26.43 -22.64
C ARG B 130 -16.76 -26.68 -21.13
N ASP B 131 -15.71 -26.07 -20.55
CA ASP B 131 -15.47 -26.08 -19.12
C ASP B 131 -15.66 -24.64 -18.69
N LYS B 132 -16.86 -24.30 -18.18
CA LYS B 132 -17.21 -22.96 -17.68
C LYS B 132 -16.24 -22.48 -16.59
N ARG B 133 -15.74 -23.41 -15.75
CA ARG B 133 -14.79 -23.11 -14.68
C ARG B 133 -13.45 -22.63 -15.23
N SER B 134 -12.91 -23.33 -16.26
CA SER B 134 -11.66 -22.99 -16.93
C SER B 134 -11.74 -21.68 -17.69
N ALA B 135 -12.93 -21.36 -18.26
CA ALA B 135 -13.13 -20.09 -18.98
C ALA B 135 -13.16 -18.92 -17.98
N LEU B 136 -13.85 -19.09 -16.82
CA LEU B 136 -13.91 -18.09 -15.76
C LEU B 136 -12.52 -17.90 -15.15
N GLN B 137 -11.76 -19.00 -15.00
CA GLN B 137 -10.41 -19.04 -14.47
C GLN B 137 -9.46 -18.21 -15.32
N SER B 138 -9.57 -18.30 -16.67
CA SER B 138 -8.74 -17.54 -17.61
C SER B 138 -8.98 -16.05 -17.50
N ILE B 139 -10.26 -15.63 -17.53
CA ILE B 139 -10.69 -14.24 -17.43
C ILE B 139 -10.23 -13.64 -16.10
N ASN B 140 -10.49 -14.34 -14.98
CA ASN B 140 -10.15 -13.91 -13.63
C ASN B 140 -8.64 -13.74 -13.40
N GLU B 141 -7.85 -14.74 -13.86
CA GLU B 141 -6.39 -14.74 -13.78
C GLU B 141 -5.84 -13.57 -14.58
N TRP B 142 -6.38 -13.33 -15.81
CA TRP B 142 -5.94 -12.22 -16.65
C TRP B 142 -6.20 -10.87 -15.94
N ALA B 143 -7.34 -10.74 -15.25
CA ALA B 143 -7.72 -9.52 -14.51
C ALA B 143 -6.86 -9.30 -13.26
N ALA B 144 -6.56 -10.39 -12.55
CA ALA B 144 -5.72 -10.36 -11.35
C ALA B 144 -4.30 -9.94 -11.75
N GLN B 145 -3.74 -10.44 -12.86
CA GLN B 145 -2.41 -10.02 -13.28
C GLN B 145 -2.34 -8.57 -13.75
N THR B 146 -3.38 -8.12 -14.46
CA THR B 146 -3.54 -6.76 -14.98
C THR B 146 -3.52 -5.74 -13.84
N THR B 147 -4.19 -6.10 -12.72
CA THR B 147 -4.34 -5.24 -11.54
C THR B 147 -3.44 -5.65 -10.38
N ASP B 148 -2.48 -6.57 -10.62
CA ASP B 148 -1.53 -7.11 -9.63
C ASP B 148 -2.22 -7.61 -8.35
N GLY B 149 -3.32 -8.36 -8.56
CA GLY B 149 -4.08 -8.95 -7.47
C GLY B 149 -5.13 -8.07 -6.84
N LYS B 150 -5.21 -6.79 -7.21
CA LYS B 150 -6.21 -5.86 -6.64
C LYS B 150 -7.64 -6.18 -7.09
N LEU B 151 -7.79 -6.77 -8.28
CA LEU B 151 -9.06 -7.21 -8.82
C LEU B 151 -8.89 -8.71 -9.13
N PRO B 152 -9.06 -9.61 -8.12
CA PRO B 152 -8.82 -11.04 -8.37
C PRO B 152 -9.92 -11.81 -9.10
N GLU B 153 -11.13 -11.23 -9.15
CA GLU B 153 -12.26 -11.87 -9.81
C GLU B 153 -13.07 -10.84 -10.59
N VAL B 154 -13.49 -11.20 -11.81
CA VAL B 154 -14.33 -10.34 -12.65
C VAL B 154 -15.79 -10.78 -12.47
N THR B 155 -16.11 -12.00 -12.86
CA THR B 155 -17.47 -12.54 -12.77
C THR B 155 -17.48 -13.98 -12.29
N LYS B 156 -18.60 -14.38 -11.69
CA LYS B 156 -18.84 -15.73 -11.19
C LYS B 156 -19.63 -16.56 -12.21
N ASP B 157 -20.09 -15.92 -13.31
CA ASP B 157 -20.84 -16.57 -14.39
C ASP B 157 -20.79 -15.80 -15.71
N VAL B 158 -20.80 -16.55 -16.82
CA VAL B 158 -20.87 -16.06 -18.19
C VAL B 158 -22.19 -16.60 -18.77
N GLU B 159 -23.23 -15.75 -18.75
CA GLU B 159 -24.57 -16.06 -19.22
C GLU B 159 -24.68 -16.30 -20.75
N ARG B 160 -23.79 -15.68 -21.54
CA ARG B 160 -23.75 -15.83 -23.00
C ARG B 160 -22.37 -16.35 -23.45
N THR B 161 -22.35 -17.61 -23.93
CA THR B 161 -21.14 -18.32 -24.32
C THR B 161 -20.85 -18.43 -25.84
N ASP B 162 -21.82 -17.99 -26.69
CA ASP B 162 -21.73 -17.99 -28.17
C ASP B 162 -21.28 -16.67 -28.82
N GLY B 163 -21.04 -15.64 -28.02
CA GLY B 163 -20.63 -14.35 -28.54
C GLY B 163 -19.25 -13.88 -28.12
N ALA B 164 -18.96 -12.62 -28.40
CA ALA B 164 -17.71 -11.97 -28.01
C ALA B 164 -17.86 -11.34 -26.63
N LEU B 165 -16.83 -11.48 -25.81
CA LEU B 165 -16.77 -11.00 -24.45
C LEU B 165 -15.71 -9.90 -24.39
N LEU B 166 -16.15 -8.63 -24.29
CA LEU B 166 -15.20 -7.53 -24.13
C LEU B 166 -15.00 -7.35 -22.64
N VAL B 167 -13.74 -7.51 -22.18
CA VAL B 167 -13.38 -7.45 -20.77
C VAL B 167 -12.38 -6.30 -20.43
N ASN B 168 -12.81 -5.36 -19.56
CA ASN B 168 -12.00 -4.25 -19.08
C ASN B 168 -11.78 -4.42 -17.59
N ALA B 169 -10.53 -4.59 -17.19
CA ALA B 169 -10.15 -4.78 -15.80
C ALA B 169 -9.32 -3.57 -15.35
N MET B 170 -9.77 -2.88 -14.27
CA MET B 170 -9.01 -1.74 -13.78
C MET B 170 -8.75 -1.57 -12.26
N PHE B 171 -7.59 -0.97 -11.94
CA PHE B 171 -7.24 -0.61 -10.57
C PHE B 171 -7.00 0.88 -10.54
N PHE B 172 -7.74 1.61 -9.69
CA PHE B 172 -7.54 3.03 -9.54
C PHE B 172 -7.41 3.41 -8.09
N LYS B 173 -6.36 4.16 -7.79
CA LYS B 173 -6.11 4.63 -6.43
C LYS B 173 -5.79 6.12 -6.46
N PRO B 174 -6.76 6.99 -6.11
CA PRO B 174 -6.45 8.44 -6.10
C PRO B 174 -5.40 8.75 -5.03
N HIS B 175 -4.38 9.49 -5.43
CA HIS B 175 -3.25 9.92 -4.59
C HIS B 175 -3.50 11.43 -4.32
N TRP B 176 -3.86 11.77 -3.07
CA TRP B 176 -4.23 13.12 -2.67
C TRP B 176 -3.10 14.09 -2.84
N ASP B 177 -3.42 15.34 -3.19
CA ASP B 177 -2.42 16.39 -3.25
C ASP B 177 -1.91 16.69 -1.83
N GLU B 178 -2.79 16.50 -0.82
CA GLU B 178 -2.48 16.64 0.59
C GLU B 178 -2.93 15.35 1.26
N LYS B 179 -1.95 14.52 1.63
CA LYS B 179 -2.15 13.22 2.25
C LYS B 179 -2.87 13.23 3.59
N PHE B 180 -3.54 12.12 3.89
CA PHE B 180 -4.14 11.91 5.20
C PHE B 180 -3.01 11.31 6.06
N HIS B 181 -3.02 11.58 7.37
CA HIS B 181 -2.04 11.03 8.30
C HIS B 181 -2.35 9.51 8.41
N HIS B 182 -1.32 8.64 8.30
CA HIS B 182 -1.49 7.18 8.32
C HIS B 182 -2.18 6.64 9.59
N LYS B 183 -2.13 7.41 10.68
CA LYS B 183 -2.75 7.03 11.96
C LYS B 183 -4.14 7.68 12.15
N MET B 184 -4.57 8.56 11.22
CA MET B 184 -5.91 9.17 11.28
C MET B 184 -6.95 8.21 10.65
N VAL B 185 -6.94 6.96 11.15
CA VAL B 185 -7.75 5.83 10.70
C VAL B 185 -8.34 5.13 11.93
N ASP B 186 -9.64 4.83 11.88
CA ASP B 186 -10.33 4.17 12.99
C ASP B 186 -11.58 3.50 12.49
N ASN B 187 -12.27 2.78 13.38
CA ASN B 187 -13.49 2.06 13.08
C ASN B 187 -14.71 2.90 13.36
N ARG B 188 -15.58 2.99 12.35
CA ARG B 188 -16.82 3.75 12.42
C ARG B 188 -17.92 2.94 11.78
N GLY B 189 -19.15 3.35 12.03
CA GLY B 189 -20.31 2.73 11.43
C GLY B 189 -20.72 3.47 10.18
N PHE B 190 -20.94 2.75 9.09
CA PHE B 190 -21.41 3.32 7.83
C PHE B 190 -22.89 3.00 7.74
N MET B 191 -23.72 4.04 7.63
CA MET B 191 -25.16 3.87 7.54
C MET B 191 -25.59 3.65 6.11
N VAL B 192 -25.90 2.39 5.77
CA VAL B 192 -26.36 1.99 4.42
C VAL B 192 -27.77 2.57 4.28
N THR B 193 -28.59 2.42 5.34
CA THR B 193 -29.94 2.96 5.48
C THR B 193 -30.07 3.50 6.92
N ARG B 194 -31.26 4.04 7.30
CA ARG B 194 -31.51 4.54 8.65
C ARG B 194 -31.53 3.38 9.66
N SER B 195 -31.82 2.16 9.17
CA SER B 195 -31.95 0.94 9.98
C SER B 195 -30.81 -0.09 9.81
N TYR B 196 -29.90 0.10 8.84
CA TYR B 196 -28.79 -0.83 8.59
C TYR B 196 -27.42 -0.14 8.58
N THR B 197 -26.59 -0.50 9.56
CA THR B 197 -25.23 0.04 9.75
C THR B 197 -24.19 -1.06 9.60
N VAL B 198 -23.16 -0.80 8.80
CA VAL B 198 -22.03 -1.70 8.55
C VAL B 198 -20.75 -1.12 9.18
N GLY B 199 -19.99 -1.99 9.86
CA GLY B 199 -18.72 -1.65 10.49
C GLY B 199 -17.66 -1.42 9.42
N VAL B 200 -17.13 -0.18 9.33
CA VAL B 200 -16.14 0.19 8.32
C VAL B 200 -14.94 0.86 8.97
N THR B 201 -13.88 1.02 8.17
CA THR B 201 -12.67 1.73 8.56
C THR B 201 -12.79 3.09 7.87
N MET B 202 -12.57 4.17 8.64
CA MET B 202 -12.62 5.51 8.09
C MET B 202 -11.31 6.23 8.26
N MET B 203 -10.96 7.05 7.28
CA MET B 203 -9.77 7.90 7.32
C MET B 203 -10.26 9.36 7.45
N HIS B 204 -9.50 10.21 8.18
CA HIS B 204 -9.91 11.58 8.51
C HIS B 204 -8.83 12.61 8.30
N ARG B 205 -9.20 13.79 7.80
CA ARG B 205 -8.25 14.89 7.58
C ARG B 205 -8.97 16.22 7.60
N THR B 206 -8.32 17.25 8.13
CA THR B 206 -8.83 18.62 8.10
C THR B 206 -7.87 19.47 7.24
N GLY B 207 -8.42 20.23 6.32
CA GLY B 207 -7.63 21.10 5.45
C GLY B 207 -8.53 22.06 4.70
N LEU B 208 -7.91 22.90 3.87
CA LEU B 208 -8.59 23.91 3.06
C LEU B 208 -9.04 23.27 1.76
N TYR B 209 -10.37 23.15 1.60
CA TYR B 209 -10.96 22.52 0.43
C TYR B 209 -12.07 23.35 -0.16
N ASN B 210 -12.20 23.29 -1.49
CA ASN B 210 -13.28 23.93 -2.23
C ASN B 210 -14.53 23.20 -1.80
N TYR B 211 -15.48 23.94 -1.26
CA TYR B 211 -16.66 23.38 -0.64
C TYR B 211 -17.87 24.25 -0.86
N TYR B 212 -19.03 23.59 -0.88
CA TYR B 212 -20.33 24.21 -0.99
C TYR B 212 -21.37 23.32 -0.32
N ASP B 213 -22.18 23.94 0.55
CA ASP B 213 -23.24 23.30 1.30
C ASP B 213 -24.56 23.92 0.79
N ASP B 214 -25.32 23.15 -0.01
CA ASP B 214 -26.61 23.56 -0.58
C ASP B 214 -27.70 23.27 0.45
N GLU B 215 -28.07 24.29 1.24
CA GLU B 215 -29.09 24.16 2.28
C GLU B 215 -30.50 23.93 1.72
N LYS B 216 -30.77 24.37 0.50
CA LYS B 216 -32.08 24.12 -0.07
C LYS B 216 -32.26 22.68 -0.58
N GLU B 217 -31.27 22.15 -1.33
CA GLU B 217 -31.31 20.79 -1.84
C GLU B 217 -30.74 19.74 -0.87
N LYS B 218 -30.40 20.19 0.38
CA LYS B 218 -29.88 19.39 1.51
C LYS B 218 -28.73 18.47 1.14
N LEU B 219 -27.67 19.07 0.58
CA LEU B 219 -26.47 18.35 0.17
C LEU B 219 -25.19 19.16 0.36
N GLN B 220 -24.06 18.45 0.39
CA GLN B 220 -22.75 19.05 0.48
C GLN B 220 -21.93 18.55 -0.71
N ILE B 221 -21.07 19.40 -1.23
CA ILE B 221 -20.14 19.06 -2.31
C ILE B 221 -18.74 19.53 -1.95
N VAL B 222 -17.78 18.62 -2.06
CA VAL B 222 -16.38 18.92 -1.75
C VAL B 222 -15.47 18.49 -2.92
N GLU B 223 -14.42 19.29 -3.16
CA GLU B 223 -13.44 19.01 -4.19
C GLU B 223 -12.12 18.63 -3.51
N MET B 224 -11.59 17.45 -3.84
CA MET B 224 -10.34 17.00 -3.27
C MET B 224 -9.28 16.91 -4.37
N PRO B 225 -8.33 17.88 -4.43
CA PRO B 225 -7.31 17.82 -5.47
C PRO B 225 -6.41 16.60 -5.36
N LEU B 226 -6.12 15.98 -6.50
CA LEU B 226 -5.23 14.84 -6.57
C LEU B 226 -3.82 15.38 -6.82
N ALA B 227 -2.78 14.52 -6.78
CA ALA B 227 -1.38 14.96 -6.87
C ALA B 227 -1.05 15.94 -7.98
N HIS B 228 -0.35 17.03 -7.58
CA HIS B 228 0.10 18.14 -8.43
C HIS B 228 -1.04 18.92 -9.10
N LYS B 229 -2.26 18.80 -8.51
CA LYS B 229 -3.50 19.47 -8.93
C LYS B 229 -3.87 19.20 -10.41
N LEU B 230 -3.40 18.05 -10.93
CA LEU B 230 -3.65 17.65 -12.32
C LEU B 230 -5.09 17.19 -12.52
N SER B 231 -5.68 16.66 -11.44
CA SER B 231 -7.06 16.18 -11.40
C SER B 231 -7.64 16.38 -10.00
N SER B 232 -8.95 16.17 -9.87
CA SER B 232 -9.64 16.31 -8.60
C SER B 232 -10.72 15.26 -8.41
N LEU B 233 -10.93 14.85 -7.17
CA LEU B 233 -11.98 13.91 -6.83
C LEU B 233 -13.04 14.74 -6.16
N ILE B 234 -14.25 14.76 -6.75
CA ILE B 234 -15.39 15.53 -6.24
C ILE B 234 -16.40 14.60 -5.59
N ILE B 235 -16.82 14.90 -4.33
CA ILE B 235 -17.82 14.10 -3.61
C ILE B 235 -19.13 14.87 -3.39
N LEU B 236 -20.27 14.26 -3.79
CA LEU B 236 -21.63 14.76 -3.60
C LEU B 236 -22.35 13.86 -2.62
N MET B 237 -22.83 14.45 -1.53
CA MET B 237 -23.49 13.67 -0.50
C MET B 237 -24.68 14.43 0.12
N PRO B 238 -25.83 13.76 0.36
CA PRO B 238 -26.95 14.46 1.07
C PRO B 238 -26.59 14.73 2.52
N HIS B 239 -27.28 15.68 3.18
CA HIS B 239 -27.02 16.00 4.59
C HIS B 239 -27.08 14.79 5.52
N HIS B 240 -28.15 13.98 5.39
CA HIS B 240 -28.31 12.76 6.18
C HIS B 240 -28.53 11.50 5.31
N VAL B 241 -28.61 10.32 5.97
CA VAL B 241 -28.85 9.04 5.29
C VAL B 241 -30.17 9.05 4.57
N GLU B 242 -30.11 8.79 3.26
CA GLU B 242 -31.26 8.70 2.36
C GLU B 242 -30.80 8.01 1.07
N PRO B 243 -31.70 7.34 0.32
CA PRO B 243 -31.28 6.73 -0.95
C PRO B 243 -30.81 7.83 -1.93
N LEU B 244 -29.84 7.51 -2.79
CA LEU B 244 -29.25 8.48 -3.73
C LEU B 244 -30.13 8.96 -4.87
N GLU B 245 -31.28 8.32 -5.10
CA GLU B 245 -32.26 8.62 -6.15
C GLU B 245 -32.58 10.13 -6.27
N ARG B 246 -32.78 10.82 -5.11
CA ARG B 246 -33.10 12.25 -5.08
C ARG B 246 -31.96 13.10 -5.63
N LEU B 247 -30.72 12.84 -5.16
CA LEU B 247 -29.52 13.56 -5.60
C LEU B 247 -29.23 13.28 -7.07
N GLU B 248 -29.48 12.04 -7.52
CA GLU B 248 -29.25 11.60 -8.90
C GLU B 248 -30.08 12.36 -9.92
N LYS B 249 -31.29 12.81 -9.52
CA LYS B 249 -32.17 13.63 -10.35
C LYS B 249 -31.50 14.99 -10.61
N LEU B 250 -30.81 15.52 -9.59
CA LEU B 250 -30.09 16.79 -9.66
C LEU B 250 -28.77 16.65 -10.41
N LEU B 251 -28.17 15.44 -10.44
CA LEU B 251 -26.90 15.21 -11.10
C LEU B 251 -26.93 15.27 -12.64
N THR B 252 -26.51 16.42 -13.17
CA THR B 252 -26.37 16.70 -14.61
C THR B 252 -25.06 17.47 -14.79
N LYS B 253 -24.55 17.52 -16.04
CA LYS B 253 -23.32 18.23 -16.41
C LYS B 253 -23.46 19.72 -16.04
N GLU B 254 -24.65 20.29 -16.27
CA GLU B 254 -25.02 21.69 -16.03
C GLU B 254 -25.06 22.01 -14.53
N GLN B 255 -25.74 21.17 -13.72
CA GLN B 255 -25.88 21.37 -12.28
C GLN B 255 -24.53 21.25 -11.59
N LEU B 256 -23.62 20.43 -12.17
CA LEU B 256 -22.27 20.26 -11.63
C LEU B 256 -21.50 21.57 -11.78
N LYS B 257 -21.61 22.24 -12.95
CA LYS B 257 -20.97 23.54 -13.25
C LYS B 257 -21.42 24.61 -12.27
N ILE B 258 -22.75 24.67 -11.98
CA ILE B 258 -23.36 25.61 -11.02
C ILE B 258 -22.75 25.39 -9.62
N TRP B 259 -22.73 24.13 -9.15
CA TRP B 259 -22.15 23.74 -7.87
C TRP B 259 -20.68 24.14 -7.76
N MET B 260 -19.88 23.81 -8.80
CA MET B 260 -18.44 24.11 -8.88
C MET B 260 -18.14 25.61 -8.73
N GLY B 261 -18.95 26.44 -9.39
CA GLY B 261 -18.86 27.89 -9.35
C GLY B 261 -19.26 28.48 -8.02
N LYS B 262 -20.21 27.82 -7.33
CA LYS B 262 -20.69 28.24 -6.00
C LYS B 262 -19.71 27.83 -4.89
N MET B 263 -18.78 26.90 -5.17
CA MET B 263 -17.78 26.41 -4.21
C MET B 263 -16.75 27.49 -3.89
N GLN B 264 -16.25 27.46 -2.63
CA GLN B 264 -15.21 28.35 -2.12
C GLN B 264 -14.30 27.58 -1.14
N LYS B 265 -13.02 27.97 -1.07
CA LYS B 265 -12.04 27.32 -0.20
C LYS B 265 -12.36 27.58 1.26
N LYS B 266 -12.66 26.49 2.01
CA LYS B 266 -13.05 26.51 3.43
C LYS B 266 -12.37 25.39 4.22
N ALA B 267 -12.30 25.55 5.56
CA ALA B 267 -11.76 24.50 6.42
C ALA B 267 -12.80 23.38 6.49
N VAL B 268 -12.44 22.21 5.98
CA VAL B 268 -13.33 21.06 5.94
C VAL B 268 -12.63 19.87 6.59
N ALA B 269 -13.34 19.22 7.54
CA ALA B 269 -12.85 17.99 8.19
C ALA B 269 -13.53 16.87 7.40
N ILE B 270 -12.75 16.24 6.51
CA ILE B 270 -13.24 15.17 5.62
C ILE B 270 -13.02 13.84 6.28
N SER B 271 -14.09 13.05 6.41
CA SER B 271 -14.02 11.68 6.92
C SER B 271 -14.54 10.78 5.82
N LEU B 272 -13.71 9.81 5.40
CA LEU B 272 -14.06 8.90 4.31
C LEU B 272 -13.84 7.45 4.66
N PRO B 273 -14.68 6.52 4.12
CA PRO B 273 -14.38 5.09 4.28
C PRO B 273 -13.04 4.76 3.61
N LYS B 274 -12.23 3.92 4.25
CA LYS B 274 -10.92 3.51 3.77
C LYS B 274 -11.01 2.04 3.36
N GLY B 275 -10.56 1.76 2.16
CA GLY B 275 -10.59 0.40 1.64
C GLY B 275 -10.74 0.32 0.13
N VAL B 276 -10.74 -0.92 -0.35
CA VAL B 276 -10.88 -1.20 -1.77
C VAL B 276 -12.34 -1.52 -2.08
N VAL B 277 -12.92 -0.80 -3.05
CA VAL B 277 -14.28 -1.04 -3.53
C VAL B 277 -14.13 -1.79 -4.85
N GLU B 278 -14.62 -3.05 -4.91
CA GLU B 278 -14.58 -3.91 -6.11
C GLU B 278 -15.98 -3.95 -6.74
N VAL B 279 -16.09 -3.52 -8.01
CA VAL B 279 -17.37 -3.50 -8.73
C VAL B 279 -17.17 -4.04 -10.14
N THR B 280 -18.06 -4.95 -10.55
CA THR B 280 -18.06 -5.47 -11.92
C THR B 280 -19.41 -5.18 -12.51
N HIS B 281 -19.43 -4.44 -13.62
CA HIS B 281 -20.67 -4.15 -14.33
C HIS B 281 -20.64 -4.86 -15.65
N ASP B 282 -21.80 -5.36 -16.11
CA ASP B 282 -21.95 -5.92 -17.44
C ASP B 282 -22.73 -4.82 -18.15
N LEU B 283 -22.03 -4.05 -18.99
CA LEU B 283 -22.58 -2.91 -19.73
C LEU B 283 -23.45 -3.26 -20.91
N GLN B 284 -23.58 -4.56 -21.24
CA GLN B 284 -24.38 -5.09 -22.35
C GLN B 284 -25.77 -4.47 -22.49
N LYS B 285 -26.68 -4.74 -21.54
CA LYS B 285 -28.04 -4.21 -21.58
C LYS B 285 -28.16 -2.68 -21.48
N HIS B 286 -27.24 -2.03 -20.75
CA HIS B 286 -27.27 -0.57 -20.59
C HIS B 286 -26.90 0.19 -21.85
N LEU B 287 -25.91 -0.31 -22.62
CA LEU B 287 -25.47 0.32 -23.87
C LEU B 287 -26.53 0.16 -24.96
N ALA B 288 -27.25 -1.00 -24.95
CA ALA B 288 -28.37 -1.28 -25.85
C ALA B 288 -29.52 -0.34 -25.54
N GLY B 289 -29.70 0.00 -24.25
CA GLY B 289 -30.70 0.96 -23.81
C GLY B 289 -30.36 2.37 -24.25
N LEU B 290 -29.05 2.63 -24.51
CA LEU B 290 -28.54 3.91 -24.97
C LEU B 290 -28.51 4.04 -26.51
N GLY B 291 -28.78 2.93 -27.21
CA GLY B 291 -28.84 2.87 -28.67
C GLY B 291 -28.01 1.80 -29.37
N LEU B 292 -27.17 1.03 -28.65
CA LEU B 292 -26.33 -0.02 -29.27
C LEU B 292 -27.09 -1.36 -29.31
N THR B 293 -28.12 -1.41 -30.15
CA THR B 293 -29.00 -2.57 -30.27
C THR B 293 -28.52 -3.69 -31.19
N GLU B 294 -27.96 -3.33 -32.36
CA GLU B 294 -27.50 -4.31 -33.36
C GLU B 294 -26.33 -5.17 -32.90
N ALA B 295 -25.28 -4.55 -32.28
CA ALA B 295 -24.07 -5.24 -31.82
C ALA B 295 -24.30 -6.39 -30.83
N ILE B 296 -25.33 -6.23 -29.98
CA ILE B 296 -25.75 -7.12 -28.89
C ILE B 296 -26.62 -8.30 -29.38
N ASP B 297 -27.28 -8.14 -30.54
CA ASP B 297 -28.19 -9.12 -31.13
C ASP B 297 -27.47 -10.11 -32.05
N LYS B 298 -27.47 -11.41 -31.69
CA LYS B 298 -26.85 -12.49 -32.47
C LYS B 298 -27.31 -12.52 -33.94
N ASN B 299 -28.62 -12.34 -34.18
CA ASN B 299 -29.22 -12.37 -35.50
C ASN B 299 -29.05 -11.09 -36.34
N LYS B 300 -28.66 -9.97 -35.69
CA LYS B 300 -28.51 -8.66 -36.36
C LYS B 300 -27.08 -8.12 -36.46
N ALA B 301 -26.22 -8.43 -35.46
CA ALA B 301 -24.83 -7.96 -35.40
C ALA B 301 -23.97 -8.29 -36.61
N ASP B 302 -23.20 -7.30 -37.05
CA ASP B 302 -22.24 -7.40 -38.13
C ASP B 302 -20.90 -6.91 -37.59
N LEU B 303 -20.10 -7.85 -37.08
CA LEU B 303 -18.76 -7.59 -36.57
C LEU B 303 -17.72 -8.26 -37.49
N SER B 304 -18.02 -8.27 -38.81
CA SER B 304 -17.19 -8.89 -39.86
C SER B 304 -15.76 -8.33 -39.98
N ARG B 305 -15.52 -7.09 -39.49
CA ARG B 305 -14.18 -6.50 -39.51
C ARG B 305 -13.25 -7.16 -38.47
N MET B 306 -13.84 -7.87 -37.48
CA MET B 306 -13.14 -8.68 -36.46
C MET B 306 -13.12 -10.13 -37.00
N SER B 307 -14.15 -10.48 -37.82
CA SER B 307 -14.44 -11.75 -38.50
C SER B 307 -14.97 -12.92 -37.64
N GLY B 308 -15.78 -13.78 -38.27
CA GLY B 308 -16.41 -14.94 -37.65
C GLY B 308 -17.69 -14.59 -36.91
N LEU B 312 -18.68 -12.94 -32.92
CA LEU B 312 -19.82 -12.87 -33.83
C LEU B 312 -20.76 -11.72 -33.50
N TYR B 313 -21.21 -11.67 -32.23
CA TYR B 313 -22.02 -10.61 -31.67
C TYR B 313 -21.43 -10.30 -30.31
N LEU B 314 -21.75 -9.13 -29.75
CA LEU B 314 -21.27 -8.69 -28.46
C LEU B 314 -22.15 -9.24 -27.35
N ALA B 315 -21.66 -10.29 -26.66
CA ALA B 315 -22.38 -10.97 -25.57
C ALA B 315 -22.35 -10.19 -24.27
N SER B 316 -21.20 -9.59 -23.92
CA SER B 316 -21.03 -8.85 -22.68
C SER B 316 -19.89 -7.83 -22.81
N VAL B 317 -19.99 -6.75 -22.04
CA VAL B 317 -18.99 -5.68 -21.96
C VAL B 317 -18.75 -5.52 -20.48
N PHE B 318 -17.81 -6.32 -19.95
CA PHE B 318 -17.46 -6.27 -18.54
C PHE B 318 -16.54 -5.10 -18.28
N HIS B 319 -16.95 -4.27 -17.34
CA HIS B 319 -16.26 -3.07 -16.88
C HIS B 319 -16.06 -3.34 -15.38
N ALA B 320 -14.87 -3.86 -15.03
CA ALA B 320 -14.53 -4.29 -13.69
C ALA B 320 -13.44 -3.40 -13.08
N THR B 321 -13.70 -2.87 -11.85
CA THR B 321 -12.81 -1.93 -11.17
C THR B 321 -12.61 -2.25 -9.71
N ALA B 322 -11.38 -2.05 -9.26
CA ALA B 322 -10.97 -2.08 -7.85
C ALA B 322 -10.55 -0.63 -7.60
N PHE B 323 -11.38 0.11 -6.89
CA PHE B 323 -11.13 1.53 -6.57
C PHE B 323 -10.69 1.58 -5.13
N GLU B 324 -9.47 2.05 -4.88
CA GLU B 324 -8.95 2.09 -3.52
C GLU B 324 -8.94 3.49 -2.89
N TRP B 325 -9.62 3.60 -1.75
CA TRP B 325 -9.66 4.80 -0.92
C TRP B 325 -8.59 4.57 0.16
N ASP B 326 -7.47 5.30 0.05
CA ASP B 326 -6.33 5.17 0.97
C ASP B 326 -5.90 6.55 1.47
N THR B 327 -5.06 6.58 2.50
CA THR B 327 -4.58 7.81 3.13
C THR B 327 -3.47 8.49 2.33
N GLU B 328 -2.70 7.70 1.59
CA GLU B 328 -1.53 8.13 0.83
C GLU B 328 -1.73 9.28 -0.15
N GLY B 329 -0.78 10.21 -0.12
CA GLY B 329 -0.77 11.39 -0.97
C GLY B 329 0.55 12.13 -0.87
N ASN B 330 0.62 13.34 -1.46
CA ASN B 330 1.85 14.14 -1.41
C ASN B 330 2.11 14.65 0.02
N PRO B 331 3.39 14.74 0.47
CA PRO B 331 3.65 15.25 1.84
C PRO B 331 3.32 16.74 2.09
N GLU B 341 -4.40 30.53 11.77
CA GLU B 341 -4.62 29.21 11.19
C GLU B 341 -6.07 29.02 10.71
N LEU B 342 -6.44 27.77 10.29
CA LEU B 342 -7.77 27.38 9.79
C LEU B 342 -8.91 27.68 10.80
N ARG B 343 -10.10 28.01 10.28
CA ARG B 343 -11.30 28.29 11.08
C ARG B 343 -11.96 26.95 11.49
N SER B 344 -12.87 26.97 12.48
CA SER B 344 -13.66 25.86 13.02
C SER B 344 -14.16 25.09 11.78
N PRO B 345 -13.70 23.86 11.49
CA PRO B 345 -14.07 23.25 10.20
C PRO B 345 -15.48 22.75 10.05
N LYS B 346 -15.95 22.69 8.80
CA LYS B 346 -17.25 22.14 8.45
C LYS B 346 -17.00 20.65 8.34
N LEU B 347 -17.96 19.83 8.80
CA LEU B 347 -17.77 18.38 8.67
C LEU B 347 -18.28 17.86 7.34
N PHE B 348 -17.50 16.98 6.70
CA PHE B 348 -17.88 16.24 5.48
C PHE B 348 -17.67 14.79 5.92
N TYR B 349 -18.61 14.29 6.72
CA TYR B 349 -18.61 12.97 7.35
C TYR B 349 -19.35 11.96 6.45
N ALA B 350 -18.58 11.29 5.55
CA ALA B 350 -19.10 10.34 4.58
C ALA B 350 -19.41 8.94 5.14
N ASP B 351 -20.35 8.88 6.09
CA ASP B 351 -20.77 7.63 6.74
C ASP B 351 -22.15 7.19 6.21
N HIS B 352 -22.49 7.64 5.01
CA HIS B 352 -23.74 7.32 4.33
C HIS B 352 -23.55 7.39 2.82
N PRO B 353 -24.42 6.79 1.96
CA PRO B 353 -24.17 6.79 0.52
C PRO B 353 -23.86 8.14 -0.14
N PHE B 354 -22.90 8.13 -1.07
CA PHE B 354 -22.45 9.33 -1.77
C PHE B 354 -22.08 9.03 -3.22
N ILE B 355 -22.03 10.10 -4.03
CA ILE B 355 -21.65 10.08 -5.44
C ILE B 355 -20.27 10.75 -5.51
N PHE B 356 -19.44 10.28 -6.43
CA PHE B 356 -18.11 10.83 -6.63
C PHE B 356 -17.74 10.80 -8.10
N LEU B 357 -16.90 11.74 -8.49
CA LEU B 357 -16.38 11.92 -9.86
C LEU B 357 -14.91 12.22 -9.73
N VAL B 358 -14.11 11.77 -10.71
CA VAL B 358 -12.68 12.08 -10.80
C VAL B 358 -12.55 12.84 -12.11
N ARG B 359 -12.11 14.08 -12.02
CA ARG B 359 -12.07 14.98 -13.17
C ARG B 359 -10.69 15.57 -13.41
N ASP B 360 -10.25 15.57 -14.69
CA ASP B 360 -8.98 16.16 -15.10
C ASP B 360 -9.14 17.67 -14.98
N THR B 361 -8.18 18.35 -14.33
CA THR B 361 -8.25 19.80 -14.10
C THR B 361 -8.19 20.63 -15.38
N GLN B 362 -7.21 20.33 -16.27
CA GLN B 362 -7.01 21.05 -17.53
C GLN B 362 -8.21 20.93 -18.49
N SER B 363 -8.51 19.70 -18.93
CA SER B 363 -9.56 19.38 -19.91
C SER B 363 -10.99 19.34 -19.37
N GLY B 364 -11.16 18.99 -18.10
CA GLY B 364 -12.48 18.84 -17.51
C GLY B 364 -13.06 17.47 -17.79
N SER B 365 -12.26 16.60 -18.45
CA SER B 365 -12.62 15.24 -18.83
C SER B 365 -12.76 14.33 -17.60
N LEU B 366 -13.83 13.51 -17.58
CA LEU B 366 -14.11 12.58 -16.50
C LEU B 366 -13.33 11.28 -16.62
N LEU B 367 -12.51 11.02 -15.60
CA LEU B 367 -11.75 9.80 -15.49
C LEU B 367 -12.64 8.75 -14.85
N PHE B 368 -13.51 9.18 -13.92
CA PHE B 368 -14.43 8.30 -13.20
C PHE B 368 -15.68 8.98 -12.73
N ILE B 369 -16.74 8.19 -12.65
CA ILE B 369 -18.04 8.54 -12.08
C ILE B 369 -18.48 7.29 -11.33
N GLY B 370 -19.01 7.48 -10.14
CA GLY B 370 -19.47 6.35 -9.35
C GLY B 370 -20.24 6.75 -8.13
N ARG B 371 -20.55 5.74 -7.33
CA ARG B 371 -21.27 5.90 -6.09
C ARG B 371 -20.91 4.81 -5.11
N LEU B 372 -20.93 5.14 -3.82
CA LEU B 372 -20.71 4.17 -2.79
C LEU B 372 -21.99 4.09 -1.97
N VAL B 373 -22.71 2.97 -2.09
CA VAL B 373 -23.95 2.74 -1.38
C VAL B 373 -23.75 1.70 -0.27
N ARG B 374 -22.89 0.69 -0.51
CA ARG B 374 -22.64 -0.36 0.47
C ARG B 374 -21.18 -0.82 0.44
N PRO B 375 -20.33 -0.39 1.40
CA PRO B 375 -18.95 -0.89 1.43
C PRO B 375 -18.85 -2.31 2.01
N LYS B 376 -17.67 -2.95 1.85
CA LYS B 376 -17.37 -4.31 2.32
C LYS B 376 -17.48 -4.44 3.84
N GLY B 377 -16.76 -3.57 4.55
CA GLY B 377 -16.66 -3.60 6.00
C GLY B 377 -15.29 -4.02 6.49
N MET C 1 -5.16 -57.17 -33.44
CA MET C 1 -4.86 -58.57 -33.14
C MET C 1 -3.82 -59.20 -34.07
N LEU C 2 -2.63 -59.53 -33.51
CA LEU C 2 -1.57 -60.22 -34.24
C LEU C 2 -2.00 -61.67 -34.39
N SER C 3 -1.68 -62.29 -35.53
CA SER C 3 -1.99 -63.71 -35.74
C SER C 3 -1.06 -64.56 -34.85
N PRO C 4 -1.42 -65.83 -34.52
CA PRO C 4 -0.54 -66.65 -33.65
C PRO C 4 0.94 -66.66 -34.04
N LYS C 5 1.26 -66.86 -35.35
CA LYS C 5 2.64 -66.87 -35.87
C LYS C 5 3.39 -65.57 -35.54
N ALA C 6 2.83 -64.42 -35.96
CA ALA C 6 3.41 -63.09 -35.72
C ALA C 6 3.58 -62.79 -34.22
N ALA C 7 2.58 -63.21 -33.40
CA ALA C 7 2.55 -63.01 -31.94
C ALA C 7 3.66 -63.79 -31.25
N THR C 8 3.83 -65.08 -31.62
CA THR C 8 4.85 -65.98 -31.08
C THR C 8 6.26 -65.46 -31.41
N LEU C 9 6.46 -65.00 -32.67
CA LEU C 9 7.72 -64.41 -33.14
C LEU C 9 8.06 -63.09 -32.40
N ALA C 10 7.01 -62.27 -32.09
CA ALA C 10 7.11 -60.95 -31.45
C ALA C 10 7.94 -60.83 -30.17
N GLU C 11 7.79 -61.78 -29.22
CA GLU C 11 8.51 -61.74 -27.94
C GLU C 11 10.02 -61.89 -28.06
N ARG C 12 10.46 -62.81 -28.93
CA ARG C 12 11.86 -63.09 -29.21
C ARG C 12 12.56 -61.82 -29.73
N SER C 13 11.96 -61.14 -30.72
CA SER C 13 12.48 -59.89 -31.32
C SER C 13 12.69 -58.78 -30.26
N ALA C 14 11.77 -58.70 -29.28
CA ALA C 14 11.83 -57.76 -28.15
C ALA C 14 12.78 -58.31 -27.08
N GLY C 15 13.00 -59.63 -27.08
CA GLY C 15 13.94 -60.30 -26.19
C GLY C 15 15.36 -60.02 -26.69
N LEU C 16 15.52 -60.04 -28.02
CA LEU C 16 16.72 -59.73 -28.79
C LEU C 16 17.06 -58.24 -28.66
N ALA C 17 16.01 -57.41 -28.40
CA ALA C 17 16.10 -55.96 -28.21
C ALA C 17 16.91 -55.62 -26.97
N PHE C 18 16.59 -56.24 -25.82
CA PHE C 18 17.34 -56.03 -24.58
C PHE C 18 18.80 -56.46 -24.79
N SER C 19 19.00 -57.64 -25.42
CA SER C 19 20.32 -58.21 -25.72
C SER C 19 21.17 -57.25 -26.58
N LEU C 20 20.63 -56.78 -27.72
CA LEU C 20 21.34 -55.88 -28.61
C LEU C 20 21.62 -54.52 -27.98
N TYR C 21 20.59 -53.90 -27.33
CA TYR C 21 20.75 -52.61 -26.64
C TYR C 21 21.92 -52.69 -25.65
N GLN C 22 21.95 -53.75 -24.82
CA GLN C 22 23.01 -53.95 -23.83
C GLN C 22 24.41 -54.04 -24.43
N ALA C 23 24.58 -54.82 -25.52
CA ALA C 23 25.88 -54.98 -26.21
C ALA C 23 26.38 -53.66 -26.80
N MET C 24 25.46 -52.79 -27.23
CA MET C 24 25.75 -51.45 -27.77
C MET C 24 26.07 -50.47 -26.64
N ALA C 25 25.31 -50.55 -25.52
CA ALA C 25 25.48 -49.71 -24.33
C ALA C 25 26.87 -49.93 -23.69
N LYS C 26 27.46 -51.14 -23.86
CA LYS C 26 28.80 -51.50 -23.34
C LYS C 26 29.94 -50.87 -24.16
N ASP C 27 29.69 -50.63 -25.46
CA ASP C 27 30.65 -50.00 -26.38
C ASP C 27 30.80 -48.52 -26.00
N GLN C 28 32.03 -48.15 -25.63
CA GLN C 28 32.45 -46.81 -25.20
C GLN C 28 32.33 -45.71 -26.26
N ALA C 29 32.45 -46.08 -27.57
CA ALA C 29 32.34 -45.13 -28.69
C ALA C 29 30.90 -44.67 -28.93
N VAL C 30 29.93 -45.49 -28.50
CA VAL C 30 28.49 -45.26 -28.67
C VAL C 30 27.95 -44.20 -27.68
N GLU C 31 27.20 -43.21 -28.21
CA GLU C 31 26.52 -42.15 -27.47
C GLU C 31 25.02 -42.44 -27.49
N ASN C 32 24.27 -41.85 -28.44
CA ASN C 32 22.84 -42.11 -28.55
C ASN C 32 22.60 -43.48 -29.21
N ILE C 33 21.51 -44.13 -28.81
CA ILE C 33 21.12 -45.45 -29.31
C ILE C 33 19.72 -45.36 -29.85
N LEU C 34 19.50 -45.97 -31.03
CA LEU C 34 18.18 -46.04 -31.64
C LEU C 34 18.05 -47.40 -32.32
N LEU C 35 17.25 -48.29 -31.71
CA LEU C 35 17.07 -49.63 -32.26
C LEU C 35 15.62 -50.02 -32.43
N SER C 36 15.28 -50.55 -33.59
CA SER C 36 13.95 -51.10 -33.82
C SER C 36 14.09 -52.62 -33.78
N PRO C 37 13.59 -53.28 -32.70
CA PRO C 37 13.70 -54.74 -32.59
C PRO C 37 13.15 -55.53 -33.77
N VAL C 38 11.97 -55.12 -34.31
CA VAL C 38 11.33 -55.77 -35.45
C VAL C 38 12.23 -55.65 -36.68
N VAL C 39 12.84 -54.48 -36.91
CA VAL C 39 13.72 -54.24 -38.05
C VAL C 39 14.99 -55.07 -37.92
N VAL C 40 15.58 -55.12 -36.71
CA VAL C 40 16.75 -55.95 -36.44
C VAL C 40 16.40 -57.43 -36.73
N ALA C 41 15.24 -57.90 -36.24
CA ALA C 41 14.75 -59.28 -36.43
C ALA C 41 14.54 -59.59 -37.90
N SER C 42 14.00 -58.63 -38.68
CA SER C 42 13.78 -58.81 -40.11
C SER C 42 15.09 -59.00 -40.88
N SER C 43 16.20 -58.44 -40.37
CA SER C 43 17.54 -58.61 -40.95
C SER C 43 17.99 -60.06 -40.79
N LEU C 44 17.70 -60.65 -39.62
CA LEU C 44 18.00 -62.06 -39.34
C LEU C 44 17.12 -62.97 -40.20
N GLY C 45 15.88 -62.55 -40.42
CA GLY C 45 14.90 -63.23 -41.26
C GLY C 45 15.31 -63.27 -42.71
N LEU C 46 16.01 -62.21 -43.18
CA LEU C 46 16.53 -62.09 -44.54
C LEU C 46 17.72 -63.02 -44.74
N VAL C 47 18.59 -63.12 -43.70
CA VAL C 47 19.77 -64.00 -43.67
C VAL C 47 19.32 -65.46 -43.72
N SER C 48 18.25 -65.81 -42.96
CA SER C 48 17.68 -67.16 -42.96
C SER C 48 17.09 -67.48 -44.34
N LEU C 49 16.39 -66.50 -44.93
CA LEU C 49 15.77 -66.62 -46.26
C LEU C 49 16.81 -66.75 -47.37
N GLY C 50 17.88 -65.96 -47.29
CA GLY C 50 18.95 -65.96 -48.29
C GLY C 50 20.09 -66.93 -48.06
N GLY C 51 20.17 -67.50 -46.87
CA GLY C 51 21.23 -68.42 -46.50
C GLY C 51 20.88 -69.89 -46.45
N LYS C 52 21.91 -70.75 -46.41
CA LYS C 52 21.84 -72.21 -46.33
C LYS C 52 22.61 -72.72 -45.10
N ALA C 53 22.23 -73.92 -44.61
CA ALA C 53 22.81 -74.66 -43.49
C ALA C 53 23.11 -73.83 -42.22
N THR C 54 24.40 -73.77 -41.77
CA THR C 54 24.80 -73.05 -40.57
C THR C 54 24.62 -71.53 -40.63
N THR C 55 24.85 -70.91 -41.81
CA THR C 55 24.64 -69.46 -42.01
C THR C 55 23.17 -69.14 -41.65
N ALA C 56 22.23 -69.96 -42.20
CA ALA C 56 20.78 -69.87 -42.02
C ALA C 56 20.32 -70.29 -40.61
N SER C 57 20.83 -71.44 -40.11
CA SER C 57 20.45 -71.98 -38.80
C SER C 57 20.85 -71.08 -37.63
N GLN C 58 21.98 -70.34 -37.76
CA GLN C 58 22.44 -69.39 -36.75
C GLN C 58 21.50 -68.19 -36.67
N ALA C 59 20.97 -67.75 -37.84
CA ALA C 59 20.02 -66.62 -37.97
C ALA C 59 18.74 -66.94 -37.23
N LYS C 60 18.23 -68.19 -37.39
CA LYS C 60 17.05 -68.69 -36.70
C LYS C 60 17.33 -68.81 -35.21
N ALA C 61 18.56 -69.22 -34.82
CA ALA C 61 18.98 -69.35 -33.43
C ALA C 61 19.03 -68.00 -32.70
N VAL C 62 19.59 -66.95 -33.34
CA VAL C 62 19.65 -65.60 -32.76
C VAL C 62 18.21 -65.05 -32.54
N LEU C 63 17.28 -65.49 -33.41
CA LEU C 63 15.85 -65.16 -33.38
C LEU C 63 15.05 -66.10 -32.43
N SER C 64 15.72 -67.12 -31.81
CA SER C 64 15.14 -68.15 -30.94
C SER C 64 14.02 -68.90 -31.68
N LEU C 68 10.96 -73.94 -35.28
CA LEU C 68 9.91 -73.43 -36.17
C LEU C 68 10.29 -73.62 -37.63
N ARG C 69 9.30 -73.81 -38.50
CA ARG C 69 9.49 -73.95 -39.95
C ARG C 69 9.90 -72.60 -40.51
N ASP C 70 10.72 -72.60 -41.58
CA ASP C 70 11.17 -71.37 -42.24
C ASP C 70 9.99 -70.49 -42.66
N GLU C 71 8.94 -71.10 -43.23
CA GLU C 71 7.68 -70.47 -43.67
C GLU C 71 7.00 -69.71 -42.52
N GLU C 72 6.94 -70.34 -41.31
CA GLU C 72 6.36 -69.76 -40.08
C GLU C 72 7.15 -68.53 -39.65
N VAL C 73 8.50 -68.60 -39.74
CA VAL C 73 9.41 -67.52 -39.38
C VAL C 73 9.13 -66.30 -40.26
N HIS C 74 9.32 -66.44 -41.59
CA HIS C 74 9.12 -65.39 -42.59
C HIS C 74 7.71 -64.78 -42.58
N ALA C 75 6.65 -65.61 -42.50
CA ALA C 75 5.26 -65.13 -42.44
C ALA C 75 5.00 -64.34 -41.15
N GLY C 76 5.48 -64.86 -40.02
CA GLY C 76 5.32 -64.22 -38.72
C GLY C 76 6.05 -62.90 -38.65
N LEU C 77 7.32 -62.91 -39.07
CA LEU C 77 8.20 -61.73 -39.09
C LEU C 77 7.66 -60.65 -40.04
N GLY C 78 7.20 -61.08 -41.23
CA GLY C 78 6.62 -60.22 -42.25
C GLY C 78 5.40 -59.46 -41.73
N GLU C 79 4.53 -60.20 -41.01
CA GLU C 79 3.31 -59.70 -40.39
C GLU C 79 3.63 -58.74 -39.25
N LEU C 80 4.67 -59.02 -38.47
CA LEU C 80 5.12 -58.16 -37.38
C LEU C 80 5.55 -56.80 -37.95
N LEU C 81 6.36 -56.84 -39.02
CA LEU C 81 6.90 -55.69 -39.73
C LEU C 81 5.82 -54.80 -40.29
N ARG C 82 4.86 -55.40 -41.04
CA ARG C 82 3.73 -54.67 -41.62
C ARG C 82 2.80 -54.07 -40.56
N SER C 83 2.39 -54.86 -39.55
CA SER C 83 1.48 -54.46 -38.49
C SER C 83 1.91 -53.25 -37.66
N LEU C 84 3.19 -53.20 -37.27
CA LEU C 84 3.76 -52.13 -36.47
C LEU C 84 4.29 -50.96 -37.27
N SER C 85 4.84 -51.24 -38.46
CA SER C 85 5.49 -50.23 -39.30
C SER C 85 4.65 -49.67 -40.42
N ASN C 86 3.56 -50.36 -40.79
CA ASN C 86 2.74 -49.92 -41.90
C ASN C 86 1.27 -49.62 -41.55
N SER C 87 1.05 -49.12 -40.33
CA SER C 87 -0.26 -48.70 -39.84
C SER C 87 -0.52 -47.26 -40.31
N THR C 88 -1.81 -46.90 -40.52
CA THR C 88 -2.20 -45.56 -40.92
C THR C 88 -2.99 -44.90 -39.80
N ALA C 89 -3.00 -45.56 -38.62
CA ALA C 89 -3.53 -45.01 -37.39
C ALA C 89 -2.44 -44.00 -37.08
N ARG C 90 -2.75 -42.79 -36.68
CA ARG C 90 -1.57 -41.94 -36.48
C ARG C 90 -1.02 -42.02 -35.05
N ASN C 91 -0.64 -43.22 -34.61
CA ASN C 91 -0.05 -43.45 -33.29
C ASN C 91 1.45 -43.09 -33.39
N VAL C 92 2.03 -43.40 -34.55
CA VAL C 92 3.42 -43.12 -34.94
C VAL C 92 3.43 -42.75 -36.43
N THR C 93 4.51 -42.10 -36.89
CA THR C 93 4.84 -41.88 -38.29
C THR C 93 6.07 -42.75 -38.44
N TRP C 94 5.96 -43.78 -39.26
CA TRP C 94 7.07 -44.69 -39.44
C TRP C 94 7.34 -44.95 -40.89
N LYS C 95 8.41 -44.36 -41.37
CA LYS C 95 8.91 -44.57 -42.73
C LYS C 95 10.07 -45.54 -42.63
N LEU C 96 10.00 -46.62 -43.38
CA LEU C 96 11.02 -47.67 -43.31
C LEU C 96 11.33 -48.19 -44.69
N GLY C 97 12.63 -48.39 -44.92
CA GLY C 97 13.18 -48.92 -46.14
C GLY C 97 14.29 -49.89 -45.81
N SER C 98 14.33 -51.03 -46.53
CA SER C 98 15.29 -52.13 -46.42
C SER C 98 15.80 -52.43 -47.83
N ARG C 99 17.10 -52.26 -48.03
CA ARG C 99 17.70 -52.43 -49.33
C ARG C 99 18.98 -53.22 -49.25
N LEU C 100 19.13 -54.23 -50.14
CA LEU C 100 20.35 -55.03 -50.19
C LEU C 100 21.23 -54.56 -51.34
N TYR C 101 22.44 -54.11 -50.98
CA TYR C 101 23.42 -53.67 -51.95
C TYR C 101 24.43 -54.78 -52.07
N SER C 105 28.07 -56.31 -60.40
CA SER C 105 28.85 -57.53 -60.57
C SER C 105 27.99 -58.77 -60.29
N VAL C 106 27.39 -58.82 -59.09
CA VAL C 106 26.53 -59.90 -58.61
C VAL C 106 25.10 -59.79 -59.22
N SER C 107 24.33 -60.90 -59.16
CA SER C 107 22.96 -60.97 -59.64
C SER C 107 22.08 -61.69 -58.63
N PHE C 108 21.05 -61.00 -58.12
CA PHE C 108 20.12 -61.56 -57.13
C PHE C 108 19.12 -62.50 -57.81
N ALA C 109 18.88 -63.66 -57.19
CA ALA C 109 17.95 -64.68 -57.67
C ALA C 109 16.50 -64.21 -57.60
N GLU C 110 15.71 -64.52 -58.66
CA GLU C 110 14.30 -64.15 -58.82
C GLU C 110 13.43 -64.61 -57.64
N ASP C 111 13.58 -65.88 -57.23
CA ASP C 111 12.84 -66.47 -56.13
C ASP C 111 13.09 -65.74 -54.80
N PHE C 112 14.38 -65.42 -54.50
CA PHE C 112 14.76 -64.67 -53.29
C PHE C 112 14.19 -63.24 -53.34
N VAL C 113 14.34 -62.53 -54.49
CA VAL C 113 13.85 -61.17 -54.69
C VAL C 113 12.36 -61.10 -54.38
N ARG C 114 11.57 -62.05 -54.92
CA ARG C 114 10.13 -62.19 -54.72
C ARG C 114 9.78 -62.40 -53.24
N SER C 115 10.38 -63.43 -52.62
CA SER C 115 10.16 -63.81 -51.21
C SER C 115 10.62 -62.75 -50.20
N SER C 116 11.78 -62.10 -50.44
CA SER C 116 12.31 -61.03 -49.57
C SER C 116 11.41 -59.79 -49.65
N LYS C 117 10.89 -59.46 -50.86
CA LYS C 117 9.98 -58.35 -51.08
C LYS C 117 8.66 -58.61 -50.35
N GLN C 118 8.06 -59.80 -50.58
CA GLN C 118 6.80 -60.24 -49.96
C GLN C 118 6.85 -60.18 -48.42
N HIS C 119 7.90 -60.80 -47.84
CA HIS C 119 8.03 -60.89 -46.39
C HIS C 119 8.69 -59.72 -45.67
N TYR C 120 9.78 -59.16 -46.22
CA TYR C 120 10.53 -58.10 -45.54
C TYR C 120 10.55 -56.73 -46.23
N ASN C 121 9.86 -56.61 -47.39
CA ASN C 121 9.81 -55.38 -48.20
C ASN C 121 11.22 -54.95 -48.60
N CYS C 122 12.09 -55.95 -48.80
CA CYS C 122 13.48 -55.75 -49.19
C CYS C 122 13.59 -55.36 -50.63
N GLU C 123 14.40 -54.34 -50.90
CA GLU C 123 14.72 -53.88 -52.25
C GLU C 123 16.16 -54.30 -52.57
N HIS C 124 16.55 -54.28 -53.85
CA HIS C 124 17.87 -54.75 -54.27
C HIS C 124 18.53 -53.81 -55.25
N SER C 125 19.87 -53.61 -55.11
CA SER C 125 20.68 -52.74 -55.95
C SER C 125 22.10 -53.30 -56.15
N ALA C 135 30.58 -42.79 -56.24
CA ALA C 135 30.79 -43.25 -54.87
C ALA C 135 29.53 -43.95 -54.31
N LEU C 136 29.51 -44.27 -52.99
CA LEU C 136 28.36 -44.88 -52.29
C LEU C 136 27.32 -43.84 -51.83
N GLN C 137 27.25 -42.72 -52.57
CA GLN C 137 26.36 -41.57 -52.37
C GLN C 137 24.89 -41.99 -52.54
N SER C 138 24.65 -42.97 -53.46
CA SER C 138 23.33 -43.53 -53.76
C SER C 138 22.65 -44.13 -52.53
N ILE C 139 23.45 -44.63 -51.53
CA ILE C 139 22.92 -45.14 -50.27
C ILE C 139 22.22 -43.97 -49.56
N ASN C 140 22.89 -42.80 -49.47
CA ASN C 140 22.37 -41.59 -48.83
C ASN C 140 21.11 -41.04 -49.50
N GLU C 141 21.10 -40.97 -50.86
CA GLU C 141 19.96 -40.50 -51.64
C GLU C 141 18.77 -41.45 -51.46
N TRP C 142 19.02 -42.77 -51.44
CA TRP C 142 17.97 -43.76 -51.26
C TRP C 142 17.35 -43.62 -49.87
N ALA C 143 18.18 -43.36 -48.83
CA ALA C 143 17.73 -43.16 -47.44
C ALA C 143 16.92 -41.89 -47.30
N ALA C 144 17.40 -40.81 -47.97
CA ALA C 144 16.78 -39.49 -48.00
C ALA C 144 15.35 -39.58 -48.59
N GLN C 145 15.19 -40.27 -49.74
CA GLN C 145 13.88 -40.41 -50.37
C GLN C 145 12.92 -41.29 -49.55
N THR C 146 13.45 -42.38 -48.93
CA THR C 146 12.72 -43.32 -48.07
C THR C 146 12.07 -42.57 -46.89
N THR C 147 12.82 -41.62 -46.31
CA THR C 147 12.41 -40.85 -45.13
C THR C 147 11.97 -39.43 -45.46
N ASP C 148 11.77 -39.11 -46.77
CA ASP C 148 11.37 -37.79 -47.29
C ASP C 148 12.24 -36.64 -46.70
N GLY C 149 13.56 -36.87 -46.72
CA GLY C 149 14.56 -35.91 -46.27
C GLY C 149 14.85 -35.89 -44.79
N LYS C 150 14.12 -36.65 -43.97
CA LYS C 150 14.33 -36.67 -42.51
C LYS C 150 15.63 -37.36 -42.11
N LEU C 151 16.09 -38.31 -42.92
CA LEU C 151 17.36 -39.00 -42.73
C LEU C 151 18.16 -38.79 -44.03
N PRO C 152 18.86 -37.65 -44.18
CA PRO C 152 19.57 -37.38 -45.45
C PRO C 152 20.89 -38.11 -45.66
N GLU C 153 21.47 -38.65 -44.58
CA GLU C 153 22.75 -39.33 -44.62
C GLU C 153 22.74 -40.57 -43.72
N VAL C 154 23.30 -41.68 -44.20
CA VAL C 154 23.44 -42.92 -43.44
C VAL C 154 24.86 -42.98 -42.89
N THR C 155 25.87 -43.02 -43.77
CA THR C 155 27.27 -43.08 -43.37
C THR C 155 28.14 -42.18 -44.22
N LYS C 156 29.30 -41.78 -43.66
CA LYS C 156 30.29 -40.95 -44.33
C LYS C 156 31.40 -41.80 -44.96
N ASP C 157 31.38 -43.13 -44.70
CA ASP C 157 32.33 -44.11 -45.26
C ASP C 157 31.80 -45.55 -45.21
N ASP C 162 33.49 -55.52 -50.26
CA ASP C 162 33.49 -56.78 -51.01
C ASP C 162 32.28 -57.71 -50.76
N GLY C 163 31.44 -57.39 -49.78
CA GLY C 163 30.29 -58.21 -49.41
C GLY C 163 28.95 -57.54 -49.64
N ALA C 164 27.92 -58.09 -49.01
CA ALA C 164 26.56 -57.53 -49.10
C ALA C 164 26.35 -56.49 -48.01
N LEU C 165 25.68 -55.39 -48.36
CA LEU C 165 25.36 -54.26 -47.49
C LEU C 165 23.86 -54.22 -47.31
N LEU C 166 23.40 -54.55 -46.10
CA LEU C 166 21.98 -54.47 -45.76
C LEU C 166 21.78 -53.15 -45.04
N VAL C 167 21.13 -52.20 -45.73
CA VAL C 167 20.86 -50.86 -45.23
C VAL C 167 19.38 -50.74 -44.85
N ASN C 168 19.12 -50.38 -43.57
CA ASN C 168 17.80 -50.14 -43.00
C ASN C 168 17.76 -48.66 -42.63
N ALA C 169 16.93 -47.86 -43.34
CA ALA C 169 16.76 -46.41 -43.17
C ALA C 169 15.35 -46.14 -42.64
N MET C 170 15.24 -45.33 -41.58
CA MET C 170 13.96 -45.09 -40.93
C MET C 170 13.72 -43.69 -40.49
N PHE C 171 12.43 -43.36 -40.39
CA PHE C 171 11.97 -42.14 -39.78
C PHE C 171 10.89 -42.55 -38.82
N PHE C 172 11.07 -42.18 -37.55
CA PHE C 172 10.11 -42.52 -36.53
C PHE C 172 9.70 -41.27 -35.75
N LYS C 173 8.37 -41.05 -35.63
CA LYS C 173 7.83 -39.93 -34.89
C LYS C 173 6.64 -40.38 -34.04
N PRO C 174 6.81 -40.51 -32.70
CA PRO C 174 5.65 -40.87 -31.87
C PRO C 174 4.61 -39.74 -31.80
N HIS C 175 3.32 -40.12 -31.96
CA HIS C 175 2.21 -39.16 -31.84
C HIS C 175 1.53 -39.44 -30.50
N TRP C 176 1.51 -38.40 -29.64
CA TRP C 176 0.93 -38.49 -28.31
C TRP C 176 -0.58 -38.62 -28.31
N ASP C 177 -1.13 -39.40 -27.36
CA ASP C 177 -2.58 -39.53 -27.24
C ASP C 177 -3.15 -38.18 -26.78
N GLU C 178 -2.34 -37.44 -26.02
CA GLU C 178 -2.66 -36.10 -25.54
C GLU C 178 -1.49 -35.22 -25.93
N LYS C 179 -1.73 -34.39 -26.96
CA LYS C 179 -0.74 -33.51 -27.59
C LYS C 179 -0.19 -32.46 -26.65
N PHE C 180 1.04 -32.03 -26.95
CA PHE C 180 1.66 -30.92 -26.25
C PHE C 180 1.20 -29.67 -27.00
N HIS C 181 1.22 -28.54 -26.34
CA HIS C 181 0.80 -27.35 -27.06
C HIS C 181 1.94 -26.66 -27.70
N HIS C 182 1.73 -26.36 -28.97
CA HIS C 182 2.70 -25.72 -29.84
C HIS C 182 3.33 -24.47 -29.20
N LYS C 183 2.68 -23.87 -28.18
CA LYS C 183 3.23 -22.72 -27.45
C LYS C 183 3.94 -23.10 -26.13
N MET C 184 3.78 -24.36 -25.69
CA MET C 184 4.44 -24.86 -24.48
C MET C 184 5.83 -25.40 -24.88
N VAL C 185 6.58 -24.57 -25.65
CA VAL C 185 7.92 -24.82 -26.18
C VAL C 185 8.84 -23.64 -25.88
N ASP C 186 10.02 -23.92 -25.32
CA ASP C 186 10.99 -22.87 -25.00
C ASP C 186 12.39 -23.45 -24.99
N ASN C 187 13.38 -22.58 -24.75
CA ASN C 187 14.79 -22.97 -24.72
C ASN C 187 15.26 -23.28 -23.33
N ARG C 188 15.87 -24.45 -23.18
CA ARG C 188 16.38 -24.95 -21.91
C ARG C 188 17.76 -25.56 -22.11
N GLY C 189 18.48 -25.74 -21.02
CA GLY C 189 19.78 -26.38 -21.04
C GLY C 189 19.65 -27.87 -20.75
N PHE C 190 20.27 -28.71 -21.60
CA PHE C 190 20.30 -30.16 -21.39
C PHE C 190 21.68 -30.50 -20.82
N MET C 191 21.70 -31.12 -19.63
CA MET C 191 22.95 -31.51 -18.97
C MET C 191 23.43 -32.87 -19.46
N VAL C 192 24.44 -32.84 -20.34
CA VAL C 192 25.06 -34.05 -20.89
C VAL C 192 25.83 -34.71 -19.74
N THR C 193 26.56 -33.87 -18.95
CA THR C 193 27.29 -34.23 -17.73
C THR C 193 27.03 -33.11 -16.72
N ARG C 194 27.61 -33.21 -15.51
CA ARG C 194 27.46 -32.17 -14.47
C ARG C 194 28.18 -30.88 -14.88
N SER C 195 29.19 -30.99 -15.79
CA SER C 195 30.03 -29.91 -16.28
C SER C 195 29.78 -29.48 -17.75
N TYR C 196 28.98 -30.23 -18.50
CA TYR C 196 28.68 -29.91 -19.90
C TYR C 196 27.17 -29.81 -20.20
N THR C 197 26.72 -28.60 -20.56
CA THR C 197 25.33 -28.28 -20.86
C THR C 197 25.19 -27.81 -22.31
N VAL C 198 24.19 -28.39 -23.01
CA VAL C 198 23.87 -28.06 -24.39
C VAL C 198 22.49 -27.36 -24.47
N GLY C 199 22.43 -26.31 -25.28
CA GLY C 199 21.20 -25.56 -25.51
C GLY C 199 20.21 -26.36 -26.35
N VAL C 200 19.05 -26.66 -25.76
CA VAL C 200 18.03 -27.45 -26.45
C VAL C 200 16.66 -26.75 -26.42
N THR C 201 15.75 -27.24 -27.23
CA THR C 201 14.37 -26.78 -27.24
C THR C 201 13.59 -27.86 -26.47
N MET C 202 12.75 -27.45 -25.52
CA MET C 202 11.96 -28.38 -24.73
C MET C 202 10.49 -28.14 -24.86
N MET C 203 9.71 -29.21 -24.84
CA MET C 203 8.25 -29.14 -24.90
C MET C 203 7.73 -29.59 -23.52
N HIS C 204 6.66 -28.98 -23.06
CA HIS C 204 6.15 -29.22 -21.70
C HIS C 204 4.67 -29.49 -21.70
N ARG C 205 4.25 -30.44 -20.86
CA ARG C 205 2.84 -30.76 -20.70
C ARG C 205 2.60 -31.35 -19.31
N THR C 206 1.46 -31.01 -18.72
CA THR C 206 1.01 -31.59 -17.45
C THR C 206 -0.24 -32.40 -17.73
N GLY C 207 -0.22 -33.64 -17.27
CA GLY C 207 -1.35 -34.56 -17.44
C GLY C 207 -1.38 -35.69 -16.42
N LEU C 208 -2.34 -36.58 -16.59
CA LEU C 208 -2.48 -37.78 -15.78
C LEU C 208 -1.74 -38.89 -16.52
N TYR C 209 -0.62 -39.34 -15.93
CA TYR C 209 0.23 -40.36 -16.54
C TYR C 209 0.59 -41.45 -15.54
N ASN C 210 0.73 -42.68 -16.05
CA ASN C 210 1.17 -43.84 -15.30
C ASN C 210 2.61 -43.53 -14.92
N TYR C 211 2.88 -43.51 -13.62
CA TYR C 211 4.16 -43.06 -13.11
C TYR C 211 4.57 -43.86 -11.88
N TYR C 212 5.88 -44.00 -11.68
CA TYR C 212 6.50 -44.61 -10.52
C TYR C 212 7.88 -44.03 -10.31
N ASP C 213 8.12 -43.58 -9.10
CA ASP C 213 9.37 -42.98 -8.67
C ASP C 213 10.01 -44.00 -7.71
N ASP C 214 11.03 -44.74 -8.18
CA ASP C 214 11.74 -45.73 -7.36
C ASP C 214 12.81 -45.01 -6.54
N GLU C 215 12.49 -44.69 -5.27
CA GLU C 215 13.40 -44.00 -4.36
C GLU C 215 14.62 -44.86 -3.98
N LYS C 216 14.43 -46.19 -3.99
CA LYS C 216 15.48 -47.19 -3.86
C LYS C 216 15.90 -47.28 -5.33
N GLU C 217 17.19 -47.26 -5.61
CA GLU C 217 17.73 -47.28 -6.99
C GLU C 217 17.73 -45.92 -7.73
N LYS C 218 17.08 -44.88 -7.15
CA LYS C 218 17.00 -43.50 -7.60
C LYS C 218 16.71 -43.28 -9.10
N LEU C 219 15.44 -43.48 -9.48
CA LEU C 219 14.98 -43.32 -10.85
C LEU C 219 13.48 -43.01 -10.92
N GLN C 220 13.06 -42.47 -12.06
CA GLN C 220 11.66 -42.23 -12.33
C GLN C 220 11.34 -42.95 -13.63
N ILE C 221 10.11 -43.48 -13.72
CA ILE C 221 9.61 -44.16 -14.91
C ILE C 221 8.21 -43.68 -15.21
N VAL C 222 8.01 -43.14 -16.43
CA VAL C 222 6.73 -42.62 -16.89
C VAL C 222 6.30 -43.33 -18.17
N GLU C 223 4.99 -43.53 -18.32
CA GLU C 223 4.38 -44.13 -19.51
C GLU C 223 3.59 -43.05 -20.25
N MET C 224 3.92 -42.84 -21.53
CA MET C 224 3.21 -41.84 -22.34
C MET C 224 2.44 -42.52 -23.46
N PRO C 225 1.10 -42.64 -23.33
CA PRO C 225 0.33 -43.32 -24.39
C PRO C 225 0.39 -42.58 -25.72
N LEU C 226 0.53 -43.34 -26.79
CA LEU C 226 0.56 -42.79 -28.13
C LEU C 226 -0.90 -42.81 -28.65
N ALA C 227 -1.17 -42.20 -29.84
CA ALA C 227 -2.55 -42.06 -30.34
C ALA C 227 -3.42 -43.29 -30.30
N HIS C 228 -4.65 -43.11 -29.77
CA HIS C 228 -5.68 -44.13 -29.61
C HIS C 228 -5.28 -45.29 -28.72
N LYS C 229 -4.25 -45.05 -27.86
CA LYS C 229 -3.69 -45.98 -26.87
C LYS C 229 -3.22 -47.31 -27.51
N LEU C 230 -2.85 -47.27 -28.79
CA LEU C 230 -2.39 -48.43 -29.55
C LEU C 230 -1.00 -48.86 -29.14
N SER C 231 -0.20 -47.88 -28.69
CA SER C 231 1.16 -48.06 -28.21
C SER C 231 1.47 -47.02 -27.11
N SER C 232 2.64 -47.18 -26.47
CA SER C 232 3.10 -46.25 -25.44
C SER C 232 4.60 -46.04 -25.49
N LEU C 233 5.02 -44.82 -25.15
CA LEU C 233 6.44 -44.50 -25.07
C LEU C 233 6.75 -44.44 -23.59
N ILE C 234 7.67 -45.29 -23.13
CA ILE C 234 8.07 -45.39 -21.72
C ILE C 234 9.46 -44.80 -21.53
N ILE C 235 9.62 -43.89 -20.52
CA ILE C 235 10.90 -43.24 -20.24
C ILE C 235 11.44 -43.60 -18.88
N LEU C 236 12.73 -44.01 -18.84
CA LEU C 236 13.46 -44.34 -17.65
C LEU C 236 14.58 -43.32 -17.49
N MET C 237 14.60 -42.63 -16.36
CA MET C 237 15.61 -41.60 -16.13
C MET C 237 16.07 -41.57 -14.67
N PRO C 238 17.41 -41.46 -14.40
CA PRO C 238 17.86 -41.35 -13.00
C PRO C 238 17.43 -40.03 -12.38
N HIS C 239 17.41 -39.94 -11.04
CA HIS C 239 17.04 -38.71 -10.35
C HIS C 239 17.91 -37.51 -10.74
N HIS C 240 19.22 -37.69 -10.84
CA HIS C 240 20.12 -36.62 -11.29
C HIS C 240 21.03 -37.01 -12.46
N VAL C 241 21.81 -36.04 -12.98
CA VAL C 241 22.74 -36.28 -14.09
C VAL C 241 23.81 -37.28 -13.68
N GLU C 242 23.90 -38.41 -14.41
CA GLU C 242 24.85 -39.50 -14.21
C GLU C 242 24.91 -40.34 -15.48
N PRO C 243 26.02 -41.07 -15.77
CA PRO C 243 26.03 -41.93 -16.98
C PRO C 243 24.98 -43.03 -16.86
N LEU C 244 24.41 -43.47 -18.00
CA LEU C 244 23.33 -44.47 -17.99
C LEU C 244 23.67 -45.90 -17.60
N GLU C 245 24.98 -46.21 -17.54
CA GLU C 245 25.53 -47.52 -17.19
C GLU C 245 24.85 -48.18 -15.97
N ARG C 246 24.61 -47.40 -14.89
CA ARG C 246 23.99 -47.91 -13.66
C ARG C 246 22.56 -48.37 -13.89
N LEU C 247 21.74 -47.53 -14.56
CA LEU C 247 20.34 -47.83 -14.89
C LEU C 247 20.26 -49.01 -15.87
N GLU C 248 21.20 -49.09 -16.84
CA GLU C 248 21.28 -50.16 -17.84
C GLU C 248 21.47 -51.55 -17.23
N LYS C 249 22.14 -51.63 -16.06
CA LYS C 249 22.32 -52.88 -15.32
C LYS C 249 20.96 -53.37 -14.82
N LEU C 250 20.09 -52.44 -14.40
CA LEU C 250 18.75 -52.71 -13.91
C LEU C 250 17.79 -53.00 -15.06
N LEU C 251 18.06 -52.51 -16.27
CA LEU C 251 17.18 -52.71 -17.41
C LEU C 251 17.16 -54.14 -17.95
N THR C 252 16.11 -54.89 -17.57
CA THR C 252 15.84 -56.26 -18.02
C THR C 252 14.34 -56.35 -18.27
N LYS C 253 13.90 -57.37 -19.03
CA LYS C 253 12.49 -57.63 -19.33
C LYS C 253 11.68 -57.79 -18.03
N GLU C 254 12.27 -58.47 -17.04
CA GLU C 254 11.70 -58.77 -15.73
C GLU C 254 11.54 -57.51 -14.86
N GLN C 255 12.59 -56.68 -14.78
CA GLN C 255 12.59 -55.45 -13.98
C GLN C 255 11.60 -54.43 -14.56
N LEU C 256 11.39 -54.49 -15.88
CA LEU C 256 10.45 -53.61 -16.56
C LEU C 256 9.02 -53.96 -16.11
N LYS C 257 8.69 -55.27 -16.03
CA LYS C 257 7.39 -55.77 -15.57
C LYS C 257 7.08 -55.32 -14.16
N ILE C 258 8.09 -55.38 -13.24
CA ILE C 258 7.99 -54.96 -11.84
C ILE C 258 7.65 -53.47 -11.78
N TRP C 259 8.41 -52.64 -12.51
CA TRP C 259 8.22 -51.19 -12.61
C TRP C 259 6.82 -50.85 -13.12
N MET C 260 6.38 -51.50 -14.24
CA MET C 260 5.07 -51.32 -14.88
C MET C 260 3.91 -51.56 -13.91
N GLY C 261 4.03 -52.62 -13.10
CA GLY C 261 3.04 -53.01 -12.11
C GLY C 261 2.98 -52.07 -10.92
N LYS C 262 4.14 -51.48 -10.57
CA LYS C 262 4.27 -50.51 -9.47
C LYS C 262 3.76 -49.11 -9.88
N MET C 263 3.61 -48.85 -11.20
CA MET C 263 3.12 -47.57 -11.73
C MET C 263 1.65 -47.34 -11.44
N GLN C 264 1.29 -46.08 -11.23
CA GLN C 264 -0.08 -45.61 -10.99
C GLN C 264 -0.30 -44.25 -11.65
N LYS C 265 -1.56 -43.96 -12.06
CA LYS C 265 -1.90 -42.71 -12.73
C LYS C 265 -1.80 -41.54 -11.76
N LYS C 266 -0.87 -40.60 -12.08
CA LYS C 266 -0.60 -39.41 -11.25
C LYS C 266 -0.43 -38.16 -12.11
N ALA C 267 -0.56 -36.96 -11.49
CA ALA C 267 -0.36 -35.67 -12.15
C ALA C 267 1.15 -35.55 -12.38
N VAL C 268 1.58 -35.58 -13.65
CA VAL C 268 3.00 -35.49 -14.01
C VAL C 268 3.18 -34.36 -15.02
N ALA C 269 4.12 -33.46 -14.73
CA ALA C 269 4.49 -32.37 -15.60
C ALA C 269 5.71 -32.92 -16.32
N ILE C 270 5.53 -33.32 -17.59
CA ILE C 270 6.58 -33.89 -18.42
C ILE C 270 7.23 -32.81 -19.26
N SER C 271 8.56 -32.70 -19.17
CA SER C 271 9.35 -31.79 -19.98
C SER C 271 10.33 -32.64 -20.78
N LEU C 272 10.28 -32.51 -22.12
CA LEU C 272 11.10 -33.31 -23.01
C LEU C 272 11.81 -32.48 -24.05
N PRO C 273 13.06 -32.87 -24.45
CA PRO C 273 13.72 -32.16 -25.56
C PRO C 273 12.90 -32.36 -26.84
N LYS C 274 12.74 -31.30 -27.64
CA LYS C 274 12.00 -31.30 -28.89
C LYS C 274 12.99 -31.22 -30.03
N GLY C 275 12.93 -32.16 -30.97
CA GLY C 275 13.82 -32.21 -32.12
C GLY C 275 14.02 -33.58 -32.69
N VAL C 276 14.82 -33.66 -33.77
CA VAL C 276 15.13 -34.89 -34.49
C VAL C 276 16.47 -35.43 -34.00
N VAL C 277 16.49 -36.68 -33.57
CA VAL C 277 17.70 -37.38 -33.16
C VAL C 277 18.06 -38.34 -34.31
N GLU C 278 19.24 -38.13 -34.96
CA GLU C 278 19.74 -38.93 -36.07
C GLU C 278 20.88 -39.86 -35.59
N VAL C 279 20.69 -41.19 -35.71
CA VAL C 279 21.67 -42.19 -35.27
C VAL C 279 21.84 -43.28 -36.32
N THR C 280 23.10 -43.63 -36.62
CA THR C 280 23.40 -44.73 -37.54
C THR C 280 24.27 -45.73 -36.81
N HIS C 281 23.80 -46.98 -36.73
CA HIS C 281 24.57 -48.05 -36.09
C HIS C 281 24.93 -49.08 -37.17
N ASP C 282 26.11 -49.75 -37.04
CA ASP C 282 26.47 -50.88 -37.92
C ASP C 282 26.33 -52.10 -37.01
N LEU C 283 25.27 -52.89 -37.22
CA LEU C 283 24.92 -54.05 -36.41
C LEU C 283 25.80 -55.30 -36.63
N GLN C 284 26.68 -55.27 -37.64
CA GLN C 284 27.58 -56.36 -38.05
C GLN C 284 28.29 -57.09 -36.87
N LYS C 285 29.20 -56.39 -36.16
CA LYS C 285 29.98 -56.98 -35.06
C LYS C 285 29.15 -57.46 -33.87
N HIS C 286 28.10 -56.69 -33.53
CA HIS C 286 27.18 -56.98 -32.41
C HIS C 286 26.37 -58.24 -32.66
N LEU C 287 25.72 -58.36 -33.85
CA LEU C 287 24.96 -59.53 -34.28
C LEU C 287 25.87 -60.78 -34.32
N ALA C 288 27.16 -60.59 -34.68
CA ALA C 288 28.15 -61.65 -34.73
C ALA C 288 28.46 -62.18 -33.32
N GLY C 289 28.50 -61.26 -32.35
CA GLY C 289 28.69 -61.58 -30.94
C GLY C 289 27.46 -62.25 -30.35
N LEU C 290 26.29 -62.09 -31.03
CA LEU C 290 24.98 -62.64 -30.65
C LEU C 290 24.66 -64.06 -31.17
N GLY C 291 25.49 -64.58 -32.07
CA GLY C 291 25.32 -65.93 -32.63
C GLY C 291 25.45 -66.05 -34.14
N LEU C 292 25.38 -64.91 -34.86
CA LEU C 292 25.50 -64.85 -36.31
C LEU C 292 26.97 -64.67 -36.72
N THR C 293 27.76 -65.74 -36.62
CA THR C 293 29.19 -65.74 -36.96
C THR C 293 29.47 -66.09 -38.43
N GLU C 294 28.78 -67.10 -38.99
CA GLU C 294 28.98 -67.57 -40.37
C GLU C 294 28.64 -66.54 -41.45
N ALA C 295 27.46 -65.87 -41.33
CA ALA C 295 26.98 -64.87 -42.31
C ALA C 295 27.92 -63.69 -42.56
N ILE C 296 28.64 -63.26 -41.51
CA ILE C 296 29.58 -62.13 -41.44
C ILE C 296 30.97 -62.47 -42.00
N ASP C 297 31.34 -63.76 -42.01
CA ASP C 297 32.64 -64.26 -42.45
C ASP C 297 32.67 -64.55 -43.96
N LYS C 298 33.49 -63.80 -44.71
CA LYS C 298 33.69 -63.94 -46.17
C LYS C 298 33.86 -65.41 -46.65
N ASP C 302 27.44 -68.79 -46.39
CA ASP C 302 26.68 -69.40 -47.47
C ASP C 302 25.38 -68.64 -47.66
N LEU C 303 25.38 -67.67 -48.59
CA LEU C 303 24.20 -66.88 -48.94
C LEU C 303 23.80 -67.21 -50.40
N SER C 304 23.99 -68.49 -50.80
CA SER C 304 23.70 -68.99 -52.15
C SER C 304 22.24 -68.83 -52.62
N ARG C 305 21.29 -68.70 -51.68
CA ARG C 305 19.88 -68.50 -52.03
C ARG C 305 19.64 -67.05 -52.53
N MET C 306 20.54 -66.11 -52.17
CA MET C 306 20.51 -64.70 -52.59
C MET C 306 21.04 -64.55 -54.02
N LEU C 314 27.79 -61.15 -45.55
CA LEU C 314 27.19 -59.95 -44.95
C LEU C 314 28.28 -59.04 -44.38
N ALA C 315 28.58 -57.95 -45.11
CA ALA C 315 29.62 -56.99 -44.74
C ALA C 315 29.17 -56.02 -43.65
N SER C 316 27.93 -55.53 -43.74
CA SER C 316 27.38 -54.58 -42.78
C SER C 316 25.86 -54.69 -42.75
N VAL C 317 25.29 -54.45 -41.56
CA VAL C 317 23.87 -54.41 -41.30
C VAL C 317 23.66 -53.01 -40.75
N PHE C 318 23.47 -52.04 -41.63
CA PHE C 318 23.21 -50.68 -41.18
C PHE C 318 21.79 -50.54 -40.63
N HIS C 319 21.66 -49.76 -39.56
CA HIS C 319 20.41 -49.49 -38.86
C HIS C 319 20.45 -47.99 -38.58
N ALA C 320 19.86 -47.21 -39.49
CA ALA C 320 19.88 -45.75 -39.43
C ALA C 320 18.48 -45.17 -39.18
N THR C 321 18.39 -44.28 -38.17
CA THR C 321 17.10 -43.72 -37.74
C THR C 321 17.17 -42.24 -37.49
N ALA C 322 16.09 -41.56 -37.87
CA ALA C 322 15.78 -40.16 -37.56
C ALA C 322 14.55 -40.29 -36.66
N PHE C 323 14.71 -40.12 -35.35
CA PHE C 323 13.64 -40.20 -34.37
C PHE C 323 13.26 -38.79 -34.01
N GLU C 324 12.00 -38.41 -34.26
CA GLU C 324 11.56 -37.05 -33.97
C GLU C 324 10.67 -36.93 -32.73
N TRP C 325 11.11 -36.09 -31.81
CA TRP C 325 10.36 -35.72 -30.60
C TRP C 325 9.65 -34.42 -30.95
N ASP C 326 8.32 -34.50 -31.14
CA ASP C 326 7.50 -33.35 -31.53
C ASP C 326 6.31 -33.19 -30.60
N THR C 327 5.64 -32.01 -30.65
CA THR C 327 4.49 -31.68 -29.81
C THR C 327 3.20 -32.36 -30.26
N GLU C 328 3.10 -32.65 -31.57
CA GLU C 328 1.93 -33.23 -32.21
C GLU C 328 1.41 -34.52 -31.64
N GLY C 329 0.11 -34.60 -31.55
CA GLY C 329 -0.59 -35.79 -31.09
C GLY C 329 -2.00 -35.83 -31.61
N ASN C 330 -2.82 -36.66 -30.96
CA ASN C 330 -4.21 -36.91 -31.29
C ASN C 330 -5.07 -35.62 -31.25
N PRO C 331 -5.69 -35.24 -32.40
CA PRO C 331 -6.50 -34.00 -32.44
C PRO C 331 -7.68 -33.93 -31.47
N GLU C 341 -7.16 -31.24 -9.81
CA GLU C 341 -6.79 -32.55 -10.33
C GLU C 341 -5.32 -32.61 -10.75
N LEU C 342 -4.90 -31.69 -11.63
CA LEU C 342 -3.52 -31.63 -12.12
C LEU C 342 -2.69 -30.64 -11.30
N ARG C 343 -3.14 -30.39 -10.06
CA ARG C 343 -2.54 -29.50 -9.06
C ARG C 343 -1.30 -30.19 -8.51
N SER C 344 -0.32 -29.40 -8.03
CA SER C 344 0.97 -29.92 -7.57
C SER C 344 1.49 -31.25 -8.26
N PRO C 345 1.77 -31.18 -9.58
CA PRO C 345 2.27 -32.37 -10.29
C PRO C 345 3.71 -32.75 -9.91
N LYS C 346 4.08 -34.00 -10.19
CA LYS C 346 5.43 -34.51 -10.01
C LYS C 346 6.15 -34.09 -11.28
N LEU C 347 7.41 -33.68 -11.18
CA LEU C 347 8.15 -33.27 -12.37
C LEU C 347 8.89 -34.46 -12.96
N PHE C 348 8.81 -34.59 -14.29
CA PHE C 348 9.57 -35.54 -15.11
C PHE C 348 10.30 -34.63 -16.09
N TYR C 349 11.36 -33.98 -15.59
CA TYR C 349 12.17 -32.98 -16.28
C TYR C 349 13.38 -33.66 -16.94
N ALA C 350 13.21 -34.05 -18.21
CA ALA C 350 14.21 -34.77 -19.00
C ALA C 350 15.31 -33.88 -19.57
N ASP C 351 16.09 -33.24 -18.68
CA ASP C 351 17.20 -32.35 -19.04
C ASP C 351 18.57 -33.04 -18.79
N HIS C 352 18.55 -34.38 -18.74
CA HIS C 352 19.74 -35.20 -18.54
C HIS C 352 19.52 -36.57 -19.24
N PRO C 353 20.59 -37.39 -19.50
CA PRO C 353 20.38 -38.65 -20.24
C PRO C 353 19.31 -39.60 -19.72
N PHE C 354 18.54 -40.19 -20.65
CA PHE C 354 17.45 -41.10 -20.35
C PHE C 354 17.35 -42.24 -21.36
N ILE C 355 16.64 -43.32 -20.95
CA ILE C 355 16.35 -44.51 -21.73
C ILE C 355 14.87 -44.44 -22.08
N PHE C 356 14.52 -44.93 -23.27
CA PHE C 356 13.14 -44.96 -23.71
C PHE C 356 12.88 -46.21 -24.53
N LEU C 357 11.62 -46.64 -24.51
CA LEU C 357 11.10 -47.81 -25.22
C LEU C 357 9.77 -47.38 -25.80
N VAL C 358 9.42 -47.92 -26.98
CA VAL C 358 8.12 -47.70 -27.63
C VAL C 358 7.52 -49.08 -27.74
N ARG C 359 6.38 -49.28 -27.08
CA ARG C 359 5.78 -50.60 -26.96
C ARG C 359 4.34 -50.63 -27.46
N ASP C 360 3.99 -51.67 -28.25
CA ASP C 360 2.62 -51.92 -28.73
C ASP C 360 1.80 -52.34 -27.52
N THR C 361 0.63 -51.70 -27.33
CA THR C 361 -0.24 -51.98 -26.16
C THR C 361 -0.80 -53.39 -26.12
N GLN C 362 -1.37 -53.85 -27.24
CA GLN C 362 -1.98 -55.17 -27.35
C GLN C 362 -0.98 -56.32 -27.14
N SER C 363 0.03 -56.43 -28.05
CA SER C 363 1.04 -57.49 -28.05
C SER C 363 2.19 -57.35 -27.04
N GLY C 364 2.52 -56.11 -26.66
CA GLY C 364 3.65 -55.86 -25.77
C GLY C 364 4.95 -55.83 -26.52
N SER C 365 4.88 -55.96 -27.87
CA SER C 365 6.04 -55.96 -28.76
C SER C 365 6.72 -54.59 -28.83
N LEU C 366 8.05 -54.59 -28.75
CA LEU C 366 8.86 -53.38 -28.80
C LEU C 366 9.08 -52.88 -30.22
N LEU C 367 8.61 -51.65 -30.48
CA LEU C 367 8.81 -50.97 -31.75
C LEU C 367 10.18 -50.30 -31.70
N PHE C 368 10.60 -49.82 -30.50
CA PHE C 368 11.86 -49.12 -30.29
C PHE C 368 12.40 -49.25 -28.91
N ILE C 369 13.74 -49.23 -28.81
CA ILE C 369 14.52 -49.18 -27.59
C ILE C 369 15.68 -48.23 -27.93
N GLY C 370 15.98 -47.33 -27.01
CA GLY C 370 17.06 -46.38 -27.24
C GLY C 370 17.40 -45.56 -26.03
N ARG C 371 18.28 -44.58 -26.22
CA ARG C 371 18.71 -43.65 -25.18
C ARG C 371 19.14 -42.31 -25.75
N LEU C 372 18.88 -41.24 -25.02
CA LEU C 372 19.30 -39.93 -25.43
C LEU C 372 20.33 -39.47 -24.43
N VAL C 373 21.60 -39.42 -24.86
CA VAL C 373 22.73 -39.03 -24.02
C VAL C 373 23.22 -37.65 -24.45
N ARG C 374 23.20 -37.35 -25.76
CA ARG C 374 23.65 -36.06 -26.27
C ARG C 374 22.80 -35.57 -27.45
N PRO C 375 21.87 -34.61 -27.23
CA PRO C 375 21.09 -34.09 -28.37
C PRO C 375 21.90 -33.07 -29.20
N LYS C 376 21.37 -32.67 -30.38
CA LYS C 376 21.98 -31.68 -31.29
C LYS C 376 21.97 -30.30 -30.62
N LEU D 2 20.68 17.62 -12.96
CA LEU D 2 20.57 17.99 -14.36
C LEU D 2 21.42 19.22 -14.70
N SER D 3 21.29 20.34 -13.93
CA SER D 3 22.00 21.60 -14.20
C SER D 3 23.50 21.48 -13.94
N PRO D 4 24.39 22.33 -14.56
CA PRO D 4 25.84 22.19 -14.31
C PRO D 4 26.24 22.04 -12.85
N LYS D 5 25.69 22.89 -11.94
CA LYS D 5 25.97 22.82 -10.50
C LYS D 5 25.58 21.47 -9.90
N ALA D 6 24.38 20.95 -10.24
CA ALA D 6 23.93 19.63 -9.77
C ALA D 6 24.88 18.54 -10.29
N ALA D 7 25.22 18.54 -11.61
CA ALA D 7 26.13 17.59 -12.26
C ALA D 7 27.54 17.61 -11.62
N THR D 8 28.05 18.83 -11.35
CA THR D 8 29.34 19.10 -10.70
C THR D 8 29.41 18.45 -9.31
N LEU D 9 28.34 18.61 -8.48
CA LEU D 9 28.28 18.04 -7.14
C LEU D 9 28.09 16.52 -7.18
N ALA D 10 27.40 15.99 -8.21
CA ALA D 10 27.14 14.55 -8.37
C ALA D 10 28.45 13.81 -8.61
N GLU D 11 29.40 14.48 -9.28
CA GLU D 11 30.75 13.98 -9.56
C GLU D 11 31.60 13.98 -8.26
N ARG D 12 30.95 14.21 -7.07
CA ARG D 12 31.51 14.29 -5.72
C ARG D 12 30.72 13.46 -4.69
N SER D 13 29.38 13.33 -4.88
CA SER D 13 28.56 12.46 -4.03
C SER D 13 28.83 10.99 -4.45
N ALA D 14 29.47 10.83 -5.63
CA ALA D 14 29.89 9.58 -6.28
C ALA D 14 31.04 8.93 -5.51
N GLY D 15 32.04 9.71 -5.12
CA GLY D 15 33.17 9.24 -4.32
C GLY D 15 32.76 8.93 -2.89
N LEU D 16 31.94 9.82 -2.27
CA LEU D 16 31.44 9.74 -0.91
C LEU D 16 30.67 8.44 -0.64
N ALA D 17 29.87 8.01 -1.63
CA ALA D 17 29.06 6.79 -1.67
C ALA D 17 29.88 5.54 -1.36
N PHE D 18 31.08 5.45 -1.97
CA PHE D 18 31.98 4.31 -1.82
C PHE D 18 32.75 4.37 -0.51
N SER D 19 33.26 5.57 -0.14
CA SER D 19 33.99 5.78 1.12
C SER D 19 33.12 5.44 2.33
N LEU D 20 31.87 5.95 2.35
CA LEU D 20 30.96 5.71 3.44
C LEU D 20 30.48 4.25 3.55
N TYR D 21 30.18 3.59 2.42
CA TYR D 21 29.81 2.19 2.41
C TYR D 21 30.97 1.33 2.94
N GLN D 22 32.19 1.56 2.43
CA GLN D 22 33.37 0.83 2.87
C GLN D 22 33.63 0.99 4.36
N ALA D 23 33.53 2.23 4.86
CA ALA D 23 33.71 2.56 6.28
C ALA D 23 32.80 1.64 7.14
N MET D 24 31.53 1.61 6.78
CA MET D 24 30.47 0.85 7.41
C MET D 24 30.62 -0.67 7.28
N ALA D 25 31.05 -1.13 6.10
CA ALA D 25 31.31 -2.54 5.81
C ALA D 25 32.45 -3.10 6.70
N LYS D 26 33.41 -2.23 7.11
CA LYS D 26 34.52 -2.58 7.99
C LYS D 26 34.08 -2.76 9.45
N ASP D 27 33.03 -2.04 9.88
CA ASP D 27 32.45 -2.13 11.22
C ASP D 27 31.76 -3.49 11.42
N GLN D 28 32.27 -4.28 12.36
CA GLN D 28 31.78 -5.62 12.68
C GLN D 28 30.40 -5.71 13.31
N ALA D 29 29.91 -4.61 13.94
CA ALA D 29 28.56 -4.56 14.53
C ALA D 29 27.46 -4.45 13.44
N VAL D 30 27.83 -3.92 12.28
CA VAL D 30 26.97 -3.68 11.13
C VAL D 30 26.64 -4.98 10.37
N GLU D 31 25.33 -5.20 10.06
CA GLU D 31 24.87 -6.33 9.25
C GLU D 31 24.43 -5.75 7.89
N ASN D 32 23.13 -5.43 7.74
CA ASN D 32 22.62 -4.84 6.50
C ASN D 32 23.02 -3.38 6.43
N ILE D 33 23.23 -2.89 5.20
CA ILE D 33 23.61 -1.50 4.92
C ILE D 33 22.62 -0.86 3.98
N LEU D 34 22.21 0.37 4.27
CA LEU D 34 21.32 1.16 3.41
C LEU D 34 21.76 2.62 3.47
N LEU D 35 22.36 3.11 2.38
CA LEU D 35 22.82 4.48 2.35
C LEU D 35 22.36 5.22 1.14
N SER D 36 21.86 6.44 1.34
CA SER D 36 21.54 7.32 0.23
C SER D 36 22.66 8.35 0.16
N PRO D 37 23.57 8.27 -0.87
CA PRO D 37 24.68 9.21 -0.98
C PRO D 37 24.27 10.68 -1.03
N VAL D 38 23.19 11.02 -1.75
CA VAL D 38 22.69 12.39 -1.86
C VAL D 38 22.23 12.88 -0.50
N VAL D 39 21.53 12.02 0.28
CA VAL D 39 21.02 12.37 1.59
C VAL D 39 22.19 12.56 2.55
N VAL D 40 23.19 11.66 2.50
CA VAL D 40 24.39 11.78 3.32
C VAL D 40 25.09 13.10 3.00
N ALA D 41 25.27 13.42 1.70
CA ALA D 41 25.90 14.65 1.22
C ALA D 41 25.16 15.90 1.70
N SER D 42 23.81 15.86 1.68
CA SER D 42 22.98 16.97 2.16
C SER D 42 23.18 17.24 3.66
N SER D 43 23.53 16.20 4.44
CA SER D 43 23.81 16.33 5.87
C SER D 43 25.11 17.11 6.07
N LEU D 44 26.12 16.85 5.22
CA LEU D 44 27.39 17.57 5.23
C LEU D 44 27.17 19.00 4.78
N GLY D 45 26.25 19.21 3.84
CA GLY D 45 25.88 20.55 3.39
C GLY D 45 25.27 21.35 4.53
N LEU D 46 24.40 20.70 5.35
CA LEU D 46 23.73 21.31 6.51
C LEU D 46 24.74 21.74 7.56
N VAL D 47 25.80 20.93 7.78
CA VAL D 47 26.90 21.20 8.69
C VAL D 47 27.71 22.41 8.16
N SER D 48 27.94 22.46 6.84
CA SER D 48 28.65 23.59 6.22
C SER D 48 27.78 24.85 6.31
N LEU D 49 26.46 24.71 6.08
CA LEU D 49 25.49 25.81 6.17
C LEU D 49 25.35 26.34 7.60
N GLY D 50 25.32 25.44 8.58
CA GLY D 50 25.19 25.80 9.99
C GLY D 50 26.48 26.05 10.73
N GLY D 51 27.60 25.76 10.11
CA GLY D 51 28.91 25.90 10.75
C GLY D 51 29.79 27.02 10.25
N LYS D 52 30.87 27.26 11.01
CA LYS D 52 31.88 28.27 10.72
C LYS D 52 33.26 27.64 10.73
N ALA D 53 34.23 28.32 10.07
CA ALA D 53 35.63 27.94 9.99
C ALA D 53 35.87 26.46 9.66
N THR D 54 36.71 25.77 10.46
CA THR D 54 37.09 24.37 10.31
C THR D 54 35.95 23.36 10.41
N THR D 55 34.94 23.63 11.27
CA THR D 55 33.75 22.78 11.40
C THR D 55 33.10 22.68 10.01
N ALA D 56 32.89 23.85 9.35
CA ALA D 56 32.28 23.92 8.03
C ALA D 56 33.21 23.45 6.90
N SER D 57 34.49 23.84 6.94
CA SER D 57 35.46 23.46 5.89
C SER D 57 35.72 21.96 5.79
N GLN D 58 35.67 21.25 6.94
CA GLN D 58 35.83 19.80 7.01
C GLN D 58 34.64 19.10 6.37
N ALA D 59 33.43 19.64 6.57
CA ALA D 59 32.20 19.11 5.96
C ALA D 59 32.34 19.13 4.42
N LYS D 60 32.77 20.27 3.85
CA LYS D 60 33.00 20.43 2.40
C LYS D 60 34.10 19.49 1.93
N ALA D 61 35.16 19.29 2.77
CA ALA D 61 36.28 18.39 2.47
C ALA D 61 35.83 16.94 2.39
N VAL D 62 34.93 16.47 3.32
CA VAL D 62 34.41 15.09 3.31
C VAL D 62 33.63 14.85 2.01
N LEU D 63 33.00 15.94 1.48
CA LEU D 63 32.24 15.97 0.24
C LEU D 63 33.13 16.16 -0.99
N SER D 64 34.45 16.41 -0.80
CA SER D 64 35.46 16.74 -1.85
C SER D 64 34.99 17.99 -2.62
N ALA D 65 34.33 18.89 -1.89
CA ALA D 65 33.74 20.13 -2.39
C ALA D 65 34.39 21.38 -1.80
N GLU D 66 35.57 21.23 -1.15
CA GLU D 66 36.31 22.32 -0.53
C GLU D 66 36.78 23.39 -1.54
N GLN D 67 36.94 22.99 -2.81
CA GLN D 67 37.38 23.82 -3.94
C GLN D 67 36.18 24.52 -4.65
N LEU D 68 34.94 24.30 -4.16
CA LEU D 68 33.71 24.92 -4.68
C LEU D 68 33.24 25.99 -3.71
N ARG D 69 32.55 27.02 -4.21
CA ARG D 69 31.98 28.10 -3.40
C ARG D 69 30.81 27.53 -2.59
N ASP D 70 30.57 28.09 -1.38
CA ASP D 70 29.47 27.68 -0.50
C ASP D 70 28.13 27.68 -1.23
N GLU D 71 27.86 28.75 -1.98
CA GLU D 71 26.65 28.96 -2.79
C GLU D 71 26.42 27.82 -3.78
N GLU D 72 27.51 27.41 -4.50
CA GLU D 72 27.51 26.35 -5.51
C GLU D 72 27.18 25.01 -4.88
N VAL D 73 27.77 24.74 -3.72
CA VAL D 73 27.57 23.51 -2.97
C VAL D 73 26.10 23.38 -2.57
N HIS D 74 25.56 24.35 -1.79
CA HIS D 74 24.17 24.36 -1.31
C HIS D 74 23.11 24.30 -2.42
N ALA D 75 23.32 25.06 -3.52
CA ALA D 75 22.44 25.10 -4.69
C ALA D 75 22.53 23.80 -5.46
N GLY D 76 23.76 23.36 -5.72
CA GLY D 76 24.05 22.11 -6.42
C GLY D 76 23.46 20.92 -5.70
N LEU D 77 23.68 20.85 -4.35
CA LEU D 77 23.15 19.77 -3.49
C LEU D 77 21.64 19.81 -3.39
N GLY D 78 21.09 21.02 -3.13
CA GLY D 78 19.65 21.27 -3.05
C GLY D 78 18.93 20.72 -4.26
N GLU D 79 19.41 21.12 -5.43
CA GLU D 79 18.92 20.71 -6.74
C GLU D 79 19.06 19.20 -6.94
N LEU D 80 20.25 18.63 -6.63
CA LEU D 80 20.55 17.20 -6.73
C LEU D 80 19.56 16.34 -5.95
N LEU D 81 19.21 16.80 -4.73
CA LEU D 81 18.27 16.19 -3.79
C LEU D 81 16.83 16.22 -4.39
N ARG D 82 16.39 17.40 -4.87
CA ARG D 82 15.06 17.56 -5.48
C ARG D 82 14.91 16.74 -6.78
N SER D 83 15.97 16.71 -7.63
CA SER D 83 16.05 15.95 -8.89
C SER D 83 15.85 14.44 -8.69
N VAL D 92 10.91 4.16 -7.77
CA VAL D 92 10.15 5.38 -8.03
C VAL D 92 9.51 5.97 -6.77
N THR D 93 8.98 5.13 -5.83
CA THR D 93 8.40 5.60 -4.56
C THR D 93 9.54 5.92 -3.62
N TRP D 94 9.60 7.17 -3.19
CA TRP D 94 10.65 7.70 -2.32
C TRP D 94 10.12 8.78 -1.36
N LYS D 95 9.93 8.39 -0.09
CA LYS D 95 9.51 9.26 1.00
C LYS D 95 10.76 9.66 1.78
N LEU D 96 10.95 10.97 1.96
CA LEU D 96 12.12 11.47 2.66
C LEU D 96 11.75 12.61 3.57
N GLY D 97 12.28 12.59 4.77
CA GLY D 97 12.13 13.63 5.77
C GLY D 97 13.50 13.83 6.36
N SER D 98 13.81 15.07 6.71
CA SER D 98 15.09 15.43 7.33
C SER D 98 14.81 16.36 8.47
N ARG D 99 15.13 15.92 9.68
CA ARG D 99 14.86 16.75 10.86
C ARG D 99 16.06 16.91 11.78
N LEU D 100 16.30 18.16 12.18
CA LEU D 100 17.36 18.52 13.12
C LEU D 100 16.71 18.71 14.48
N TYR D 101 17.13 17.89 15.47
CA TYR D 101 16.66 17.95 16.86
C TYR D 101 17.76 18.59 17.67
N GLY D 102 17.37 19.55 18.48
CA GLY D 102 18.25 20.28 19.37
C GLY D 102 17.70 20.23 20.78
N PRO D 103 18.55 20.36 21.83
CA PRO D 103 18.02 20.36 23.21
C PRO D 103 17.03 21.50 23.45
N SER D 104 16.12 21.34 24.42
CA SER D 104 15.10 22.33 24.78
C SER D 104 15.68 23.72 25.10
N SER D 105 16.92 23.74 25.64
CA SER D 105 17.69 24.93 26.01
C SER D 105 18.26 25.70 24.77
N VAL D 106 17.98 25.22 23.54
CA VAL D 106 18.47 25.83 22.31
C VAL D 106 17.36 26.51 21.49
N SER D 107 17.74 27.48 20.63
CA SER D 107 16.85 28.20 19.71
C SER D 107 17.55 28.35 18.36
N PHE D 108 16.93 27.82 17.30
CA PHE D 108 17.48 27.86 15.94
C PHE D 108 17.31 29.26 15.32
N ALA D 109 18.38 29.76 14.67
CA ALA D 109 18.44 31.05 13.99
C ALA D 109 17.53 31.07 12.75
N GLU D 110 16.84 32.19 12.56
CA GLU D 110 15.88 32.47 11.49
C GLU D 110 16.48 32.25 10.10
N ASP D 111 17.68 32.82 9.86
CA ASP D 111 18.44 32.74 8.60
C ASP D 111 18.77 31.28 8.25
N PHE D 112 19.27 30.50 9.23
CA PHE D 112 19.60 29.09 9.06
C PHE D 112 18.34 28.27 8.77
N VAL D 113 17.25 28.47 9.55
CA VAL D 113 15.97 27.76 9.38
C VAL D 113 15.49 27.92 7.92
N ARG D 114 15.48 29.19 7.43
CA ARG D 114 15.07 29.57 6.07
C ARG D 114 15.95 28.89 5.01
N SER D 115 17.28 29.10 5.08
CA SER D 115 18.24 28.53 4.13
C SER D 115 18.31 26.98 4.18
N SER D 116 18.18 26.35 5.39
CA SER D 116 18.18 24.89 5.54
C SER D 116 16.95 24.26 4.91
N LYS D 117 15.80 24.96 5.03
CA LYS D 117 14.53 24.56 4.45
C LYS D 117 14.63 24.67 2.91
N GLN D 118 15.07 25.84 2.40
CA GLN D 118 15.21 26.14 0.97
C GLN D 118 16.12 25.15 0.24
N HIS D 119 17.33 24.89 0.79
CA HIS D 119 18.30 23.99 0.18
C HIS D 119 18.08 22.54 0.49
N TYR D 120 17.90 22.21 1.78
CA TYR D 120 17.86 20.80 2.20
C TYR D 120 16.54 20.23 2.70
N ASN D 121 15.46 21.04 2.66
CA ASN D 121 14.11 20.68 3.14
C ASN D 121 14.18 20.22 4.60
N CYS D 122 15.12 20.79 5.37
CA CYS D 122 15.36 20.47 6.76
C CYS D 122 14.32 21.04 7.69
N GLU D 123 13.86 20.18 8.61
CA GLU D 123 12.86 20.49 9.62
C GLU D 123 13.58 20.67 10.94
N HIS D 124 12.99 21.44 11.86
CA HIS D 124 13.60 21.79 13.15
C HIS D 124 12.67 21.49 14.32
N SER D 125 13.22 20.86 15.38
CA SER D 125 12.47 20.50 16.58
C SER D 125 13.32 20.62 17.85
N LYS D 126 12.67 21.01 18.95
CA LYS D 126 13.28 21.11 20.27
C LYS D 126 12.90 19.82 21.00
N ILE D 127 13.87 19.19 21.68
CA ILE D 127 13.64 17.91 22.37
C ILE D 127 14.27 17.81 23.77
N ASN D 128 13.49 17.25 24.71
CA ASN D 128 13.88 17.06 26.11
C ASN D 128 14.17 15.59 26.40
N PHE D 129 15.44 15.28 26.77
CA PHE D 129 15.86 13.94 27.11
C PHE D 129 15.63 13.54 28.56
N ARG D 130 14.94 14.41 29.34
CA ARG D 130 14.56 14.16 30.74
C ARG D 130 13.82 12.82 30.80
N ASP D 131 12.90 12.60 29.84
CA ASP D 131 12.21 11.35 29.67
C ASP D 131 12.73 10.78 28.36
N LYS D 132 13.73 9.87 28.43
CA LYS D 132 14.32 9.22 27.26
C LYS D 132 13.27 8.48 26.40
N ARG D 133 12.22 7.94 27.03
CA ARG D 133 11.12 7.24 26.34
C ARG D 133 10.32 8.20 25.47
N SER D 134 9.96 9.39 26.02
CA SER D 134 9.22 10.44 25.31
C SER D 134 10.02 11.05 24.17
N ALA D 135 11.35 11.17 24.33
CA ALA D 135 12.23 11.69 23.28
C ALA D 135 12.32 10.67 22.12
N LEU D 136 12.45 9.36 22.44
CA LEU D 136 12.50 8.28 21.45
C LEU D 136 11.16 8.19 20.73
N GLN D 137 10.08 8.40 21.48
CA GLN D 137 8.70 8.38 21.00
C GLN D 137 8.49 9.46 19.93
N SER D 138 9.00 10.69 20.16
CA SER D 138 8.90 11.81 19.22
C SER D 138 9.62 11.52 17.90
N ILE D 139 10.89 11.09 17.98
CA ILE D 139 11.72 10.76 16.83
C ILE D 139 11.06 9.63 16.03
N ASN D 140 10.62 8.57 16.74
CA ASN D 140 10.04 7.39 16.09
C ASN D 140 8.72 7.72 15.37
N GLU D 141 7.84 8.46 16.03
CA GLU D 141 6.56 8.90 15.49
C GLU D 141 6.76 9.80 14.28
N TRP D 142 7.74 10.73 14.34
CA TRP D 142 8.03 11.62 13.22
C TRP D 142 8.48 10.82 11.99
N ALA D 143 9.30 9.77 12.18
CA ALA D 143 9.79 8.93 11.09
C ALA D 143 8.68 8.04 10.54
N ALA D 144 7.82 7.55 11.43
CA ALA D 144 6.66 6.72 11.09
C ALA D 144 5.74 7.51 10.16
N GLN D 145 5.40 8.79 10.53
CA GLN D 145 4.52 9.62 9.70
C GLN D 145 5.16 10.00 8.36
N THR D 146 6.48 10.29 8.35
CA THR D 146 7.27 10.63 7.18
C THR D 146 7.20 9.51 6.14
N THR D 147 7.27 8.25 6.61
CA THR D 147 7.28 7.04 5.79
C THR D 147 5.94 6.29 5.77
N ASP D 148 4.87 6.91 6.32
CA ASP D 148 3.50 6.35 6.44
C ASP D 148 3.50 4.94 7.04
N GLY D 149 4.25 4.78 8.12
CA GLY D 149 4.35 3.52 8.86
C GLY D 149 5.36 2.51 8.34
N LYS D 150 6.01 2.78 7.21
CA LYS D 150 7.00 1.85 6.64
C LYS D 150 8.28 1.78 7.48
N LEU D 151 8.61 2.88 8.19
CA LEU D 151 9.74 2.95 9.08
C LEU D 151 9.18 3.36 10.45
N PRO D 152 8.67 2.40 11.25
CA PRO D 152 8.04 2.79 12.54
C PRO D 152 8.99 3.12 13.70
N GLU D 153 10.26 2.73 13.57
CA GLU D 153 11.25 2.97 14.62
C GLU D 153 12.58 3.36 14.01
N VAL D 154 13.23 4.38 14.61
CA VAL D 154 14.56 4.82 14.18
C VAL D 154 15.60 4.18 15.08
N THR D 155 15.55 4.49 16.38
CA THR D 155 16.52 3.93 17.33
C THR D 155 15.86 3.54 18.64
N LYS D 156 16.47 2.59 19.35
CA LYS D 156 16.02 2.11 20.65
C LYS D 156 16.78 2.83 21.78
N ASP D 157 17.81 3.64 21.42
CA ASP D 157 18.62 4.41 22.36
C ASP D 157 19.37 5.57 21.68
N VAL D 158 19.52 6.69 22.42
CA VAL D 158 20.30 7.85 22.02
C VAL D 158 21.42 8.00 23.08
N GLU D 159 22.65 7.62 22.67
CA GLU D 159 23.86 7.63 23.50
C GLU D 159 24.29 9.03 23.93
N ARG D 160 24.18 10.04 23.03
CA ARG D 160 24.59 11.43 23.31
C ARG D 160 23.40 12.39 23.29
N THR D 161 23.12 13.00 24.45
CA THR D 161 21.98 13.86 24.77
C THR D 161 22.15 15.39 24.63
N ASP D 162 23.33 15.92 24.98
CA ASP D 162 23.72 17.35 25.00
C ASP D 162 24.00 18.01 23.62
N GLY D 163 23.87 17.27 22.55
CA GLY D 163 24.15 17.82 21.22
C GLY D 163 22.97 17.86 20.28
N ALA D 164 23.26 18.11 19.01
CA ALA D 164 22.28 18.14 17.94
C ALA D 164 22.17 16.74 17.32
N LEU D 165 20.94 16.35 17.00
CA LEU D 165 20.60 15.07 16.43
C LEU D 165 20.04 15.31 15.05
N LEU D 166 20.80 14.94 14.01
CA LEU D 166 20.25 15.06 12.67
C LEU D 166 19.68 13.71 12.34
N VAL D 167 18.40 13.70 11.97
CA VAL D 167 17.66 12.48 11.64
C VAL D 167 17.14 12.52 10.22
N ASN D 168 17.52 11.52 9.45
CA ASN D 168 17.07 11.26 8.09
C ASN D 168 16.24 9.98 8.14
N ALA D 169 14.98 10.07 7.72
CA ALA D 169 14.04 8.94 7.67
C ALA D 169 13.55 8.77 6.24
N MET D 170 13.69 7.57 5.70
CA MET D 170 13.25 7.35 4.33
C MET D 170 12.60 6.02 4.01
N PHE D 171 11.78 6.06 2.98
CA PHE D 171 11.13 4.88 2.41
C PHE D 171 11.46 4.86 0.95
N PHE D 172 12.11 3.78 0.49
CA PHE D 172 12.40 3.64 -0.93
C PHE D 172 11.88 2.32 -1.48
N LYS D 173 11.16 2.40 -2.57
CA LYS D 173 10.63 1.22 -3.23
C LYS D 173 10.93 1.28 -4.74
N PRO D 174 11.97 0.56 -5.22
CA PRO D 174 12.25 0.59 -6.67
C PRO D 174 11.09 -0.03 -7.46
N HIS D 175 10.65 0.69 -8.50
CA HIS D 175 9.58 0.29 -9.39
C HIS D 175 10.26 -0.14 -10.72
N TRP D 176 10.23 -1.45 -11.01
CA TRP D 176 10.88 -2.05 -12.16
C TRP D 176 10.34 -1.53 -13.46
N ASP D 177 11.22 -1.41 -14.48
CA ASP D 177 10.78 -1.02 -15.82
C ASP D 177 9.94 -2.17 -16.39
N GLU D 178 10.26 -3.41 -15.99
CA GLU D 178 9.53 -4.62 -16.36
C GLU D 178 9.20 -5.34 -15.07
N LYS D 179 7.92 -5.27 -14.71
CA LYS D 179 7.36 -5.83 -13.49
C LYS D 179 7.50 -7.35 -13.34
N PHE D 180 7.53 -7.82 -12.11
CA PHE D 180 7.49 -9.24 -11.80
C PHE D 180 5.98 -9.56 -11.75
N HIS D 181 5.60 -10.80 -12.13
CA HIS D 181 4.22 -11.27 -12.05
C HIS D 181 3.89 -11.41 -10.53
N HIS D 182 2.74 -10.86 -10.07
CA HIS D 182 2.35 -10.88 -8.65
C HIS D 182 2.26 -12.27 -8.01
N LYS D 183 2.12 -13.32 -8.83
CA LYS D 183 2.05 -14.72 -8.39
C LYS D 183 3.41 -15.43 -8.49
N MET D 184 4.43 -14.77 -9.06
CA MET D 184 5.78 -15.35 -9.14
C MET D 184 6.54 -15.09 -7.83
N VAL D 185 5.89 -15.47 -6.72
CA VAL D 185 6.34 -15.30 -5.34
C VAL D 185 6.16 -16.63 -4.57
N ASP D 186 7.21 -17.09 -3.89
CA ASP D 186 7.14 -18.33 -3.10
C ASP D 186 8.14 -18.32 -1.95
N ASN D 187 8.10 -19.38 -1.11
CA ASN D 187 8.98 -19.48 0.04
C ASN D 187 10.26 -20.21 -0.29
N ARG D 188 11.37 -19.59 0.04
CA ARG D 188 12.70 -20.12 -0.22
C ARG D 188 13.57 -19.91 1.00
N GLY D 189 14.68 -20.62 1.03
CA GLY D 189 15.66 -20.47 2.09
C GLY D 189 16.74 -19.50 1.66
N PHE D 190 17.04 -18.50 2.53
CA PHE D 190 18.13 -17.57 2.29
C PHE D 190 19.31 -18.01 3.15
N MET D 191 20.46 -18.28 2.50
CA MET D 191 21.67 -18.72 3.19
C MET D 191 22.45 -17.53 3.70
N VAL D 192 22.35 -17.27 5.01
CA VAL D 192 23.06 -16.18 5.68
C VAL D 192 24.55 -16.60 5.71
N THR D 193 24.79 -17.88 6.06
CA THR D 193 26.10 -18.54 6.06
C THR D 193 25.91 -19.94 5.44
N ARG D 194 26.99 -20.72 5.35
CA ARG D 194 26.98 -22.10 4.84
C ARG D 194 26.18 -23.03 5.78
N SER D 195 26.06 -22.63 7.07
CA SER D 195 25.39 -23.40 8.14
C SER D 195 24.09 -22.78 8.67
N TYR D 196 23.75 -21.53 8.28
CA TYR D 196 22.55 -20.83 8.76
C TYR D 196 21.66 -20.33 7.63
N THR D 197 20.46 -20.90 7.54
CA THR D 197 19.44 -20.60 6.52
C THR D 197 18.20 -20.03 7.18
N VAL D 198 17.72 -18.91 6.64
CA VAL D 198 16.49 -18.24 7.08
C VAL D 198 15.39 -18.37 6.03
N GLY D 199 14.16 -18.63 6.49
CA GLY D 199 12.98 -18.71 5.64
C GLY D 199 12.58 -17.33 5.12
N VAL D 200 12.62 -17.15 3.80
CA VAL D 200 12.27 -15.88 3.17
C VAL D 200 11.25 -16.07 2.05
N THR D 201 10.67 -14.97 1.60
CA THR D 201 9.77 -14.93 0.47
C THR D 201 10.63 -14.41 -0.70
N MET D 202 10.57 -15.09 -1.85
CA MET D 202 11.32 -14.67 -3.03
C MET D 202 10.41 -14.39 -4.22
N MET D 203 10.78 -13.38 -5.05
CA MET D 203 10.08 -13.03 -6.29
C MET D 203 10.97 -13.42 -7.46
N HIS D 204 10.38 -13.89 -8.54
CA HIS D 204 11.11 -14.44 -9.69
C HIS D 204 10.66 -13.87 -11.01
N ARG D 205 11.61 -13.60 -11.90
CA ARG D 205 11.32 -13.10 -13.25
C ARG D 205 12.43 -13.48 -14.21
N THR D 206 12.06 -13.81 -15.46
CA THR D 206 13.01 -14.06 -16.54
C THR D 206 12.80 -12.97 -17.60
N GLY D 207 13.90 -12.39 -18.04
CA GLY D 207 13.88 -11.36 -19.06
C GLY D 207 15.26 -11.04 -19.56
N LEU D 208 15.35 -10.07 -20.47
CA LEU D 208 16.60 -9.64 -21.09
C LEU D 208 17.21 -8.57 -20.21
N TYR D 209 18.34 -8.90 -19.60
CA TYR D 209 19.04 -8.01 -18.69
C TYR D 209 20.52 -7.91 -19.01
N ASN D 210 21.09 -6.72 -18.79
CA ASN D 210 22.51 -6.46 -18.91
C ASN D 210 23.15 -7.28 -17.80
N TYR D 211 24.04 -8.17 -18.18
CA TYR D 211 24.62 -9.14 -17.27
C TYR D 211 26.07 -9.42 -17.59
N TYR D 212 26.82 -9.78 -16.56
CA TYR D 212 28.21 -10.19 -16.64
C TYR D 212 28.54 -11.14 -15.49
N ASP D 213 29.14 -12.29 -15.84
CA ASP D 213 29.57 -13.33 -14.92
C ASP D 213 31.11 -13.35 -14.94
N ASP D 214 31.74 -12.82 -13.88
CA ASP D 214 33.19 -12.75 -13.72
C ASP D 214 33.68 -14.08 -13.14
N GLU D 215 34.10 -15.01 -14.02
CA GLU D 215 34.58 -16.34 -13.60
C GLU D 215 35.91 -16.30 -12.84
N LYS D 216 36.70 -15.24 -13.07
CA LYS D 216 37.98 -15.01 -12.40
C LYS D 216 37.78 -14.66 -10.93
N GLU D 217 36.94 -13.64 -10.64
CA GLU D 217 36.66 -13.14 -9.30
C GLU D 217 35.43 -13.80 -8.63
N LYS D 218 34.87 -14.85 -9.29
CA LYS D 218 33.73 -15.67 -8.85
C LYS D 218 32.51 -14.87 -8.38
N LEU D 219 32.03 -14.00 -9.28
CA LEU D 219 30.86 -13.15 -9.03
C LEU D 219 30.00 -12.92 -10.27
N GLN D 220 28.75 -12.51 -10.05
CA GLN D 220 27.82 -12.15 -11.10
C GLN D 220 27.36 -10.73 -10.83
N ILE D 221 27.12 -9.97 -11.91
CA ILE D 221 26.60 -8.60 -11.84
C ILE D 221 25.43 -8.46 -12.82
N VAL D 222 24.31 -7.96 -12.34
CA VAL D 222 23.12 -7.75 -13.17
C VAL D 222 22.60 -6.32 -13.00
N GLU D 223 22.07 -5.76 -14.10
CA GLU D 223 21.49 -4.42 -14.12
C GLU D 223 19.99 -4.54 -14.31
N MET D 224 19.20 -3.98 -13.38
CA MET D 224 17.75 -4.03 -13.47
C MET D 224 17.21 -2.61 -13.67
N PRO D 225 16.80 -2.25 -14.91
CA PRO D 225 16.29 -0.90 -15.15
C PRO D 225 15.03 -0.59 -14.36
N LEU D 226 14.97 0.60 -13.79
CA LEU D 226 13.81 1.07 -13.05
C LEU D 226 12.90 1.80 -14.05
N ALA D 227 11.69 2.19 -13.62
CA ALA D 227 10.70 2.80 -14.52
C ALA D 227 11.19 3.90 -15.46
N HIS D 228 10.86 3.72 -16.75
CA HIS D 228 11.18 4.60 -17.88
C HIS D 228 12.70 4.74 -18.13
N LYS D 229 13.48 3.74 -17.63
CA LYS D 229 14.93 3.62 -17.76
C LYS D 229 15.70 4.85 -17.25
N LEU D 230 15.08 5.60 -16.32
CA LEU D 230 15.66 6.82 -15.74
C LEU D 230 16.78 6.48 -14.76
N SER D 231 16.67 5.30 -14.13
CA SER D 231 17.63 4.77 -13.19
C SER D 231 17.70 3.25 -13.29
N SER D 232 18.69 2.64 -12.63
CA SER D 232 18.85 1.20 -12.61
C SER D 232 19.30 0.68 -11.26
N LEU D 233 18.85 -0.51 -10.91
CA LEU D 233 19.27 -1.16 -9.68
C LEU D 233 20.27 -2.24 -10.12
N ILE D 234 21.51 -2.14 -9.63
CA ILE D 234 22.59 -3.06 -9.99
C ILE D 234 22.90 -3.97 -8.80
N ILE D 235 23.00 -5.29 -9.04
CA ILE D 235 23.29 -6.23 -7.95
C ILE D 235 24.60 -6.97 -8.21
N LEU D 236 25.48 -7.00 -7.20
CA LEU D 236 26.76 -7.70 -7.21
C LEU D 236 26.65 -8.81 -6.19
N MET D 237 26.92 -10.03 -6.65
CA MET D 237 26.81 -11.17 -5.77
C MET D 237 27.87 -12.24 -6.08
N PRO D 238 28.53 -12.84 -5.05
CA PRO D 238 29.48 -13.93 -5.33
C PRO D 238 28.78 -15.17 -5.85
N HIS D 239 29.50 -16.09 -6.52
CA HIS D 239 28.90 -17.32 -7.04
C HIS D 239 28.18 -18.13 -5.95
N HIS D 240 28.85 -18.34 -4.80
CA HIS D 240 28.25 -19.07 -3.69
C HIS D 240 28.26 -18.26 -2.37
N VAL D 241 27.63 -18.83 -1.31
CA VAL D 241 27.59 -18.21 0.02
C VAL D 241 28.98 -18.01 0.58
N GLU D 242 29.28 -16.75 0.90
CA GLU D 242 30.54 -16.30 1.50
C GLU D 242 30.34 -14.89 2.05
N PRO D 243 31.09 -14.48 3.09
CA PRO D 243 30.94 -13.08 3.58
C PRO D 243 31.35 -12.09 2.50
N LEU D 244 30.74 -10.90 2.50
CA LEU D 244 30.94 -9.89 1.47
C LEU D 244 32.28 -9.19 1.43
N GLU D 245 33.11 -9.36 2.49
CA GLU D 245 34.45 -8.77 2.63
C GLU D 245 35.32 -8.85 1.37
N ARG D 246 35.35 -10.03 0.74
CA ARG D 246 36.14 -10.27 -0.48
C ARG D 246 35.67 -9.39 -1.65
N LEU D 247 34.35 -9.38 -1.92
CA LEU D 247 33.74 -8.60 -3.00
C LEU D 247 33.88 -7.11 -2.75
N GLU D 248 33.69 -6.68 -1.48
CA GLU D 248 33.82 -5.29 -1.04
C GLU D 248 35.18 -4.70 -1.43
N LYS D 249 36.29 -5.49 -1.31
CA LYS D 249 37.65 -5.07 -1.67
C LYS D 249 37.70 -4.68 -3.15
N LEU D 250 36.96 -5.43 -3.99
CA LEU D 250 36.87 -5.19 -5.43
C LEU D 250 35.95 -4.01 -5.75
N LEU D 251 35.01 -3.69 -4.84
CA LEU D 251 34.05 -2.60 -5.06
C LEU D 251 34.67 -1.20 -4.97
N THR D 252 34.92 -0.62 -6.15
CA THR D 252 35.43 0.75 -6.34
C THR D 252 34.66 1.35 -7.52
N LYS D 253 34.68 2.70 -7.65
CA LYS D 253 34.04 3.44 -8.74
C LYS D 253 34.57 2.96 -10.10
N GLU D 254 35.89 2.71 -10.15
CA GLU D 254 36.63 2.27 -11.32
C GLU D 254 36.26 0.85 -11.74
N GLN D 255 36.24 -0.10 -10.77
CA GLN D 255 35.91 -1.51 -11.03
C GLN D 255 34.46 -1.66 -11.47
N LEU D 256 33.60 -0.75 -11.02
CA LEU D 256 32.19 -0.74 -11.40
C LEU D 256 32.07 -0.41 -12.89
N LYS D 257 32.84 0.61 -13.37
CA LYS D 257 32.88 1.03 -14.78
C LYS D 257 33.31 -0.12 -15.68
N ILE D 258 34.36 -0.88 -15.27
CA ILE D 258 34.90 -2.05 -15.98
C ILE D 258 33.79 -3.10 -16.12
N TRP D 259 33.13 -3.46 -15.00
CA TRP D 259 32.03 -4.41 -14.95
C TRP D 259 30.88 -4.01 -15.86
N MET D 260 30.44 -2.73 -15.79
CA MET D 260 29.35 -2.15 -16.59
C MET D 260 29.61 -2.28 -18.09
N GLY D 261 30.84 -2.00 -18.50
CA GLY D 261 31.28 -2.10 -19.88
C GLY D 261 31.37 -3.52 -20.38
N LYS D 262 31.70 -4.47 -19.49
CA LYS D 262 31.80 -5.90 -19.81
C LYS D 262 30.42 -6.57 -19.88
N MET D 263 29.37 -5.91 -19.34
CA MET D 263 28.00 -6.41 -19.36
C MET D 263 27.40 -6.41 -20.76
N GLN D 264 26.53 -7.39 -21.03
CA GLN D 264 25.78 -7.55 -22.28
C GLN D 264 24.39 -8.08 -21.99
N LYS D 265 23.40 -7.70 -22.84
CA LYS D 265 22.00 -8.12 -22.66
C LYS D 265 21.86 -9.61 -22.90
N LYS D 266 21.42 -10.34 -21.86
CA LYS D 266 21.25 -11.79 -21.88
C LYS D 266 19.95 -12.22 -21.17
N ALA D 267 19.48 -13.44 -21.44
CA ALA D 267 18.31 -13.98 -20.76
C ALA D 267 18.75 -14.35 -19.34
N VAL D 268 18.20 -13.66 -18.35
CA VAL D 268 18.52 -13.87 -16.95
C VAL D 268 17.27 -14.15 -16.15
N ALA D 269 17.28 -15.25 -15.34
CA ALA D 269 16.19 -15.57 -14.41
C ALA D 269 16.59 -15.01 -13.05
N ILE D 270 16.06 -13.84 -12.73
CA ILE D 270 16.39 -13.15 -11.48
C ILE D 270 15.44 -13.58 -10.37
N SER D 271 16.01 -14.08 -9.26
CA SER D 271 15.26 -14.45 -8.07
C SER D 271 15.75 -13.57 -6.93
N LEU D 272 14.84 -12.82 -6.31
CA LEU D 272 15.20 -11.87 -5.24
C LEU D 272 14.34 -12.02 -4.01
N PRO D 273 14.90 -11.82 -2.79
CA PRO D 273 14.04 -11.79 -1.59
C PRO D 273 13.02 -10.65 -1.71
N LYS D 274 11.77 -10.91 -1.32
CA LYS D 274 10.67 -9.94 -1.41
C LYS D 274 10.33 -9.54 0.02
N GLY D 275 10.30 -8.23 0.25
CA GLY D 275 10.00 -7.70 1.56
C GLY D 275 10.65 -6.37 1.84
N VAL D 276 10.39 -5.86 3.03
CA VAL D 276 10.92 -4.57 3.50
C VAL D 276 12.17 -4.82 4.33
N VAL D 277 13.28 -4.15 3.97
CA VAL D 277 14.52 -4.20 4.73
C VAL D 277 14.63 -2.88 5.50
N GLU D 278 14.64 -2.94 6.85
CA GLU D 278 14.71 -1.77 7.75
C GLU D 278 16.10 -1.65 8.37
N VAL D 279 16.79 -0.53 8.13
CA VAL D 279 18.14 -0.30 8.66
C VAL D 279 18.29 1.13 9.21
N THR D 280 18.92 1.25 10.38
CA THR D 280 19.24 2.56 10.95
C THR D 280 20.73 2.61 11.21
N HIS D 281 21.39 3.60 10.62
CA HIS D 281 22.81 3.82 10.83
C HIS D 281 23.02 5.12 11.61
N ASP D 282 24.04 5.16 12.49
CA ASP D 282 24.47 6.40 13.15
C ASP D 282 25.79 6.70 12.42
N LEU D 283 25.78 7.72 11.54
CA LEU D 283 26.96 8.05 10.73
C LEU D 283 27.99 8.91 11.42
N GLN D 284 27.74 9.25 12.69
CA GLN D 284 28.60 10.10 13.51
C GLN D 284 30.08 9.75 13.41
N LYS D 285 30.46 8.57 13.92
CA LYS D 285 31.86 8.11 13.90
C LYS D 285 32.43 7.88 12.49
N HIS D 286 31.60 7.43 11.53
CA HIS D 286 32.02 7.17 10.14
C HIS D 286 32.39 8.47 9.41
N LEU D 287 31.58 9.53 9.58
CA LEU D 287 31.90 10.84 9.00
C LEU D 287 33.20 11.41 9.61
N ALA D 288 33.38 11.27 10.93
CA ALA D 288 34.60 11.76 11.61
C ALA D 288 35.84 11.03 11.16
N GLY D 289 35.70 9.75 10.81
CA GLY D 289 36.77 8.91 10.28
C GLY D 289 37.16 9.33 8.87
N LEU D 290 36.19 9.91 8.15
CA LEU D 290 36.34 10.44 6.79
C LEU D 290 36.83 11.89 6.80
N GLY D 291 36.93 12.49 7.99
CA GLY D 291 37.49 13.83 8.20
C GLY D 291 36.64 14.83 8.95
N LEU D 292 35.37 14.48 9.32
CA LEU D 292 34.48 15.40 10.02
C LEU D 292 34.67 15.35 11.53
N THR D 293 35.84 15.80 11.98
CA THR D 293 36.25 15.73 13.38
C THR D 293 35.73 16.84 14.29
N GLU D 294 35.77 18.10 13.82
CA GLU D 294 35.35 19.27 14.59
C GLU D 294 33.86 19.29 14.95
N ALA D 295 32.97 19.05 13.98
CA ALA D 295 31.50 19.08 14.16
C ALA D 295 30.96 18.15 15.26
N ILE D 296 31.61 16.99 15.42
CA ILE D 296 31.31 15.88 16.33
C ILE D 296 31.81 16.13 17.76
N ASP D 297 32.84 16.98 17.93
CA ASP D 297 33.48 17.27 19.20
C ASP D 297 32.83 18.45 19.92
N LYS D 298 32.26 18.19 21.11
CA LYS D 298 31.61 19.22 21.95
C LYS D 298 32.49 20.44 22.22
N ASN D 299 33.79 20.21 22.51
CA ASN D 299 34.76 21.26 22.84
C ASN D 299 35.34 22.00 21.63
N LYS D 300 35.16 21.45 20.41
CA LYS D 300 35.72 22.04 19.18
C LYS D 300 34.72 22.57 18.17
N ALA D 301 33.50 21.97 18.12
CA ALA D 301 32.43 22.34 17.18
C ALA D 301 32.01 23.80 17.23
N ASP D 302 31.88 24.39 16.05
CA ASP D 302 31.39 25.75 15.84
C ASP D 302 30.19 25.65 14.88
N LEU D 303 28.99 25.52 15.47
CA LEU D 303 27.73 25.49 14.71
C LEU D 303 26.93 26.76 15.05
N SER D 304 27.65 27.89 15.26
CA SER D 304 27.07 29.19 15.63
C SER D 304 26.07 29.76 14.61
N ARG D 305 26.11 29.30 13.34
CA ARG D 305 25.14 29.74 12.33
C ARG D 305 23.77 29.07 12.56
N MET D 306 23.74 27.93 13.29
CA MET D 306 22.53 27.18 13.64
C MET D 306 21.79 27.80 14.83
N SER D 307 22.46 27.87 16.02
CA SER D 307 21.89 28.38 17.28
C SER D 307 22.10 29.89 17.51
N GLY D 308 23.35 30.35 17.40
CA GLY D 308 23.70 31.75 17.61
C GLY D 308 25.06 31.91 18.28
N ASP D 311 24.23 27.12 21.93
CA ASP D 311 25.36 26.48 21.28
C ASP D 311 25.19 24.96 21.18
N LEU D 312 25.83 24.33 20.15
CA LEU D 312 25.69 22.90 19.87
C LEU D 312 26.86 22.23 19.11
N TYR D 313 26.88 20.89 19.16
CA TYR D 313 27.79 20.02 18.43
C TYR D 313 26.90 18.92 17.84
N LEU D 314 27.41 18.19 16.82
CA LEU D 314 26.70 17.12 16.16
C LEU D 314 26.90 15.81 16.95
N ALA D 315 25.86 15.40 17.70
CA ALA D 315 25.87 14.19 18.52
C ALA D 315 25.71 12.92 17.71
N SER D 316 24.78 12.94 16.74
CA SER D 316 24.48 11.78 15.91
C SER D 316 23.90 12.20 14.58
N VAL D 317 24.15 11.35 13.57
CA VAL D 317 23.62 11.49 12.23
C VAL D 317 22.82 10.20 11.99
N PHE D 318 21.52 10.20 12.32
CA PHE D 318 20.73 8.99 12.06
C PHE D 318 20.23 8.97 10.63
N HIS D 319 20.64 7.94 9.88
CA HIS D 319 20.27 7.68 8.50
C HIS D 319 19.47 6.38 8.56
N ALA D 320 18.14 6.51 8.55
CA ALA D 320 17.22 5.39 8.71
C ALA D 320 16.39 5.15 7.46
N THR D 321 16.36 3.88 6.98
CA THR D 321 15.69 3.52 5.73
C THR D 321 14.87 2.25 5.84
N ALA D 322 13.72 2.25 5.16
CA ALA D 322 12.86 1.10 4.92
C ALA D 322 12.95 0.96 3.38
N PHE D 323 13.67 -0.05 2.92
CA PHE D 323 13.84 -0.33 1.49
C PHE D 323 12.95 -1.51 1.16
N GLU D 324 12.00 -1.32 0.26
CA GLU D 324 11.08 -2.40 -0.12
C GLU D 324 11.35 -3.05 -1.46
N TRP D 325 11.56 -4.37 -1.43
CA TRP D 325 11.73 -5.20 -2.62
C TRP D 325 10.37 -5.80 -2.91
N ASP D 326 9.71 -5.30 -3.96
CA ASP D 326 8.37 -5.73 -4.36
C ASP D 326 8.33 -6.12 -5.84
N THR D 327 7.25 -6.77 -6.27
CA THR D 327 7.07 -7.24 -7.66
C THR D 327 6.67 -6.13 -8.62
N GLU D 328 6.00 -5.09 -8.08
CA GLU D 328 5.45 -3.98 -8.84
C GLU D 328 6.40 -3.23 -9.76
N GLY D 329 5.94 -2.98 -10.96
CA GLY D 329 6.68 -2.25 -11.98
C GLY D 329 5.80 -1.87 -13.15
N ASN D 330 6.39 -1.36 -14.24
CA ASN D 330 5.63 -0.98 -15.43
C ASN D 330 5.08 -2.23 -16.14
N PRO D 331 3.88 -2.16 -16.75
CA PRO D 331 3.36 -3.34 -17.48
C PRO D 331 4.11 -3.71 -18.77
N PHE D 332 4.00 -5.01 -19.16
CA PHE D 332 4.61 -5.63 -20.37
C PHE D 332 6.09 -5.32 -20.58
N ARG D 343 16.08 -17.54 -24.87
CA ARG D 343 17.17 -18.51 -24.77
C ARG D 343 17.37 -18.96 -23.32
N SER D 344 17.79 -20.25 -23.11
CA SER D 344 18.05 -20.93 -21.82
C SER D 344 18.66 -19.90 -20.86
N PRO D 345 17.90 -19.38 -19.86
CA PRO D 345 18.45 -18.27 -19.07
C PRO D 345 19.54 -18.61 -18.07
N LYS D 346 20.36 -17.60 -17.74
CA LYS D 346 21.38 -17.71 -16.71
C LYS D 346 20.65 -17.43 -15.41
N LEU D 347 20.99 -18.12 -14.34
CA LEU D 347 20.33 -17.86 -13.05
C LEU D 347 21.06 -16.79 -12.26
N PHE D 348 20.30 -15.85 -11.69
CA PHE D 348 20.77 -14.82 -10.75
C PHE D 348 19.90 -15.04 -9.53
N TYR D 349 20.24 -16.10 -8.78
CA TYR D 349 19.51 -16.60 -7.62
C TYR D 349 20.10 -15.98 -6.32
N ALA D 350 19.50 -14.85 -5.91
CA ALA D 350 19.96 -14.07 -4.75
C ALA D 350 19.50 -14.65 -3.40
N ASP D 351 19.95 -15.89 -3.07
CA ASP D 351 19.62 -16.58 -1.82
C ASP D 351 20.82 -16.56 -0.86
N HIS D 352 21.70 -15.59 -1.04
CA HIS D 352 22.89 -15.41 -0.21
C HIS D 352 23.30 -13.93 -0.22
N PRO D 353 24.14 -13.43 0.72
CA PRO D 353 24.44 -11.99 0.75
C PRO D 353 24.90 -11.35 -0.55
N PHE D 354 24.40 -10.14 -0.82
CA PHE D 354 24.70 -9.39 -2.04
C PHE D 354 24.79 -7.89 -1.77
N ILE D 355 25.43 -7.17 -2.70
CA ILE D 355 25.61 -5.74 -2.69
C ILE D 355 24.71 -5.21 -3.81
N PHE D 356 24.14 -4.03 -3.60
CA PHE D 356 23.28 -3.39 -4.59
C PHE D 356 23.47 -1.90 -4.56
N LEU D 357 23.23 -1.28 -5.71
CA LEU D 357 23.35 0.15 -5.94
C LEU D 357 22.17 0.55 -6.77
N VAL D 358 21.67 1.78 -6.57
CA VAL D 358 20.60 2.37 -7.39
C VAL D 358 21.25 3.58 -8.02
N ARG D 359 21.35 3.59 -9.34
CA ARG D 359 22.08 4.61 -10.08
C ARG D 359 21.22 5.32 -11.11
N ASP D 360 21.31 6.66 -11.16
CA ASP D 360 20.61 7.49 -12.14
C ASP D 360 21.28 7.22 -13.49
N THR D 361 20.49 6.93 -14.54
CA THR D 361 21.01 6.60 -15.86
C THR D 361 21.75 7.78 -16.53
N GLN D 362 21.13 8.98 -16.55
CA GLN D 362 21.69 10.18 -17.17
C GLN D 362 23.01 10.64 -16.50
N SER D 363 22.95 11.00 -15.22
CA SER D 363 24.10 11.53 -14.46
C SER D 363 25.10 10.49 -13.93
N GLY D 364 24.64 9.27 -13.67
CA GLY D 364 25.48 8.24 -13.09
C GLY D 364 25.55 8.37 -11.57
N SER D 365 24.78 9.34 -11.01
CA SER D 365 24.71 9.63 -9.58
C SER D 365 24.01 8.50 -8.81
N LEU D 366 24.60 8.13 -7.66
CA LEU D 366 24.08 7.06 -6.81
C LEU D 366 22.97 7.53 -5.91
N LEU D 367 21.79 6.92 -6.05
CA LEU D 367 20.63 7.19 -5.21
C LEU D 367 20.76 6.33 -3.98
N PHE D 368 21.32 5.11 -4.12
CA PHE D 368 21.50 4.16 -3.03
C PHE D 368 22.66 3.23 -3.23
N ILE D 369 23.24 2.80 -2.11
CA ILE D 369 24.28 1.79 -2.03
C ILE D 369 23.94 1.03 -0.77
N GLY D 370 24.04 -0.28 -0.83
CA GLY D 370 23.75 -1.11 0.33
C GLY D 370 24.09 -2.57 0.13
N ARG D 371 23.71 -3.38 1.11
CA ARG D 371 23.94 -4.83 1.09
C ARG D 371 22.92 -5.55 1.92
N LEU D 372 22.56 -6.72 1.48
CA LEU D 372 21.64 -7.53 2.21
C LEU D 372 22.42 -8.73 2.67
N VAL D 373 22.65 -8.82 3.99
CA VAL D 373 23.39 -9.92 4.60
C VAL D 373 22.46 -10.82 5.41
N ARG D 374 21.44 -10.23 6.05
CA ARG D 374 20.48 -10.99 6.85
C ARG D 374 19.06 -10.41 6.76
N PRO D 375 18.16 -11.03 5.95
CA PRO D 375 16.76 -10.55 5.93
C PRO D 375 15.96 -11.00 7.17
N LYS D 376 14.75 -10.45 7.35
CA LYS D 376 13.82 -10.69 8.47
C LYS D 376 13.62 -12.14 8.96
N GLY D 377 13.27 -13.07 8.06
CA GLY D 377 12.99 -14.49 8.33
C GLY D 377 13.65 -15.28 9.47
N ASP D 378 12.98 -16.37 9.91
CA ASP D 378 13.43 -17.29 10.97
C ASP D 378 14.18 -18.47 10.34
N LYS D 379 15.02 -19.19 11.13
CA LYS D 379 15.83 -20.34 10.70
C LYS D 379 15.05 -21.44 9.93
N MET D 380 15.62 -21.90 8.79
CA MET D 380 15.13 -22.93 7.86
C MET D 380 13.80 -22.60 7.15
N PRO E 2 4.60 15.64 20.97
CA PRO E 2 3.51 15.48 21.94
C PRO E 2 2.15 15.18 21.28
N PRO E 3 1.22 14.44 21.94
CA PRO E 3 -0.09 14.17 21.31
C PRO E 3 -0.86 15.42 20.95
N GLY E 4 -1.61 15.35 19.85
CA GLY E 4 -2.40 16.48 19.41
C GLY E 4 -3.64 16.71 20.25
N PRO E 5 -4.35 17.85 20.07
CA PRO E 5 -5.59 18.07 20.83
C PRO E 5 -6.71 17.14 20.39
N PRO E 6 -7.77 16.88 21.21
CA PRO E 6 -8.84 16.00 20.73
C PRO E 6 -9.49 16.57 19.48
N GLY E 7 -10.09 15.70 18.67
CA GLY E 7 -10.76 16.13 17.47
C GLY E 7 -12.04 16.90 17.74
N PRO E 8 -12.68 17.46 16.69
CA PRO E 8 -13.92 18.23 16.94
C PRO E 8 -15.11 17.31 17.23
N ARG E 9 -16.22 17.89 17.74
CA ARG E 9 -17.44 17.12 18.03
C ARG E 9 -17.93 16.45 16.75
N GLY E 10 -18.43 15.24 16.86
CA GLY E 10 -18.98 14.51 15.74
C GLY E 10 -20.23 15.14 15.15
N PRO E 11 -20.70 14.65 13.97
CA PRO E 11 -21.90 15.25 13.35
C PRO E 11 -23.18 14.92 14.10
N PRO E 12 -24.26 15.73 13.98
CA PRO E 12 -25.52 15.37 14.67
C PRO E 12 -26.13 14.13 14.07
N GLY E 13 -26.90 13.40 14.88
CA GLY E 13 -27.59 12.20 14.45
C GLY E 13 -28.68 12.47 13.44
N PRO E 14 -29.19 11.45 12.73
CA PRO E 14 -30.28 11.71 11.77
C PRO E 14 -31.63 12.07 12.47
N PRO E 15 -32.53 12.87 11.85
CA PRO E 15 -33.82 13.18 12.50
C PRO E 15 -34.72 11.96 12.69
N PRO F 2 1.97 12.50 17.82
CA PRO F 2 0.89 11.65 17.27
C PRO F 2 -0.48 12.35 17.25
N PRO F 3 -1.42 11.99 16.33
CA PRO F 3 -2.75 12.63 16.33
C PRO F 3 -3.49 12.47 17.65
N GLY F 4 -4.27 13.48 18.01
CA GLY F 4 -5.08 13.47 19.21
C GLY F 4 -6.19 12.42 19.21
N PRO F 5 -6.90 12.28 20.35
CA PRO F 5 -7.99 11.30 20.41
C PRO F 5 -9.21 11.76 19.59
N PRO F 6 -10.18 10.88 19.26
CA PRO F 6 -11.40 11.35 18.57
C PRO F 6 -12.14 12.39 19.41
N GLY F 7 -12.95 13.22 18.76
CA GLY F 7 -13.74 14.22 19.45
C GLY F 7 -14.92 13.63 20.18
N PRO F 8 -15.75 14.42 20.90
CA PRO F 8 -16.91 13.82 21.59
C PRO F 8 -18.02 13.44 20.58
N ARG F 9 -18.93 12.54 20.99
CA ARG F 9 -20.05 12.11 20.14
C ARG F 9 -20.90 13.32 19.78
N GLY F 10 -21.38 13.33 18.54
CA GLY F 10 -22.24 14.39 18.03
C GLY F 10 -23.55 14.50 18.79
N PRO F 11 -24.27 15.64 18.64
CA PRO F 11 -25.56 15.79 19.37
C PRO F 11 -26.65 14.84 18.84
N PRO F 12 -27.71 14.54 19.61
CA PRO F 12 -28.79 13.68 19.06
C PRO F 12 -29.53 14.40 17.94
N GLY F 13 -30.13 13.62 17.05
CA GLY F 13 -30.90 14.15 15.93
C GLY F 13 -32.19 14.82 16.38
N PRO F 14 -32.80 15.72 15.55
CA PRO F 14 -34.06 16.37 15.97
C PRO F 14 -35.25 15.39 16.03
N PRO F 15 -36.27 15.63 16.90
CA PRO F 15 -37.42 14.70 16.98
C PRO F 15 -38.22 14.55 15.70
N PRO G 2 -1.10 16.68 15.66
CA PRO G 2 -2.31 17.15 14.95
C PRO G 2 -3.62 16.82 15.71
N PRO G 3 -4.69 17.64 15.56
CA PRO G 3 -5.98 17.29 16.21
C PRO G 3 -6.50 15.90 15.83
N GLY G 4 -7.18 15.25 16.75
CA GLY G 4 -7.73 13.92 16.48
C GLY G 4 -8.87 13.93 15.48
N PRO G 5 -9.41 12.76 15.11
CA PRO G 5 -10.53 12.74 14.15
C PRO G 5 -11.81 13.30 14.76
N PRO G 6 -12.82 13.73 13.98
CA PRO G 6 -14.08 14.16 14.61
C PRO G 6 -14.71 12.98 15.34
N GLY G 7 -15.55 13.26 16.34
CA GLY G 7 -16.22 12.22 17.10
C GLY G 7 -17.22 11.44 16.27
N PRO G 8 -17.83 10.36 16.82
CA PRO G 8 -18.80 9.61 16.01
C PRO G 8 -20.11 10.39 15.84
N ARG G 9 -20.94 10.01 14.85
CA ARG G 9 -22.22 10.68 14.64
C ARG G 9 -23.08 10.50 15.88
N GLY G 10 -23.84 11.53 16.25
CA GLY G 10 -24.77 11.47 17.37
C GLY G 10 -25.89 10.46 17.15
N PRO G 11 -26.67 10.13 18.20
CA PRO G 11 -27.78 9.17 18.01
C PRO G 11 -28.95 9.76 17.19
N PRO G 12 -29.80 8.94 16.54
CA PRO G 12 -30.94 9.52 15.82
C PRO G 12 -31.98 10.12 16.77
N GLY G 13 -32.77 11.05 16.26
CA GLY G 13 -33.86 11.69 17.00
C GLY G 13 -34.99 10.74 17.34
N PRO G 14 -35.85 11.07 18.34
CA PRO G 14 -36.94 10.14 18.72
C PRO G 14 -38.02 9.97 17.65
N PRO H 2 -4.76 -23.35 -18.61
CA PRO H 2 -3.80 -24.25 -17.93
C PRO H 2 -2.49 -23.55 -17.49
N PRO H 3 -1.88 -23.98 -16.36
CA PRO H 3 -0.65 -23.31 -15.92
C PRO H 3 0.48 -23.44 -16.93
N GLY H 4 1.38 -22.45 -16.91
CA GLY H 4 2.56 -22.42 -17.76
C GLY H 4 3.53 -23.56 -17.48
N PRO H 5 4.60 -23.70 -18.27
CA PRO H 5 5.53 -24.82 -18.06
C PRO H 5 6.31 -24.70 -16.74
N PRO H 6 6.87 -25.81 -16.19
CA PRO H 6 7.69 -25.66 -14.98
C PRO H 6 8.88 -24.77 -15.27
N GLY H 7 9.40 -24.13 -14.24
CA GLY H 7 10.55 -23.24 -14.40
C GLY H 7 11.83 -24.01 -14.65
N PRO H 8 12.95 -23.30 -14.90
CA PRO H 8 14.22 -24.02 -15.12
C PRO H 8 14.75 -24.71 -13.86
N ARG H 9 15.70 -25.64 -14.01
CA ARG H 9 16.32 -26.33 -12.87
C ARG H 9 17.00 -25.29 -11.99
N GLY H 10 16.91 -25.51 -10.68
CA GLY H 10 17.51 -24.64 -9.69
C GLY H 10 19.03 -24.58 -9.78
N PRO H 11 19.66 -23.59 -9.07
CA PRO H 11 21.12 -23.47 -9.11
C PRO H 11 21.85 -24.62 -8.41
N PRO H 12 23.14 -24.90 -8.77
CA PRO H 12 23.85 -26.00 -8.08
C PRO H 12 24.15 -25.64 -6.64
N GLY H 13 24.27 -26.66 -5.81
CA GLY H 13 24.61 -26.50 -4.39
C GLY H 13 26.02 -25.96 -4.19
N PRO H 14 26.34 -25.42 -2.98
CA PRO H 14 27.70 -24.87 -2.77
C PRO H 14 28.78 -25.96 -2.70
N PRO H 15 30.05 -25.66 -3.10
CA PRO H 15 31.11 -26.69 -3.04
C PRO H 15 31.42 -27.18 -1.63
N PRO I 2 -2.05 -19.05 -15.58
CA PRO I 2 -1.25 -18.78 -14.36
C PRO I 2 0.20 -19.30 -14.49
N PRO I 3 1.20 -18.71 -13.77
CA PRO I 3 2.59 -19.20 -13.87
C PRO I 3 2.72 -20.68 -13.52
N GLY I 4 3.69 -21.33 -14.16
CA GLY I 4 3.94 -22.75 -13.92
C GLY I 4 4.51 -23.05 -12.55
N PRO I 5 4.63 -24.35 -12.20
CA PRO I 5 5.25 -24.69 -10.91
C PRO I 5 6.77 -24.44 -10.94
N PRO I 6 7.46 -24.35 -9.78
CA PRO I 6 8.93 -24.20 -9.81
C PRO I 6 9.58 -25.37 -10.54
N GLY I 7 10.76 -25.13 -11.09
CA GLY I 7 11.57 -26.14 -11.77
C GLY I 7 12.10 -27.19 -10.82
N PRO I 8 12.85 -28.20 -11.31
CA PRO I 8 13.41 -29.21 -10.39
C PRO I 8 14.58 -28.66 -9.57
N ARG I 9 14.89 -29.32 -8.43
CA ARG I 9 16.01 -28.90 -7.57
C ARG I 9 17.30 -28.93 -8.38
N GLY I 10 18.17 -27.95 -8.11
CA GLY I 10 19.49 -27.86 -8.74
C GLY I 10 20.38 -29.05 -8.43
N PRO I 11 21.49 -29.24 -9.18
CA PRO I 11 22.38 -30.38 -8.88
C PRO I 11 23.18 -30.16 -7.58
N PRO I 12 23.70 -31.21 -6.90
CA PRO I 12 24.53 -30.96 -5.71
C PRO I 12 25.86 -30.29 -6.08
N GLY I 13 26.46 -29.57 -5.16
CA GLY I 13 27.76 -28.93 -5.40
C GLY I 13 28.90 -29.95 -5.50
N PRO I 14 30.07 -29.57 -6.06
CA PRO I 14 31.18 -30.53 -6.13
C PRO I 14 31.79 -30.86 -4.74
N PRO I 15 32.40 -32.07 -4.52
CA PRO I 15 32.98 -32.35 -3.20
C PRO I 15 34.28 -31.56 -2.95
N PRO J 2 2.82 -18.32 -18.35
CA PRO J 2 4.27 -18.04 -18.27
C PRO J 2 5.04 -19.15 -17.53
N PRO J 3 6.34 -19.39 -17.85
CA PRO J 3 7.10 -20.42 -17.12
C PRO J 3 7.18 -20.16 -15.62
N GLY J 4 7.26 -21.25 -14.86
CA GLY J 4 7.36 -21.20 -13.40
C GLY J 4 8.69 -20.63 -12.91
N PRO J 5 8.84 -20.43 -11.59
CA PRO J 5 10.13 -19.89 -11.10
C PRO J 5 11.24 -20.96 -11.17
N PRO J 6 12.54 -20.59 -11.13
CA PRO J 6 13.57 -21.65 -11.10
C PRO J 6 13.39 -22.53 -9.88
N GLY J 7 13.89 -23.76 -9.93
CA GLY J 7 13.80 -24.67 -8.79
C GLY J 7 14.66 -24.22 -7.61
N PRO J 8 14.58 -24.90 -6.44
CA PRO J 8 15.43 -24.48 -5.31
C PRO J 8 16.90 -24.87 -5.53
N ARG J 9 17.83 -24.24 -4.79
CA ARG J 9 19.26 -24.54 -4.90
C ARG J 9 19.50 -26.01 -4.53
N GLY J 10 20.41 -26.66 -5.25
CA GLY J 10 20.77 -28.04 -4.98
C GLY J 10 21.49 -28.20 -3.65
N PRO J 11 21.65 -29.42 -3.10
CA PRO J 11 22.37 -29.55 -1.82
C PRO J 11 23.88 -29.34 -1.96
N PRO J 12 24.65 -28.98 -0.89
CA PRO J 12 26.10 -28.84 -1.06
C PRO J 12 26.77 -30.21 -1.32
N GLY J 13 27.91 -30.20 -2.00
CA GLY J 13 28.66 -31.43 -2.25
C GLY J 13 29.43 -31.84 -1.03
#